data_1PC3
#
_entry.id   1PC3
#
_cell.length_a   125.4
_cell.length_b   72.3
_cell.length_c   73.4
_cell.angle_alpha   90.0
_cell.angle_beta   90.0
_cell.angle_gamma   90.0
#
_symmetry.space_group_name_H-M   'P 21 21 2'
#
loop_
_entity.id
_entity.type
_entity.pdbx_description
1 polymer 'Phosphate-binding protein 1'
2 non-polymer 'PHOSPHATE ION'
3 water water
#
_entity_poly.entity_id   1
_entity_poly.type   'polypeptide(L)'
_entity_poly.pdbx_seq_one_letter_code
;GSKPPSGSPETGAGAGTVATTPASSPVTLAETGSTLLYPLFNLWGPAFHERYPNVTITAQGTGSGAGIAQAAAGTVNIGA
SDAYLSEGDMAAHKGLMNIALAISAQQVNYNLPGVSEHLKLNGKVLAAMYQGTIKTWDDPQIAALNPGVNLPGTAVVPLH
RSDGSGDTFLFTQYLSKQDPEGWGKSPGFGTTVDFPAVPGALGENGNGGMVTGCAETPGCVAYIGISFLDQASQRGLGEA
QLGNSSGNFLLPDAQSIQAAAAGFASKTPANQAISMIDGPAPDGYPIINYEYAIVNNRQKDAATAQTLQAFLHWAITDGN
KASFLDQVHFQPLPPAVVKLSDALIATISS
;
_entity_poly.pdbx_strand_id   A,B
#
# COMPACT_ATOMS: atom_id res chain seq x y z
N VAL A 18 -18.97 -23.57 55.71
CA VAL A 18 -17.67 -22.81 55.75
C VAL A 18 -17.10 -22.80 57.17
N ALA A 19 -15.83 -23.12 57.31
CA ALA A 19 -15.20 -23.16 58.61
C ALA A 19 -14.80 -21.75 59.04
N THR A 20 -15.34 -21.28 60.14
CA THR A 20 -15.02 -19.95 60.60
C THR A 20 -13.98 -19.95 61.73
N THR A 21 -13.47 -21.14 62.06
CA THR A 21 -12.47 -21.25 63.12
C THR A 21 -11.28 -22.06 62.63
N PRO A 22 -10.06 -21.56 62.83
CA PRO A 22 -8.79 -22.21 62.43
C PRO A 22 -8.51 -23.45 63.28
N ALA A 23 -7.72 -24.37 62.75
CA ALA A 23 -7.34 -25.55 63.51
C ALA A 23 -6.48 -25.00 64.65
N SER A 24 -6.33 -25.75 65.73
CA SER A 24 -5.54 -25.26 66.87
C SER A 24 -4.04 -25.55 66.73
N SER A 25 -3.68 -26.50 65.87
CA SER A 25 -2.29 -26.83 65.68
C SER A 25 -1.62 -25.76 64.82
N PRO A 26 -0.30 -25.56 64.96
CA PRO A 26 0.35 -24.54 64.14
C PRO A 26 0.21 -24.81 62.66
N VAL A 27 -0.21 -23.79 61.92
CA VAL A 27 -0.37 -23.88 60.49
C VAL A 27 0.21 -22.62 59.83
N THR A 28 0.86 -22.81 58.69
CA THR A 28 1.44 -21.71 57.94
C THR A 28 0.75 -21.60 56.57
N LEU A 29 0.22 -20.42 56.28
CA LEU A 29 -0.43 -20.18 55.00
C LEU A 29 0.54 -19.30 54.20
N ALA A 30 1.02 -19.83 53.09
CA ALA A 30 1.95 -19.08 52.25
C ALA A 30 1.20 -18.45 51.10
N GLU A 31 1.48 -17.16 50.87
CA GLU A 31 0.86 -16.40 49.79
C GLU A 31 1.92 -15.78 48.90
N THR A 32 1.58 -15.59 47.63
CA THR A 32 2.50 -14.95 46.68
C THR A 32 1.68 -14.44 45.51
N GLY A 33 2.15 -13.38 44.87
CA GLY A 33 1.44 -12.88 43.71
C GLY A 33 1.28 -11.38 43.59
N SER A 34 0.11 -10.98 43.10
CA SER A 34 -0.24 -9.58 42.87
C SER A 34 0.41 -8.53 43.76
N THR A 35 1.23 -7.66 43.18
CA THR A 35 1.81 -6.62 44.00
C THR A 35 0.70 -5.64 44.35
N LEU A 36 -0.37 -5.62 43.55
CA LEU A 36 -1.48 -4.73 43.84
C LEU A 36 -2.12 -5.10 45.17
N LEU A 37 -2.32 -6.41 45.41
CA LEU A 37 -2.94 -6.88 46.64
C LEU A 37 -1.96 -7.00 47.81
N TYR A 38 -0.67 -7.03 47.51
CA TYR A 38 0.38 -7.17 48.51
C TYR A 38 0.28 -6.28 49.76
N PRO A 39 0.15 -4.95 49.57
CA PRO A 39 0.04 -4.04 50.73
C PRO A 39 -1.08 -4.45 51.69
N LEU A 40 -2.20 -4.90 51.14
CA LEU A 40 -3.31 -5.30 51.98
C LEU A 40 -3.00 -6.60 52.73
N PHE A 41 -2.35 -7.53 52.05
CA PHE A 41 -2.01 -8.78 52.71
C PHE A 41 -1.04 -8.51 53.85
N ASN A 42 -0.34 -7.39 53.80
CA ASN A 42 0.58 -7.07 54.88
C ASN A 42 -0.17 -6.56 56.09
N LEU A 43 -1.46 -6.26 55.92
CA LEU A 43 -2.28 -5.79 57.03
C LEU A 43 -3.08 -6.97 57.54
N TRP A 44 -3.73 -7.67 56.62
CA TRP A 44 -4.52 -8.83 56.97
C TRP A 44 -3.69 -9.87 57.71
N GLY A 45 -2.52 -10.20 57.15
CA GLY A 45 -1.64 -11.19 57.74
C GLY A 45 -1.38 -11.04 59.22
N PRO A 46 -0.96 -9.85 59.66
CA PRO A 46 -0.68 -9.62 61.08
C PRO A 46 -1.94 -9.63 61.94
N ALA A 47 -3.03 -9.07 61.42
CA ALA A 47 -4.26 -9.01 62.17
C ALA A 47 -4.76 -10.41 62.49
N PHE A 48 -4.83 -11.25 61.49
CA PHE A 48 -5.32 -12.62 61.68
C PHE A 48 -4.42 -13.39 62.62
N HIS A 49 -3.12 -13.16 62.48
CA HIS A 49 -2.14 -13.83 63.33
C HIS A 49 -2.30 -13.39 64.77
N GLU A 50 -2.53 -12.11 64.97
CA GLU A 50 -2.72 -11.58 66.31
C GLU A 50 -3.87 -12.29 67.01
N ARG A 51 -4.92 -12.57 66.23
CA ARG A 51 -6.13 -13.23 66.74
C ARG A 51 -5.92 -14.72 66.98
N TYR A 52 -5.18 -15.35 66.08
CA TYR A 52 -4.91 -16.79 66.19
C TYR A 52 -3.42 -16.96 66.04
N PRO A 53 -2.66 -16.80 67.14
CA PRO A 53 -1.21 -16.93 67.19
C PRO A 53 -0.63 -18.20 66.59
N ASN A 54 -1.41 -19.26 66.52
CA ASN A 54 -0.90 -20.51 65.98
C ASN A 54 -0.84 -20.52 64.45
N VAL A 55 -1.41 -19.50 63.82
CA VAL A 55 -1.42 -19.43 62.37
C VAL A 55 -0.42 -18.43 61.82
N THR A 56 0.49 -18.90 60.97
CA THR A 56 1.48 -18.03 60.36
C THR A 56 1.15 -17.73 58.90
N ILE A 57 1.09 -16.46 58.56
CA ILE A 57 0.78 -16.01 57.19
C ILE A 57 2.02 -15.36 56.58
N THR A 58 2.46 -15.81 55.40
CA THR A 58 3.60 -15.16 54.76
C THR A 58 3.14 -14.70 53.38
N ALA A 59 3.68 -13.58 52.91
CA ALA A 59 3.27 -13.06 51.62
C ALA A 59 4.45 -12.43 50.89
N GLN A 60 4.34 -12.37 49.57
CA GLN A 60 5.37 -11.77 48.74
C GLN A 60 4.79 -11.14 47.49
N GLY A 61 5.34 -9.98 47.12
CA GLY A 61 4.88 -9.27 45.93
C GLY A 61 5.69 -9.73 44.74
N THR A 62 5.10 -10.58 43.90
CA THR A 62 5.77 -11.13 42.74
C THR A 62 4.98 -10.98 41.43
N GLY A 63 3.79 -10.38 41.49
CA GLY A 63 2.98 -10.21 40.28
C GLY A 63 1.96 -11.33 40.15
N SER A 64 0.81 -11.03 39.55
CA SER A 64 -0.27 -12.03 39.39
C SER A 64 0.19 -13.29 38.65
N GLY A 65 1.05 -13.12 37.65
CA GLY A 65 1.53 -14.27 36.89
C GLY A 65 2.08 -15.35 37.79
N ALA A 66 3.04 -14.98 38.64
CA ALA A 66 3.62 -15.93 39.57
C ALA A 66 2.51 -16.46 40.47
N GLY A 67 1.58 -15.57 40.86
CA GLY A 67 0.49 -15.98 41.72
C GLY A 67 -0.29 -17.16 41.15
N ILE A 68 -0.70 -17.05 39.89
CA ILE A 68 -1.43 -18.10 39.21
C ILE A 68 -0.58 -19.33 39.00
N ALA A 69 0.66 -19.11 38.58
CA ALA A 69 1.59 -20.22 38.33
C ALA A 69 1.89 -21.05 39.57
N GLN A 70 2.28 -20.38 40.64
CA GLN A 70 2.61 -21.10 41.86
C GLN A 70 1.44 -21.77 42.56
N ALA A 71 0.27 -21.14 42.54
CA ALA A 71 -0.88 -21.77 43.18
C ALA A 71 -1.21 -23.04 42.41
N ALA A 72 -1.09 -22.97 41.09
CA ALA A 72 -1.38 -24.12 40.23
C ALA A 72 -0.36 -25.23 40.43
N ALA A 73 0.88 -24.86 40.73
CA ALA A 73 1.93 -25.85 40.93
C ALA A 73 1.90 -26.39 42.35
N GLY A 74 1.02 -25.85 43.17
CA GLY A 74 0.94 -26.32 44.55
C GLY A 74 2.04 -25.74 45.43
N THR A 75 2.80 -24.79 44.91
CA THR A 75 3.87 -24.18 45.68
C THR A 75 3.43 -23.32 46.86
N VAL A 76 2.26 -22.68 46.75
CA VAL A 76 1.73 -21.87 47.86
C VAL A 76 0.26 -22.20 48.05
N ASN A 77 -0.31 -21.79 49.17
CA ASN A 77 -1.71 -22.04 49.45
C ASN A 77 -2.58 -20.97 48.80
N ILE A 78 -2.04 -19.76 48.74
CA ILE A 78 -2.76 -18.64 48.19
C ILE A 78 -2.01 -17.90 47.09
N GLY A 79 -2.55 -17.94 45.87
CA GLY A 79 -1.95 -17.19 44.79
C GLY A 79 -2.81 -15.93 44.75
N ALA A 80 -2.19 -14.75 44.73
CA ALA A 80 -2.95 -13.51 44.69
C ALA A 80 -2.95 -13.03 43.26
N SER A 81 -4.12 -12.70 42.72
CA SER A 81 -4.23 -12.27 41.33
C SER A 81 -5.33 -11.24 41.09
N ASP A 82 -5.05 -10.26 40.23
CA ASP A 82 -6.05 -9.24 39.91
C ASP A 82 -6.79 -9.71 38.66
N ALA A 83 -6.33 -10.80 38.08
CA ALA A 83 -6.95 -11.35 36.88
C ALA A 83 -7.60 -12.69 37.23
N TYR A 84 -8.78 -12.95 36.66
CA TYR A 84 -9.45 -14.22 36.91
C TYR A 84 -8.81 -15.28 36.03
N LEU A 85 -9.08 -16.54 36.33
CA LEU A 85 -8.54 -17.66 35.56
C LEU A 85 -9.24 -17.79 34.22
N SER A 86 -8.47 -17.96 33.16
CA SER A 86 -9.07 -18.11 31.83
C SER A 86 -9.74 -19.47 31.78
N GLU A 87 -10.61 -19.65 30.79
CA GLU A 87 -11.31 -20.92 30.64
C GLU A 87 -10.28 -22.01 30.40
N GLY A 88 -9.14 -21.62 29.85
CA GLY A 88 -8.08 -22.55 29.58
C GLY A 88 -7.38 -22.95 30.87
N ASP A 89 -7.14 -21.97 31.74
CA ASP A 89 -6.48 -22.24 33.01
C ASP A 89 -7.33 -23.20 33.84
N MET A 90 -8.63 -22.97 33.84
CA MET A 90 -9.54 -23.81 34.60
C MET A 90 -9.51 -25.24 34.08
N ALA A 91 -9.48 -25.38 32.75
CA ALA A 91 -9.45 -26.70 32.14
C ALA A 91 -8.15 -27.45 32.40
N ALA A 92 -7.04 -26.72 32.46
CA ALA A 92 -5.74 -27.34 32.69
C ALA A 92 -5.45 -27.72 34.14
N HIS A 93 -6.05 -27.00 35.09
CA HIS A 93 -5.83 -27.32 36.48
C HIS A 93 -7.16 -27.45 37.19
N LYS A 94 -7.72 -28.65 37.12
CA LYS A 94 -9.00 -28.89 37.78
C LYS A 94 -8.83 -28.73 39.29
N GLY A 95 -9.82 -28.12 39.91
CA GLY A 95 -9.76 -27.90 41.34
C GLY A 95 -9.29 -26.50 41.67
N LEU A 96 -8.72 -25.81 40.68
CA LEU A 96 -8.23 -24.45 40.88
C LEU A 96 -9.37 -23.45 40.62
N MET A 97 -9.56 -22.53 41.55
CA MET A 97 -10.62 -21.53 41.40
C MET A 97 -10.16 -20.14 41.88
N ASN A 98 -10.86 -19.10 41.46
CA ASN A 98 -10.51 -17.76 41.88
C ASN A 98 -11.61 -17.19 42.77
N ILE A 99 -11.27 -16.85 44.01
CA ILE A 99 -12.29 -16.33 44.90
C ILE A 99 -12.09 -14.83 45.13
N ALA A 100 -13.13 -14.05 44.85
CA ALA A 100 -13.07 -12.61 45.02
C ALA A 100 -12.90 -12.23 46.49
N LEU A 101 -12.06 -11.24 46.78
CA LEU A 101 -11.79 -10.83 48.15
C LEU A 101 -12.13 -9.37 48.45
N ALA A 102 -12.08 -8.53 47.42
CA ALA A 102 -12.37 -7.11 47.56
C ALA A 102 -12.38 -6.53 46.17
N ILE A 103 -12.72 -5.25 46.06
CA ILE A 103 -12.72 -4.59 44.76
C ILE A 103 -11.62 -3.54 44.75
N SER A 104 -10.83 -3.51 43.69
CA SER A 104 -9.75 -2.54 43.58
C SER A 104 -9.87 -1.85 42.22
N ALA A 105 -8.85 -1.07 41.86
CA ALA A 105 -8.85 -0.36 40.59
C ALA A 105 -7.44 -0.01 40.14
N GLN A 106 -7.34 0.58 38.96
CA GLN A 106 -6.07 0.97 38.37
C GLN A 106 -6.12 2.41 37.89
N GLN A 107 -5.03 3.15 38.03
CA GLN A 107 -5.01 4.51 37.54
C GLN A 107 -3.90 4.61 36.49
N VAL A 108 -3.89 5.69 35.73
CA VAL A 108 -2.85 5.92 34.73
C VAL A 108 -2.08 7.13 35.22
N ASN A 109 -0.81 6.94 35.54
CA ASN A 109 0.06 8.03 36.02
C ASN A 109 0.96 8.48 34.89
N TYR A 110 1.40 9.72 34.95
CA TYR A 110 2.30 10.23 33.92
C TYR A 110 3.23 11.27 34.52
N ASN A 111 4.37 11.47 33.88
CA ASN A 111 5.35 12.41 34.38
C ASN A 111 5.45 13.67 33.51
N LEU A 112 4.68 14.69 33.86
CA LEU A 112 4.71 15.95 33.12
C LEU A 112 4.81 17.08 34.13
N PRO A 113 6.03 17.39 34.58
CA PRO A 113 6.15 18.48 35.55
C PRO A 113 5.63 19.80 35.01
N GLY A 114 4.93 20.54 35.86
CA GLY A 114 4.40 21.82 35.41
C GLY A 114 2.94 21.74 34.96
N VAL A 115 2.46 20.54 34.65
CA VAL A 115 1.08 20.36 34.22
C VAL A 115 0.20 20.04 35.43
N SER A 116 -0.43 21.07 35.99
CA SER A 116 -1.28 20.94 37.16
C SER A 116 -2.54 20.09 36.99
N GLU A 117 -3.18 20.21 35.84
CA GLU A 117 -4.41 19.48 35.58
C GLU A 117 -4.33 17.95 35.54
N HIS A 118 -5.49 17.33 35.78
CA HIS A 118 -5.61 15.88 35.70
C HIS A 118 -6.00 15.70 34.25
N LEU A 119 -5.03 15.40 33.40
CA LEU A 119 -5.30 15.25 31.99
C LEU A 119 -6.37 14.20 31.72
N LYS A 120 -7.18 14.45 30.69
CA LYS A 120 -8.22 13.51 30.33
C LYS A 120 -7.71 12.61 29.21
N LEU A 121 -7.91 11.31 29.38
CA LEU A 121 -7.48 10.32 28.40
C LEU A 121 -8.53 9.21 28.32
N ASN A 122 -8.50 8.43 27.26
CA ASN A 122 -9.41 7.31 27.14
C ASN A 122 -8.65 6.13 26.53
N GLY A 123 -9.32 5.01 26.34
CA GLY A 123 -8.65 3.83 25.79
C GLY A 123 -8.16 3.98 24.38
N LYS A 124 -8.87 4.78 23.58
CA LYS A 124 -8.50 5.01 22.18
C LYS A 124 -7.17 5.77 22.12
N VAL A 125 -7.04 6.83 22.92
CA VAL A 125 -5.82 7.63 22.92
C VAL A 125 -4.65 6.88 23.54
N LEU A 126 -4.90 6.09 24.57
CA LEU A 126 -3.86 5.32 25.22
C LEU A 126 -3.35 4.19 24.31
N ALA A 127 -4.25 3.60 23.52
CA ALA A 127 -3.81 2.55 22.63
C ALA A 127 -2.86 3.15 21.60
N ALA A 128 -3.19 4.35 21.12
CA ALA A 128 -2.35 5.04 20.14
C ALA A 128 -0.96 5.30 20.71
N MET A 129 -0.90 5.68 21.98
CA MET A 129 0.38 5.94 22.65
C MET A 129 1.20 4.65 22.72
N TYR A 130 0.55 3.56 23.13
CA TYR A 130 1.26 2.29 23.22
C TYR A 130 1.55 1.65 21.87
N GLN A 131 0.94 2.18 20.81
CA GLN A 131 1.18 1.65 19.47
C GLN A 131 2.19 2.52 18.74
N GLY A 132 2.57 3.64 19.36
CA GLY A 132 3.55 4.50 18.75
C GLY A 132 3.00 5.53 17.77
N THR A 133 1.69 5.62 17.62
CA THR A 133 1.13 6.60 16.71
C THR A 133 1.04 7.98 17.36
N ILE A 134 0.98 8.04 18.69
CA ILE A 134 1.00 9.34 19.36
C ILE A 134 2.40 9.38 19.93
N LYS A 135 3.21 10.31 19.44
CA LYS A 135 4.61 10.40 19.89
C LYS A 135 4.95 11.52 20.85
N THR A 136 4.07 12.51 20.98
CA THR A 136 4.33 13.65 21.86
C THR A 136 3.09 14.01 22.69
N TRP A 137 3.30 14.64 23.84
CA TRP A 137 2.17 14.99 24.70
C TRP A 137 1.28 16.14 24.21
N ASP A 138 1.68 16.83 23.14
CA ASP A 138 0.84 17.90 22.61
C ASP A 138 0.19 17.44 21.32
N ASP A 139 0.14 16.13 21.12
CA ASP A 139 -0.49 15.56 19.93
C ASP A 139 -1.94 16.04 19.83
N PRO A 140 -2.43 16.29 18.61
CA PRO A 140 -3.81 16.75 18.42
C PRO A 140 -4.87 15.96 19.19
N GLN A 141 -4.76 14.63 19.19
CA GLN A 141 -5.73 13.80 19.90
C GLN A 141 -5.75 14.07 21.40
N ILE A 142 -4.65 14.56 21.96
CA ILE A 142 -4.62 14.85 23.39
C ILE A 142 -5.16 16.25 23.65
N ALA A 143 -4.76 17.18 22.79
CA ALA A 143 -5.20 18.55 22.95
C ALA A 143 -6.72 18.65 22.77
N ALA A 144 -7.28 17.80 21.90
CA ALA A 144 -8.73 17.83 21.68
C ALA A 144 -9.52 17.48 22.94
N LEU A 145 -8.97 16.63 23.77
CA LEU A 145 -9.61 16.22 25.02
C LEU A 145 -9.31 17.16 26.18
N ASN A 146 -8.31 18.03 26.03
CA ASN A 146 -7.92 18.92 27.11
C ASN A 146 -7.75 20.35 26.67
N PRO A 147 -8.85 20.97 26.23
CA PRO A 147 -8.84 22.35 25.77
C PRO A 147 -8.33 23.32 26.84
N GLY A 148 -7.52 24.28 26.43
CA GLY A 148 -7.01 25.25 27.39
C GLY A 148 -5.75 24.86 28.13
N VAL A 149 -5.41 23.58 28.14
CA VAL A 149 -4.21 23.15 28.83
C VAL A 149 -3.01 23.32 27.90
N ASN A 150 -1.92 23.85 28.45
CA ASN A 150 -0.70 24.04 27.67
C ASN A 150 0.09 22.74 27.74
N LEU A 151 -0.07 21.91 26.72
CA LEU A 151 0.62 20.62 26.65
C LEU A 151 2.01 20.77 26.05
N PRO A 152 3.03 20.23 26.72
CA PRO A 152 4.42 20.30 26.24
C PRO A 152 4.65 19.37 25.05
N GLY A 153 5.76 19.58 24.34
CA GLY A 153 6.06 18.74 23.20
C GLY A 153 6.87 17.51 23.61
N THR A 154 6.86 17.20 24.90
CA THR A 154 7.60 16.07 25.46
C THR A 154 7.20 14.78 24.77
N ALA A 155 8.19 13.92 24.53
CA ALA A 155 7.95 12.64 23.87
C ALA A 155 7.27 11.70 24.83
N VAL A 156 6.38 10.86 24.31
CA VAL A 156 5.69 9.91 25.16
C VAL A 156 6.56 8.68 25.32
N VAL A 157 6.61 8.13 26.54
CA VAL A 157 7.38 6.93 26.81
C VAL A 157 6.41 5.96 27.47
N PRO A 158 5.82 5.06 26.67
CA PRO A 158 4.85 4.09 27.17
C PRO A 158 5.48 2.93 27.88
N LEU A 159 5.43 2.98 29.21
CA LEU A 159 6.03 1.92 30.03
C LEU A 159 5.05 0.77 30.23
N HIS A 160 5.58 -0.43 30.41
CA HIS A 160 4.77 -1.62 30.64
C HIS A 160 5.51 -2.54 31.62
N ARG A 161 4.75 -3.40 32.29
CA ARG A 161 5.28 -4.35 33.27
C ARG A 161 6.08 -5.43 32.58
N SER A 162 7.24 -5.76 33.13
CA SER A 162 8.08 -6.79 32.57
C SER A 162 7.67 -8.18 33.06
N ASP A 163 7.08 -8.24 34.26
CA ASP A 163 6.64 -9.51 34.84
C ASP A 163 5.14 -9.79 34.56
N GLY A 164 4.76 -11.08 34.55
CA GLY A 164 3.37 -11.45 34.31
C GLY A 164 2.57 -10.67 35.33
N SER A 165 1.64 -9.84 34.87
CA SER A 165 0.92 -8.95 35.79
C SER A 165 -0.57 -8.76 35.63
N GLY A 166 -1.25 -8.68 36.77
CA GLY A 166 -2.70 -8.48 36.77
C GLY A 166 -2.99 -7.08 36.23
N ASP A 167 -2.14 -6.12 36.57
CA ASP A 167 -2.34 -4.75 36.10
C ASP A 167 -2.26 -4.74 34.57
N THR A 168 -1.38 -5.55 34.00
CA THR A 168 -1.29 -5.60 32.54
C THR A 168 -2.62 -6.10 31.98
N PHE A 169 -3.15 -7.15 32.60
CA PHE A 169 -4.42 -7.74 32.17
C PHE A 169 -5.50 -6.65 32.20
N LEU A 170 -5.61 -5.95 33.33
CA LEU A 170 -6.61 -4.89 33.46
C LEU A 170 -6.43 -3.76 32.45
N PHE A 171 -5.21 -3.28 32.31
CA PHE A 171 -4.95 -2.19 31.38
C PHE A 171 -5.30 -2.58 29.94
N THR A 172 -4.76 -3.71 29.49
CA THR A 172 -4.99 -4.18 28.13
C THR A 172 -6.44 -4.57 27.83
N GLN A 173 -7.25 -4.81 28.87
CA GLN A 173 -8.67 -5.11 28.62
C GLN A 173 -9.37 -3.79 28.34
N TYR A 174 -8.96 -2.75 29.05
CA TYR A 174 -9.54 -1.42 28.85
C TYR A 174 -9.27 -0.99 27.41
N LEU A 175 -8.01 -1.12 27.00
CA LEU A 175 -7.57 -0.78 25.66
C LEU A 175 -8.30 -1.65 24.62
N SER A 176 -8.49 -2.93 24.93
CA SER A 176 -9.18 -3.82 24.01
C SER A 176 -10.67 -3.50 23.88
N LYS A 177 -11.31 -3.14 24.99
CA LYS A 177 -12.73 -2.81 24.97
C LYS A 177 -13.02 -1.50 24.27
N GLN A 178 -12.15 -0.52 24.47
CA GLN A 178 -12.37 0.78 23.85
C GLN A 178 -11.86 0.87 22.42
N ASP A 179 -10.92 0.00 22.03
CA ASP A 179 -10.37 0.02 20.68
C ASP A 179 -10.50 -1.39 20.09
N PRO A 180 -11.73 -1.90 19.96
CA PRO A 180 -12.04 -3.23 19.43
C PRO A 180 -11.37 -3.56 18.09
N GLU A 181 -11.38 -2.61 17.16
CA GLU A 181 -10.79 -2.86 15.85
C GLU A 181 -9.29 -2.68 15.76
N GLY A 182 -8.69 -2.12 16.81
CA GLY A 182 -7.26 -1.92 16.81
C GLY A 182 -6.63 -2.83 17.84
N TRP A 183 -6.33 -2.26 19.01
CA TRP A 183 -5.72 -3.03 20.08
C TRP A 183 -6.50 -4.32 20.33
N GLY A 184 -7.81 -4.24 20.28
CA GLY A 184 -8.63 -5.42 20.50
C GLY A 184 -8.23 -6.61 19.67
N LYS A 185 -7.88 -6.38 18.41
CA LYS A 185 -7.47 -7.48 17.52
C LYS A 185 -6.04 -7.92 17.75
N SER A 186 -5.18 -6.98 18.09
CA SER A 186 -3.77 -7.27 18.37
C SER A 186 -3.14 -6.08 19.09
N PRO A 187 -2.42 -6.35 20.18
CA PRO A 187 -2.15 -7.66 20.76
C PRO A 187 -3.18 -8.20 21.77
N GLY A 188 -4.35 -7.59 21.85
CA GLY A 188 -5.34 -8.11 22.80
C GLY A 188 -4.93 -7.93 24.25
N PHE A 189 -5.42 -8.79 25.14
CA PHE A 189 -5.11 -8.66 26.56
C PHE A 189 -4.58 -9.92 27.19
N GLY A 190 -4.11 -9.81 28.42
CA GLY A 190 -3.58 -10.95 29.14
C GLY A 190 -2.65 -10.46 30.24
N THR A 191 -2.09 -11.38 31.02
CA THR A 191 -1.17 -11.00 32.10
C THR A 191 0.21 -10.73 31.51
N THR A 192 0.44 -11.32 30.35
CA THR A 192 1.67 -11.15 29.58
C THR A 192 1.16 -10.80 28.19
N VAL A 193 1.65 -9.70 27.63
CA VAL A 193 1.22 -9.26 26.31
C VAL A 193 2.43 -8.83 25.50
N ASP A 194 2.38 -9.05 24.19
CA ASP A 194 3.47 -8.63 23.32
C ASP A 194 3.29 -7.15 23.01
N PHE A 195 3.84 -6.28 23.85
CA PHE A 195 3.68 -4.85 23.61
C PHE A 195 4.35 -4.45 22.32
N PRO A 196 3.74 -3.52 21.57
CA PRO A 196 4.33 -3.06 20.30
C PRO A 196 5.73 -2.53 20.56
N ALA A 197 6.68 -2.93 19.72
CA ALA A 197 8.06 -2.49 19.87
C ALA A 197 8.23 -1.08 19.35
N VAL A 198 7.79 -0.08 20.11
CA VAL A 198 7.91 1.31 19.69
C VAL A 198 8.94 2.02 20.57
N PRO A 199 9.44 3.19 20.13
CA PRO A 199 10.42 3.86 20.98
C PRO A 199 9.88 4.12 22.39
N GLY A 200 10.60 3.65 23.40
CA GLY A 200 10.15 3.87 24.76
C GLY A 200 9.30 2.76 25.35
N ALA A 201 9.07 1.68 24.60
CA ALA A 201 8.28 0.56 25.11
C ALA A 201 9.22 -0.24 26.03
N LEU A 202 9.41 0.29 27.24
CA LEU A 202 10.31 -0.30 28.22
C LEU A 202 9.58 -1.07 29.32
N GLY A 203 10.21 -2.13 29.80
CA GLY A 203 9.57 -2.94 30.84
C GLY A 203 10.05 -2.66 32.25
N GLU A 204 9.11 -2.60 33.20
CA GLU A 204 9.46 -2.36 34.60
C GLU A 204 8.86 -3.51 35.42
N ASN A 205 9.57 -3.89 36.48
CA ASN A 205 9.13 -4.97 37.35
C ASN A 205 8.24 -4.47 38.50
N GLY A 206 7.07 -5.10 38.64
CA GLY A 206 6.14 -4.75 39.71
C GLY A 206 5.61 -3.33 39.70
N ASN A 207 4.60 -3.06 40.51
CA ASN A 207 4.04 -1.70 40.58
C ASN A 207 5.10 -0.71 41.05
N GLY A 208 5.94 -1.12 41.99
CA GLY A 208 6.96 -0.24 42.49
C GLY A 208 7.82 0.22 41.35
N GLY A 209 8.27 -0.72 40.54
CA GLY A 209 9.11 -0.42 39.40
C GLY A 209 8.44 0.53 38.42
N MET A 210 7.13 0.43 38.28
CA MET A 210 6.40 1.32 37.38
C MET A 210 6.42 2.75 37.94
N VAL A 211 6.20 2.90 39.25
CA VAL A 211 6.22 4.21 39.89
C VAL A 211 7.59 4.82 39.69
N THR A 212 8.62 4.08 40.12
CA THR A 212 10.02 4.50 39.99
C THR A 212 10.39 4.82 38.55
N GLY A 213 10.02 3.95 37.63
CA GLY A 213 10.34 4.18 36.23
C GLY A 213 9.72 5.45 35.69
N CYS A 214 8.44 5.63 36.00
CA CYS A 214 7.69 6.79 35.53
C CYS A 214 8.24 8.12 36.06
N ALA A 215 8.63 8.13 37.34
CA ALA A 215 9.15 9.32 37.99
C ALA A 215 10.54 9.69 37.49
N GLU A 216 11.22 8.69 36.95
CA GLU A 216 12.58 8.85 36.45
C GLU A 216 12.73 9.85 35.31
N THR A 217 11.85 9.75 34.32
CA THR A 217 11.95 10.63 33.19
C THR A 217 10.63 11.24 32.73
N PRO A 218 10.59 12.58 32.60
CA PRO A 218 9.40 13.32 32.16
C PRO A 218 8.93 12.78 30.83
N GLY A 219 7.61 12.61 30.70
CA GLY A 219 7.04 12.08 29.47
C GLY A 219 6.57 10.64 29.58
N CYS A 220 6.93 9.97 30.67
CA CYS A 220 6.53 8.58 30.88
C CYS A 220 5.04 8.42 31.19
N VAL A 221 4.48 7.29 30.80
CA VAL A 221 3.08 6.96 31.03
C VAL A 221 3.11 5.56 31.63
N ALA A 222 2.30 5.30 32.65
CA ALA A 222 2.28 3.98 33.26
C ALA A 222 0.96 3.62 33.91
N TYR A 223 0.56 2.36 33.78
CA TYR A 223 -0.65 1.88 34.42
C TYR A 223 -0.16 1.34 35.76
N ILE A 224 -0.76 1.83 36.83
CA ILE A 224 -0.34 1.48 38.19
C ILE A 224 -1.54 1.23 39.11
N GLY A 225 -1.44 0.17 39.91
CA GLY A 225 -2.51 -0.19 40.84
C GLY A 225 -2.83 0.89 41.88
N ILE A 226 -4.10 0.99 42.26
CA ILE A 226 -4.53 2.01 43.21
C ILE A 226 -3.86 2.00 44.60
N SER A 227 -3.37 0.84 45.04
CA SER A 227 -2.71 0.77 46.34
C SER A 227 -1.32 1.43 46.29
N PHE A 228 -0.95 1.90 45.11
CA PHE A 228 0.33 2.60 44.95
C PHE A 228 0.07 4.05 44.57
N LEU A 229 -1.21 4.43 44.66
CA LEU A 229 -1.61 5.79 44.32
C LEU A 229 -0.86 6.81 45.17
N ASP A 230 -0.84 6.59 46.48
CA ASP A 230 -0.17 7.51 47.38
C ASP A 230 1.29 7.68 47.02
N GLN A 231 1.99 6.58 46.76
CA GLN A 231 3.40 6.64 46.38
C GLN A 231 3.59 7.43 45.11
N ALA A 232 2.78 7.15 44.10
CA ALA A 232 2.86 7.84 42.82
C ALA A 232 2.75 9.35 43.00
N SER A 233 1.77 9.78 43.80
CA SER A 233 1.55 11.20 44.06
C SER A 233 2.75 11.81 44.74
N GLN A 234 3.25 11.14 45.78
CA GLN A 234 4.41 11.61 46.53
C GLN A 234 5.61 11.80 45.62
N ARG A 235 5.66 11.06 44.53
CA ARG A 235 6.77 11.19 43.59
C ARG A 235 6.49 12.32 42.63
N GLY A 236 5.32 12.95 42.76
CA GLY A 236 4.96 14.06 41.90
C GLY A 236 4.40 13.68 40.54
N LEU A 237 3.86 12.48 40.41
CA LEU A 237 3.29 12.03 39.15
C LEU A 237 1.85 12.55 38.98
N GLY A 238 1.46 12.83 37.75
CA GLY A 238 0.11 13.28 37.48
C GLY A 238 -0.80 12.07 37.48
N GLU A 239 -2.11 12.30 37.60
CA GLU A 239 -3.06 11.20 37.58
C GLU A 239 -4.17 11.55 36.59
N ALA A 240 -4.35 10.68 35.61
CA ALA A 240 -5.33 10.94 34.57
C ALA A 240 -6.78 10.65 34.94
N GLN A 241 -7.68 11.36 34.27
CA GLN A 241 -9.11 11.18 34.38
C GLN A 241 -9.33 10.29 33.17
N LEU A 242 -9.93 9.12 33.35
CA LEU A 242 -10.15 8.22 32.22
C LEU A 242 -11.58 8.23 31.75
N GLY A 243 -11.77 8.24 30.44
CA GLY A 243 -13.12 8.27 29.91
C GLY A 243 -13.81 6.92 29.96
N ASN A 244 -15.08 6.90 30.36
CA ASN A 244 -15.84 5.65 30.41
C ASN A 244 -16.73 5.62 29.15
N SER A 245 -17.52 4.57 28.98
CA SER A 245 -18.35 4.44 27.78
C SER A 245 -19.52 5.43 27.70
N SER A 246 -19.84 6.08 28.82
CA SER A 246 -20.93 7.06 28.82
C SER A 246 -20.41 8.46 28.48
N GLY A 247 -19.14 8.54 28.09
CA GLY A 247 -18.58 9.83 27.74
C GLY A 247 -18.06 10.65 28.92
N ASN A 248 -18.10 10.07 30.11
CA ASN A 248 -17.63 10.74 31.31
C ASN A 248 -16.16 10.44 31.57
N PHE A 249 -15.47 11.38 32.20
CA PHE A 249 -14.06 11.20 32.54
C PHE A 249 -13.98 11.22 34.04
N LEU A 250 -13.51 10.13 34.64
CA LEU A 250 -13.44 10.01 36.10
C LEU A 250 -12.07 9.65 36.68
N LEU A 251 -11.89 10.04 37.94
CA LEU A 251 -10.69 9.75 38.73
C LEU A 251 -11.06 8.51 39.53
N PRO A 252 -10.07 7.70 39.91
CA PRO A 252 -10.50 6.54 40.69
C PRO A 252 -10.61 6.90 42.17
N ASP A 253 -11.83 6.94 42.69
CA ASP A 253 -12.05 7.23 44.09
C ASP A 253 -13.27 6.43 44.50
N ALA A 254 -13.57 6.45 45.79
CA ALA A 254 -14.69 5.72 46.37
C ALA A 254 -15.96 5.87 45.55
N GLN A 255 -16.33 7.12 45.28
CA GLN A 255 -17.53 7.41 44.52
C GLN A 255 -17.60 6.73 43.16
N SER A 256 -16.59 6.94 42.33
CA SER A 256 -16.60 6.36 41.00
C SER A 256 -16.50 4.83 41.02
N ILE A 257 -15.81 4.27 42.00
CA ILE A 257 -15.70 2.82 42.06
C ILE A 257 -16.98 2.19 42.61
N GLN A 258 -17.60 2.84 43.58
CA GLN A 258 -18.86 2.31 44.12
C GLN A 258 -19.91 2.36 43.02
N ALA A 259 -19.81 3.38 42.17
CA ALA A 259 -20.75 3.54 41.07
C ALA A 259 -20.50 2.52 39.96
N ALA A 260 -19.23 2.20 39.69
CA ALA A 260 -18.91 1.23 38.64
C ALA A 260 -19.28 -0.19 39.06
N ALA A 261 -19.10 -0.49 40.34
CA ALA A 261 -19.41 -1.81 40.88
C ALA A 261 -20.92 -2.12 40.85
N ALA A 262 -21.75 -1.09 41.00
CA ALA A 262 -23.20 -1.29 40.97
C ALA A 262 -23.60 -1.95 39.67
N GLY A 263 -22.78 -1.76 38.64
CA GLY A 263 -23.09 -2.34 37.35
C GLY A 263 -22.95 -3.85 37.31
N PHE A 264 -22.17 -4.42 38.23
CA PHE A 264 -21.98 -5.86 38.21
C PHE A 264 -22.31 -6.60 39.50
N ALA A 265 -22.84 -5.89 40.50
CA ALA A 265 -23.19 -6.51 41.78
C ALA A 265 -24.17 -7.68 41.69
N SER A 266 -25.10 -7.61 40.75
CA SER A 266 -26.09 -8.68 40.56
C SER A 266 -25.77 -9.54 39.36
N LYS A 267 -24.66 -9.25 38.69
CA LYS A 267 -24.29 -9.99 37.48
C LYS A 267 -23.01 -10.82 37.62
N THR A 268 -22.58 -11.12 38.84
CA THR A 268 -21.37 -11.91 39.01
C THR A 268 -21.72 -13.41 38.93
N PRO A 269 -21.03 -14.17 38.06
CA PRO A 269 -21.22 -15.61 37.85
C PRO A 269 -20.82 -16.40 39.08
N ALA A 270 -21.27 -17.66 39.19
CA ALA A 270 -20.92 -18.49 40.33
C ALA A 270 -19.43 -18.75 40.45
N ASN A 271 -18.70 -18.75 39.33
CA ASN A 271 -17.27 -18.99 39.42
C ASN A 271 -16.48 -17.70 39.58
N GLN A 272 -17.22 -16.60 39.64
CA GLN A 272 -16.67 -15.24 39.83
C GLN A 272 -15.69 -14.70 38.80
N ALA A 273 -15.56 -15.37 37.67
CA ALA A 273 -14.65 -14.89 36.63
C ALA A 273 -15.46 -13.90 35.83
N ILE A 274 -15.23 -12.61 36.07
CA ILE A 274 -15.98 -11.60 35.38
C ILE A 274 -15.13 -10.34 35.23
N SER A 275 -15.21 -9.73 34.06
CA SER A 275 -14.50 -8.52 33.81
C SER A 275 -15.43 -7.37 34.10
N MET A 276 -15.00 -6.44 34.96
CA MET A 276 -15.82 -5.27 35.27
C MET A 276 -15.22 -4.03 34.64
N ILE A 277 -14.45 -4.25 33.58
CA ILE A 277 -13.79 -3.16 32.85
C ILE A 277 -14.78 -2.42 31.96
N ASP A 278 -14.63 -1.10 31.89
CA ASP A 278 -15.47 -0.23 31.08
C ASP A 278 -16.97 -0.54 31.12
N GLY A 279 -17.53 -0.54 32.32
CA GLY A 279 -18.94 -0.81 32.51
C GLY A 279 -19.88 0.28 32.04
N PRO A 280 -21.20 0.07 32.16
CA PRO A 280 -22.18 1.06 31.71
C PRO A 280 -22.56 2.15 32.70
N ALA A 281 -22.14 2.04 33.95
CA ALA A 281 -22.50 3.07 34.92
C ALA A 281 -21.98 4.43 34.44
N PRO A 282 -22.91 5.38 34.22
CA PRO A 282 -22.56 6.74 33.76
C PRO A 282 -21.45 7.39 34.57
N ASP A 283 -21.52 7.22 35.89
CA ASP A 283 -20.56 7.81 36.82
C ASP A 283 -19.49 6.85 37.31
N GLY A 284 -19.37 5.70 36.66
CA GLY A 284 -18.40 4.70 37.10
C GLY A 284 -17.03 4.73 36.46
N TYR A 285 -16.00 4.50 37.28
CA TYR A 285 -14.61 4.47 36.82
C TYR A 285 -14.47 3.25 35.89
N PRO A 286 -13.75 3.40 34.77
CA PRO A 286 -13.61 2.27 33.85
C PRO A 286 -12.72 1.09 34.22
N ILE A 287 -11.73 1.27 35.09
CA ILE A 287 -10.89 0.13 35.43
C ILE A 287 -11.01 -0.27 36.88
N ILE A 288 -11.92 -1.20 37.16
CA ILE A 288 -12.09 -1.72 38.51
C ILE A 288 -12.03 -3.22 38.33
N ASN A 289 -11.81 -3.95 39.41
CA ASN A 289 -11.70 -5.38 39.32
C ASN A 289 -11.79 -5.99 40.70
N TYR A 290 -12.10 -7.28 40.74
CA TYR A 290 -12.12 -8.03 41.98
C TYR A 290 -10.68 -8.47 42.20
N GLU A 291 -10.25 -8.53 43.45
CA GLU A 291 -8.91 -9.04 43.74
C GLU A 291 -9.22 -10.49 44.05
N TYR A 292 -8.42 -11.40 43.49
CA TYR A 292 -8.65 -12.82 43.64
C TYR A 292 -7.63 -13.62 44.45
N ALA A 293 -8.13 -14.60 45.18
CA ALA A 293 -7.27 -15.52 45.89
C ALA A 293 -7.39 -16.75 44.99
N ILE A 294 -6.27 -17.18 44.40
CA ILE A 294 -6.28 -18.36 43.54
C ILE A 294 -5.93 -19.51 44.45
N VAL A 295 -6.88 -20.41 44.68
CA VAL A 295 -6.65 -21.52 45.58
C VAL A 295 -7.15 -22.85 45.04
N ASN A 296 -6.47 -23.92 45.41
CA ASN A 296 -6.87 -25.24 44.95
C ASN A 296 -7.85 -25.86 45.92
N ASN A 297 -8.87 -26.46 45.34
CA ASN A 297 -9.96 -27.14 46.03
C ASN A 297 -9.52 -28.31 46.94
N ARG A 298 -8.25 -28.71 46.87
CA ARG A 298 -7.75 -29.78 47.73
C ARG A 298 -6.45 -29.38 48.40
N GLN A 299 -6.44 -29.43 49.73
CA GLN A 299 -5.25 -29.06 50.50
C GLN A 299 -4.50 -30.23 51.13
N LYS A 300 -3.31 -29.91 51.64
CA LYS A 300 -2.41 -30.87 52.28
C LYS A 300 -3.05 -31.82 53.31
N ASP A 301 -3.83 -31.26 54.22
CA ASP A 301 -4.47 -32.04 55.27
C ASP A 301 -5.68 -31.29 55.81
N ALA A 302 -6.37 -31.89 56.77
CA ALA A 302 -7.56 -31.28 57.35
C ALA A 302 -7.29 -29.97 58.08
N ALA A 303 -6.20 -29.93 58.82
CA ALA A 303 -5.86 -28.74 59.58
C ALA A 303 -5.62 -27.54 58.68
N THR A 304 -4.90 -27.77 57.60
CA THR A 304 -4.58 -26.71 56.65
C THR A 304 -5.81 -26.25 55.87
N ALA A 305 -6.64 -27.20 55.46
CA ALA A 305 -7.84 -26.84 54.72
C ALA A 305 -8.74 -25.97 55.62
N GLN A 306 -8.88 -26.37 56.89
CA GLN A 306 -9.75 -25.63 57.80
C GLN A 306 -9.26 -24.23 58.09
N THR A 307 -7.95 -24.08 58.21
CA THR A 307 -7.35 -22.79 58.50
C THR A 307 -7.43 -21.87 57.29
N LEU A 308 -7.25 -22.43 56.09
CA LEU A 308 -7.33 -21.60 54.89
C LEU A 308 -8.77 -21.11 54.75
N GLN A 309 -9.74 -21.99 55.03
CA GLN A 309 -11.14 -21.59 54.96
C GLN A 309 -11.38 -20.47 55.98
N ALA A 310 -10.97 -20.70 57.21
CA ALA A 310 -11.14 -19.72 58.28
C ALA A 310 -10.58 -18.37 57.86
N PHE A 311 -9.37 -18.36 57.33
CA PHE A 311 -8.72 -17.11 56.92
C PHE A 311 -9.45 -16.40 55.80
N LEU A 312 -9.78 -17.12 54.73
CA LEU A 312 -10.48 -16.53 53.60
C LEU A 312 -11.86 -15.94 53.98
N HIS A 313 -12.62 -16.64 54.80
CA HIS A 313 -13.92 -16.14 55.24
C HIS A 313 -13.72 -14.91 56.12
N TRP A 314 -12.68 -14.93 56.94
CA TRP A 314 -12.35 -13.80 57.80
C TRP A 314 -12.05 -12.58 56.91
N ALA A 315 -11.20 -12.81 55.92
CA ALA A 315 -10.79 -11.77 54.99
C ALA A 315 -11.95 -11.09 54.28
N ILE A 316 -12.98 -11.84 53.92
CA ILE A 316 -14.12 -11.26 53.21
C ILE A 316 -15.21 -10.71 54.15
N THR A 317 -15.00 -10.80 55.45
CA THR A 317 -15.98 -10.25 56.37
C THR A 317 -15.21 -9.23 57.21
N ASP A 318 -14.54 -9.67 58.26
CA ASP A 318 -13.77 -8.74 59.08
C ASP A 318 -12.72 -8.02 58.22
N GLY A 319 -12.04 -8.77 57.36
CA GLY A 319 -11.03 -8.16 56.50
C GLY A 319 -11.53 -7.12 55.52
N ASN A 320 -12.85 -7.09 55.27
CA ASN A 320 -13.45 -6.12 54.34
C ASN A 320 -13.91 -4.83 55.03
N LYS A 321 -13.61 -4.66 56.32
CA LYS A 321 -13.99 -3.43 57.00
C LYS A 321 -13.11 -2.29 56.53
N ALA A 322 -13.67 -1.08 56.55
CA ALA A 322 -12.98 0.11 56.11
C ALA A 322 -11.61 0.33 56.76
N SER A 323 -11.46 -0.04 58.01
CA SER A 323 -10.17 0.12 58.69
C SER A 323 -9.06 -0.52 57.87
N PHE A 324 -9.39 -1.59 57.16
CA PHE A 324 -8.41 -2.27 56.32
C PHE A 324 -8.40 -1.73 54.90
N LEU A 325 -9.55 -1.83 54.23
CA LEU A 325 -9.63 -1.40 52.84
C LEU A 325 -9.33 0.06 52.55
N ASP A 326 -9.76 0.95 53.43
CA ASP A 326 -9.50 2.35 53.16
C ASP A 326 -8.01 2.70 53.05
N GLN A 327 -7.16 1.86 53.65
CA GLN A 327 -5.73 2.12 53.61
C GLN A 327 -5.11 1.92 52.22
N VAL A 328 -5.67 1.02 51.42
CA VAL A 328 -5.16 0.77 50.07
C VAL A 328 -6.12 1.24 49.00
N HIS A 329 -7.16 1.96 49.42
CA HIS A 329 -8.16 2.51 48.51
C HIS A 329 -9.06 1.49 47.81
N PHE A 330 -9.40 0.40 48.49
CA PHE A 330 -10.27 -0.63 47.94
C PHE A 330 -11.68 -0.46 48.51
N GLN A 331 -12.63 -1.18 47.93
CA GLN A 331 -14.02 -1.15 48.36
C GLN A 331 -14.40 -2.56 48.74
N PRO A 332 -15.39 -2.73 49.63
CA PRO A 332 -15.78 -4.09 50.03
C PRO A 332 -16.66 -4.76 49.00
N LEU A 333 -16.73 -6.08 49.07
CA LEU A 333 -17.57 -6.86 48.17
C LEU A 333 -19.02 -6.69 48.60
N PRO A 334 -19.95 -6.49 47.65
CA PRO A 334 -21.35 -6.35 48.06
C PRO A 334 -21.79 -7.72 48.59
N PRO A 335 -22.79 -7.75 49.47
CA PRO A 335 -23.24 -9.04 50.02
C PRO A 335 -23.51 -10.22 49.09
N ALA A 336 -24.13 -10.02 47.94
CA ALA A 336 -24.38 -11.16 47.08
C ALA A 336 -23.08 -11.81 46.66
N VAL A 337 -22.03 -11.00 46.50
CA VAL A 337 -20.74 -11.53 46.08
C VAL A 337 -20.03 -12.22 47.25
N VAL A 338 -20.20 -11.67 48.44
CA VAL A 338 -19.61 -12.27 49.63
C VAL A 338 -20.16 -13.69 49.76
N LYS A 339 -21.45 -13.84 49.47
CA LYS A 339 -22.08 -15.14 49.54
C LYS A 339 -21.44 -16.11 48.55
N LEU A 340 -21.21 -15.65 47.32
CA LEU A 340 -20.60 -16.50 46.29
C LEU A 340 -19.19 -16.93 46.68
N SER A 341 -18.41 -16.02 47.26
CA SER A 341 -17.06 -16.34 47.71
C SER A 341 -17.13 -17.44 48.77
N ASP A 342 -18.02 -17.26 49.73
CA ASP A 342 -18.18 -18.23 50.81
C ASP A 342 -18.50 -19.60 50.24
N ALA A 343 -19.38 -19.65 49.25
CA ALA A 343 -19.76 -20.91 48.64
C ALA A 343 -18.52 -21.62 48.06
N LEU A 344 -17.57 -20.85 47.54
CA LEU A 344 -16.37 -21.46 46.97
C LEU A 344 -15.39 -21.85 48.09
N ILE A 345 -15.27 -20.98 49.09
CA ILE A 345 -14.39 -21.24 50.24
C ILE A 345 -14.73 -22.58 50.85
N ALA A 346 -16.03 -22.85 50.94
CA ALA A 346 -16.57 -24.05 51.54
C ALA A 346 -16.23 -25.36 50.84
N THR A 347 -15.72 -25.29 49.61
CA THR A 347 -15.40 -26.54 48.91
C THR A 347 -13.94 -26.91 49.16
N ILE A 348 -13.24 -26.07 49.92
CA ILE A 348 -11.84 -26.33 50.21
C ILE A 348 -11.74 -27.50 51.18
N SER A 349 -11.19 -28.62 50.71
CA SER A 349 -11.06 -29.84 51.52
C SER A 349 -9.66 -30.47 51.43
N SER A 350 -9.55 -31.71 51.89
CA SER A 350 -8.29 -32.45 51.88
C SER A 350 -8.55 -33.94 51.74
N VAL B 18 -8.64 -18.59 -18.57
CA VAL B 18 -7.38 -17.93 -18.88
C VAL B 18 -6.51 -17.76 -17.64
N ALA B 19 -5.29 -18.30 -17.71
CA ALA B 19 -4.35 -18.21 -16.59
C ALA B 19 -4.15 -16.76 -16.18
N THR B 20 -3.85 -16.54 -14.90
CA THR B 20 -3.64 -15.18 -14.40
C THR B 20 -2.66 -15.14 -13.23
N THR B 21 -2.09 -16.29 -12.89
CA THR B 21 -1.15 -16.35 -11.78
C THR B 21 0.13 -17.12 -12.12
N PRO B 22 1.29 -16.46 -11.98
CA PRO B 22 2.62 -17.03 -12.25
C PRO B 22 2.93 -18.22 -11.35
N ALA B 23 3.63 -19.20 -11.90
CA ALA B 23 4.01 -20.39 -11.14
C ALA B 23 4.90 -19.96 -9.96
N SER B 24 4.99 -20.80 -8.93
CA SER B 24 5.80 -20.48 -7.76
C SER B 24 7.28 -20.65 -8.06
N SER B 25 7.61 -21.67 -8.84
CA SER B 25 9.00 -21.95 -9.20
C SER B 25 9.58 -20.89 -10.12
N PRO B 26 10.92 -20.71 -10.08
CA PRO B 26 11.61 -19.72 -10.91
C PRO B 26 11.48 -19.97 -12.41
N VAL B 27 11.13 -18.92 -13.15
CA VAL B 27 10.98 -19.02 -14.59
C VAL B 27 11.45 -17.75 -15.29
N THR B 28 12.37 -17.92 -16.24
CA THR B 28 12.92 -16.79 -16.98
C THR B 28 12.26 -16.70 -18.35
N LEU B 29 11.68 -15.53 -18.64
CA LEU B 29 11.04 -15.31 -19.93
C LEU B 29 12.01 -14.45 -20.74
N ALA B 30 12.24 -14.84 -21.97
CA ALA B 30 13.15 -14.11 -22.85
C ALA B 30 12.43 -13.37 -23.95
N GLU B 31 12.75 -12.09 -24.09
CA GLU B 31 12.14 -11.26 -25.13
C GLU B 31 13.24 -10.60 -25.92
N THR B 32 12.94 -10.30 -27.18
CA THR B 32 13.89 -9.63 -28.05
C THR B 32 13.16 -9.24 -29.33
N GLY B 33 13.58 -8.13 -29.92
CA GLY B 33 12.94 -7.68 -31.14
C GLY B 33 12.70 -6.19 -31.17
N SER B 34 11.59 -5.81 -31.78
CA SER B 34 11.20 -4.41 -31.92
C SER B 34 11.88 -3.43 -30.97
N THR B 35 12.67 -2.52 -31.54
CA THR B 35 13.35 -1.52 -30.74
C THR B 35 12.28 -0.48 -30.39
N LEU B 36 11.12 -0.63 -31.01
CA LEU B 36 10.00 0.26 -30.79
C LEU B 36 9.26 -0.11 -29.51
N LEU B 37 9.19 -1.40 -29.23
CA LEU B 37 8.52 -1.89 -28.03
C LEU B 37 9.51 -2.08 -26.89
N TYR B 38 10.81 -2.06 -27.20
CA TYR B 38 11.85 -2.26 -26.19
C TYR B 38 11.72 -1.32 -24.99
N PRO B 39 11.59 0.01 -25.22
CA PRO B 39 11.46 0.95 -24.11
C PRO B 39 10.31 0.59 -23.16
N LEU B 40 9.19 0.18 -23.73
CA LEU B 40 8.04 -0.20 -22.93
C LEU B 40 8.25 -1.52 -22.21
N PHE B 41 8.97 -2.43 -22.85
CA PHE B 41 9.23 -3.73 -22.24
C PHE B 41 10.25 -3.58 -21.12
N ASN B 42 10.94 -2.45 -21.12
CA ASN B 42 11.94 -2.16 -20.10
C ASN B 42 11.24 -1.69 -18.84
N LEU B 43 10.01 -1.18 -19.00
CA LEU B 43 9.23 -0.71 -17.86
C LEU B 43 8.38 -1.85 -17.28
N TRP B 44 7.82 -2.68 -18.16
CA TRP B 44 7.00 -3.80 -17.73
C TRP B 44 7.84 -4.78 -16.92
N GLY B 45 8.87 -5.30 -17.57
CA GLY B 45 9.77 -6.26 -16.97
C GLY B 45 9.94 -6.14 -15.46
N PRO B 46 10.52 -5.03 -14.99
CA PRO B 46 10.75 -4.77 -13.56
C PRO B 46 9.47 -4.69 -12.73
N ALA B 47 8.45 -4.03 -13.29
CA ALA B 47 7.19 -3.91 -12.59
C ALA B 47 6.69 -5.30 -12.24
N PHE B 48 6.57 -6.14 -13.26
CA PHE B 48 6.08 -7.50 -13.08
C PHE B 48 7.03 -8.32 -12.21
N HIS B 49 8.33 -8.07 -12.32
CA HIS B 49 9.31 -8.81 -11.53
C HIS B 49 9.11 -8.58 -10.04
N GLU B 50 8.74 -7.36 -9.66
CA GLU B 50 8.50 -7.02 -8.27
C GLU B 50 7.30 -7.79 -7.75
N ARG B 51 6.19 -7.69 -8.49
CA ARG B 51 4.94 -8.36 -8.16
C ARG B 51 5.21 -9.84 -7.87
N TYR B 52 6.08 -10.44 -8.67
CA TYR B 52 6.44 -11.84 -8.54
C TYR B 52 7.96 -11.99 -8.66
N PRO B 53 8.68 -11.79 -7.55
CA PRO B 53 10.15 -11.88 -7.53
C PRO B 53 10.71 -13.20 -8.09
N ASN B 54 9.87 -14.20 -8.20
CA ASN B 54 10.32 -15.49 -8.71
C ASN B 54 10.44 -15.53 -10.24
N VAL B 55 10.02 -14.45 -10.91
CA VAL B 55 10.10 -14.41 -12.37
C VAL B 55 11.08 -13.37 -12.87
N THR B 56 11.90 -13.75 -13.85
CA THR B 56 12.88 -12.84 -14.43
C THR B 56 12.55 -12.58 -15.89
N ILE B 57 12.49 -11.32 -16.29
CA ILE B 57 12.17 -10.95 -17.67
C ILE B 57 13.32 -10.21 -18.35
N THR B 58 13.95 -10.86 -19.33
CA THR B 58 15.04 -10.23 -20.07
C THR B 58 14.52 -9.82 -21.46
N ALA B 59 14.97 -8.66 -21.93
CA ALA B 59 14.55 -8.16 -23.22
C ALA B 59 15.72 -7.52 -23.94
N GLN B 60 15.61 -7.41 -25.25
CA GLN B 60 16.67 -6.81 -26.06
C GLN B 60 16.05 -6.12 -27.26
N GLY B 61 16.65 -5.01 -27.67
CA GLY B 61 16.17 -4.27 -28.82
C GLY B 61 16.99 -4.64 -30.03
N THR B 62 16.46 -5.53 -30.86
CA THR B 62 17.19 -6.00 -32.04
C THR B 62 16.35 -5.93 -33.32
N GLY B 63 15.34 -5.07 -33.32
CA GLY B 63 14.48 -4.94 -34.48
C GLY B 63 13.44 -6.05 -34.49
N SER B 64 12.31 -5.80 -35.13
CA SER B 64 11.24 -6.79 -35.19
C SER B 64 11.64 -8.01 -36.03
N GLY B 65 12.52 -7.81 -37.00
CA GLY B 65 12.97 -8.90 -37.84
C GLY B 65 13.48 -10.06 -37.01
N ALA B 66 14.40 -9.77 -36.09
CA ALA B 66 14.97 -10.80 -35.23
C ALA B 66 13.91 -11.37 -34.28
N GLY B 67 12.96 -10.52 -33.87
CA GLY B 67 11.92 -10.97 -32.97
C GLY B 67 11.12 -12.12 -33.56
N ILE B 68 10.73 -11.98 -34.82
CA ILE B 68 9.96 -13.00 -35.53
C ILE B 68 10.80 -14.24 -35.79
N ALA B 69 12.02 -14.02 -36.27
CA ALA B 69 12.92 -15.12 -36.56
C ALA B 69 13.29 -15.90 -35.29
N GLN B 70 13.74 -15.18 -34.26
CA GLN B 70 14.13 -15.84 -33.02
C GLN B 70 12.96 -16.52 -32.35
N ALA B 71 11.74 -16.05 -32.63
CA ALA B 71 10.54 -16.65 -32.04
C ALA B 71 10.12 -17.85 -32.89
N ALA B 72 10.14 -17.67 -34.21
CA ALA B 72 9.78 -18.72 -35.14
C ALA B 72 10.59 -19.97 -34.81
N ALA B 73 11.86 -19.75 -34.48
CA ALA B 73 12.74 -20.85 -34.13
C ALA B 73 12.31 -21.33 -32.75
N GLY B 74 12.83 -20.66 -31.73
CA GLY B 74 12.49 -21.01 -30.37
C GLY B 74 13.42 -20.29 -29.42
N THR B 75 14.11 -19.28 -29.96
CA THR B 75 15.06 -18.48 -29.18
C THR B 75 14.46 -18.01 -27.88
N VAL B 76 13.65 -16.95 -27.96
CA VAL B 76 13.02 -16.38 -26.80
C VAL B 76 11.57 -16.81 -26.68
N ASN B 77 10.96 -16.53 -25.54
CA ASN B 77 9.57 -16.88 -25.31
C ASN B 77 8.71 -15.79 -25.93
N ILE B 78 9.29 -14.60 -26.08
CA ILE B 78 8.55 -13.48 -26.64
C ILE B 78 9.29 -12.70 -27.72
N GLY B 79 8.71 -12.69 -28.91
CA GLY B 79 9.31 -11.96 -30.01
C GLY B 79 8.56 -10.66 -30.26
N ALA B 80 9.21 -9.54 -30.01
CA ALA B 80 8.58 -8.24 -30.22
C ALA B 80 8.55 -7.92 -31.70
N SER B 81 7.41 -7.44 -32.19
CA SER B 81 7.25 -7.10 -33.59
C SER B 81 6.12 -6.10 -33.77
N ASP B 82 6.38 -5.04 -34.53
CA ASP B 82 5.37 -4.03 -34.80
C ASP B 82 4.56 -4.51 -36.00
N ALA B 83 5.03 -5.60 -36.60
CA ALA B 83 4.40 -6.18 -37.78
C ALA B 83 3.79 -7.55 -37.50
N TYR B 84 2.57 -7.77 -37.99
CA TYR B 84 1.91 -9.05 -37.82
C TYR B 84 2.52 -10.09 -38.76
N LEU B 85 2.30 -11.37 -38.47
CA LEU B 85 2.84 -12.44 -39.30
C LEU B 85 2.08 -12.60 -40.61
N SER B 86 2.83 -12.77 -41.70
CA SER B 86 2.26 -12.95 -43.02
C SER B 86 1.75 -14.38 -43.17
N GLU B 87 0.90 -14.61 -44.17
CA GLU B 87 0.34 -15.92 -44.43
C GLU B 87 1.45 -16.93 -44.72
N GLY B 88 2.60 -16.42 -45.14
CA GLY B 88 3.72 -17.29 -45.44
C GLY B 88 4.36 -17.76 -44.15
N ASP B 89 4.59 -16.82 -43.23
CA ASP B 89 5.20 -17.15 -41.95
C ASP B 89 4.30 -18.04 -41.12
N MET B 90 3.00 -17.97 -41.39
CA MET B 90 2.02 -18.77 -40.65
C MET B 90 2.09 -20.25 -41.02
N ALA B 91 2.10 -20.54 -42.31
CA ALA B 91 2.17 -21.92 -42.77
C ALA B 91 3.61 -22.44 -42.62
N ALA B 92 4.55 -21.51 -42.41
CA ALA B 92 5.94 -21.87 -42.26
C ALA B 92 6.25 -22.30 -40.82
N HIS B 93 5.43 -21.82 -39.89
CA HIS B 93 5.62 -22.16 -38.48
C HIS B 93 4.30 -22.31 -37.76
N LYS B 94 3.76 -23.53 -37.76
CA LYS B 94 2.50 -23.79 -37.09
C LYS B 94 2.65 -23.52 -35.60
N GLY B 95 1.57 -23.06 -34.98
CA GLY B 95 1.61 -22.77 -33.56
C GLY B 95 2.12 -21.37 -33.28
N LEU B 96 2.64 -20.71 -34.31
CA LEU B 96 3.16 -19.36 -34.17
C LEU B 96 2.04 -18.34 -34.36
N MET B 97 1.81 -17.51 -33.34
CA MET B 97 0.75 -16.50 -33.39
C MET B 97 1.19 -15.13 -32.88
N ASN B 98 0.58 -14.07 -33.41
CA ASN B 98 0.90 -12.70 -33.02
C ASN B 98 -0.19 -12.04 -32.18
N ILE B 99 0.05 -11.91 -30.88
CA ILE B 99 -0.95 -11.30 -30.02
C ILE B 99 -0.65 -9.82 -29.75
N ALA B 100 -1.65 -8.98 -29.95
CA ALA B 100 -1.51 -7.55 -29.76
C ALA B 100 -1.38 -7.20 -28.28
N LEU B 101 -0.55 -6.20 -27.99
CA LEU B 101 -0.33 -5.78 -26.61
C LEU B 101 -0.80 -4.34 -26.40
N ALA B 102 -0.49 -3.48 -27.36
CA ALA B 102 -0.87 -2.07 -27.31
C ALA B 102 -0.91 -1.47 -28.71
N ILE B 103 -1.22 -0.17 -28.77
CA ILE B 103 -1.30 0.56 -30.03
C ILE B 103 -0.20 1.61 -30.08
N SER B 104 0.71 1.48 -31.03
CA SER B 104 1.80 2.45 -31.16
C SER B 104 1.71 3.20 -32.48
N ALA B 105 2.64 4.11 -32.70
CA ALA B 105 2.66 4.90 -33.93
C ALA B 105 4.08 5.19 -34.41
N GLN B 106 4.16 5.89 -35.54
CA GLN B 106 5.43 6.25 -36.13
C GLN B 106 5.29 7.60 -36.84
N GLN B 107 6.30 8.45 -36.69
CA GLN B 107 6.25 9.77 -37.33
C GLN B 107 7.47 9.91 -38.23
N VAL B 108 7.42 10.87 -39.14
CA VAL B 108 8.53 11.10 -40.05
C VAL B 108 9.31 12.33 -39.61
N ASN B 109 10.56 12.11 -39.18
CA ASN B 109 11.42 13.20 -38.74
C ASN B 109 12.43 13.62 -39.80
N TYR B 110 12.79 14.89 -39.79
CA TYR B 110 13.75 15.44 -40.74
C TYR B 110 14.70 16.41 -40.06
N ASN B 111 15.81 16.70 -40.72
CA ASN B 111 16.82 17.61 -40.19
C ASN B 111 16.90 18.85 -41.07
N LEU B 112 16.28 19.94 -40.61
CA LEU B 112 16.29 21.20 -41.35
C LEU B 112 16.36 22.38 -40.39
N PRO B 113 17.57 22.79 -40.01
CA PRO B 113 17.74 23.92 -39.09
C PRO B 113 17.15 25.20 -39.66
N GLY B 114 16.35 25.90 -38.87
CA GLY B 114 15.74 27.13 -39.33
C GLY B 114 14.24 27.02 -39.54
N VAL B 115 13.81 25.95 -40.19
CA VAL B 115 12.39 25.72 -40.45
C VAL B 115 11.69 25.37 -39.14
N SER B 116 10.90 26.31 -38.63
CA SER B 116 10.17 26.13 -37.38
C SER B 116 8.86 25.35 -37.54
N GLU B 117 8.24 25.47 -38.70
CA GLU B 117 6.97 24.78 -38.97
C GLU B 117 7.08 23.28 -39.15
N HIS B 118 6.03 22.57 -38.75
CA HIS B 118 5.97 21.12 -38.90
C HIS B 118 5.55 20.87 -40.34
N LEU B 119 6.52 20.59 -41.20
CA LEU B 119 6.25 20.36 -42.61
C LEU B 119 5.15 19.34 -42.87
N LYS B 120 4.37 19.59 -43.91
CA LYS B 120 3.31 18.68 -44.27
C LYS B 120 3.81 17.77 -45.39
N LEU B 121 3.55 16.47 -45.26
CA LEU B 121 3.98 15.49 -46.24
C LEU B 121 2.94 14.38 -46.35
N ASN B 122 3.07 13.58 -47.39
CA ASN B 122 2.17 12.46 -47.60
C ASN B 122 2.93 11.33 -48.29
N GLY B 123 2.40 10.12 -48.21
CA GLY B 123 3.06 8.98 -48.82
C GLY B 123 3.48 9.24 -50.25
N LYS B 124 2.66 9.98 -50.98
CA LYS B 124 2.96 10.31 -52.38
C LYS B 124 4.29 11.03 -52.47
N VAL B 125 4.45 12.09 -51.67
CA VAL B 125 5.68 12.88 -51.67
C VAL B 125 6.85 12.11 -51.08
N LEU B 126 6.62 11.42 -49.98
CA LEU B 126 7.66 10.64 -49.32
C LEU B 126 8.17 9.55 -50.27
N ALA B 127 7.24 8.88 -50.95
CA ALA B 127 7.60 7.83 -51.89
C ALA B 127 8.60 8.40 -52.90
N ALA B 128 8.18 9.46 -53.59
CA ALA B 128 9.04 10.11 -54.58
C ALA B 128 10.40 10.41 -53.96
N MET B 129 10.39 10.98 -52.76
CA MET B 129 11.61 11.31 -52.05
C MET B 129 12.55 10.09 -51.95
N TYR B 130 11.99 8.97 -51.50
CA TYR B 130 12.78 7.75 -51.36
C TYR B 130 13.06 7.07 -52.69
N GLN B 131 12.48 7.61 -53.76
CA GLN B 131 12.67 7.07 -55.11
C GLN B 131 13.73 7.85 -55.86
N GLY B 132 14.07 9.02 -55.34
CA GLY B 132 15.07 9.86 -55.98
C GLY B 132 14.52 10.93 -56.90
N THR B 133 13.20 11.02 -57.03
CA THR B 133 12.58 12.03 -57.89
C THR B 133 12.72 13.42 -57.29
N ILE B 134 12.52 13.53 -55.99
CA ILE B 134 12.67 14.81 -55.30
C ILE B 134 14.05 14.77 -54.66
N LYS B 135 14.97 15.60 -55.14
CA LYS B 135 16.33 15.62 -54.63
C LYS B 135 16.65 16.78 -53.71
N THR B 136 15.71 17.70 -53.54
CA THR B 136 15.92 18.85 -52.66
C THR B 136 14.66 19.15 -51.86
N TRP B 137 14.82 19.81 -50.72
CA TRP B 137 13.68 20.13 -49.89
C TRP B 137 12.82 21.26 -50.43
N ASP B 138 13.29 21.93 -51.48
CA ASP B 138 12.52 23.01 -52.07
C ASP B 138 11.90 22.57 -53.38
N ASP B 139 11.48 21.31 -53.44
CA ASP B 139 10.85 20.75 -54.64
C ASP B 139 9.43 21.29 -54.76
N PRO B 140 8.95 21.51 -55.99
CA PRO B 140 7.60 22.02 -56.23
C PRO B 140 6.50 21.20 -55.57
N GLN B 141 6.74 19.90 -55.39
CA GLN B 141 5.74 19.05 -54.76
C GLN B 141 5.68 19.30 -53.26
N ILE B 142 6.80 19.66 -52.65
CA ILE B 142 6.84 19.94 -51.23
C ILE B 142 6.33 21.36 -50.99
N ALA B 143 6.78 22.30 -51.82
CA ALA B 143 6.38 23.69 -51.69
C ALA B 143 4.87 23.89 -51.86
N ALA B 144 4.25 23.05 -52.69
CA ALA B 144 2.81 23.14 -52.94
C ALA B 144 2.00 22.69 -51.73
N LEU B 145 2.65 21.98 -50.81
CA LEU B 145 1.98 21.50 -49.60
C LEU B 145 2.27 22.41 -48.42
N ASN B 146 3.29 23.26 -48.55
CA ASN B 146 3.66 24.17 -47.48
C ASN B 146 3.75 25.60 -47.97
N PRO B 147 2.60 26.21 -48.31
CA PRO B 147 2.53 27.58 -48.80
C PRO B 147 3.16 28.57 -47.82
N GLY B 148 4.00 29.46 -48.34
CA GLY B 148 4.66 30.44 -47.49
C GLY B 148 5.37 29.81 -46.31
N VAL B 149 6.52 29.19 -46.55
CA VAL B 149 7.27 28.56 -45.48
C VAL B 149 8.78 28.71 -45.69
N ASN B 150 9.18 29.11 -46.89
CA ASN B 150 10.59 29.28 -47.20
C ASN B 150 11.29 27.95 -46.97
N LEU B 151 11.51 27.21 -48.06
CA LEU B 151 12.16 25.91 -48.00
C LEU B 151 13.55 25.96 -48.62
N PRO B 152 14.56 25.48 -47.87
CA PRO B 152 15.95 25.46 -48.34
C PRO B 152 16.18 24.58 -49.56
N GLY B 153 17.29 24.82 -50.26
CA GLY B 153 17.60 24.01 -51.44
C GLY B 153 18.34 22.76 -51.04
N THR B 154 18.46 22.54 -49.74
CA THR B 154 19.14 21.38 -49.18
C THR B 154 18.75 20.09 -49.89
N ALA B 155 19.70 19.19 -50.02
CA ALA B 155 19.48 17.91 -50.66
C ALA B 155 18.76 16.96 -49.71
N VAL B 156 17.92 16.09 -50.26
CA VAL B 156 17.19 15.12 -49.46
C VAL B 156 18.00 13.84 -49.28
N VAL B 157 18.21 13.43 -48.03
CA VAL B 157 18.96 12.21 -47.75
C VAL B 157 17.99 11.25 -47.07
N PRO B 158 17.40 10.33 -47.84
CA PRO B 158 16.44 9.35 -47.32
C PRO B 158 17.06 8.19 -46.57
N LEU B 159 17.01 8.23 -45.23
CA LEU B 159 17.57 7.18 -44.39
C LEU B 159 16.59 6.01 -44.30
N HIS B 160 17.13 4.81 -44.05
CA HIS B 160 16.30 3.61 -43.90
C HIS B 160 17.05 2.61 -43.04
N ARG B 161 16.30 1.86 -42.22
CA ARG B 161 16.89 0.87 -41.32
C ARG B 161 17.64 -0.25 -42.06
N SER B 162 18.78 -0.64 -41.51
CA SER B 162 19.61 -1.69 -42.11
C SER B 162 19.25 -3.08 -41.59
N ASP B 163 18.48 -3.14 -40.51
CA ASP B 163 18.08 -4.42 -39.93
C ASP B 163 16.60 -4.70 -40.19
N GLY B 164 16.19 -5.96 -40.06
CA GLY B 164 14.79 -6.30 -40.26
C GLY B 164 14.00 -5.45 -39.28
N SER B 165 13.06 -4.66 -39.78
CA SER B 165 12.32 -3.75 -38.90
C SER B 165 10.81 -3.65 -39.09
N GLY B 166 10.10 -3.43 -37.99
CA GLY B 166 8.66 -3.29 -38.04
C GLY B 166 8.32 -1.88 -38.47
N ASP B 167 9.23 -0.94 -38.21
CA ASP B 167 9.05 0.45 -38.60
C ASP B 167 9.08 0.50 -40.12
N THR B 168 10.01 -0.25 -40.71
CA THR B 168 10.15 -0.29 -42.16
C THR B 168 8.83 -0.78 -42.77
N PHE B 169 8.29 -1.83 -42.17
CA PHE B 169 7.04 -2.42 -42.62
C PHE B 169 5.92 -1.38 -42.52
N LEU B 170 5.83 -0.73 -41.36
CA LEU B 170 4.80 0.28 -41.15
C LEU B 170 4.93 1.43 -42.15
N PHE B 171 6.16 1.83 -42.42
CA PHE B 171 6.42 2.93 -43.34
C PHE B 171 6.19 2.57 -44.80
N THR B 172 6.58 1.36 -45.18
CA THR B 172 6.43 0.92 -46.55
C THR B 172 4.98 0.56 -46.89
N GLN B 173 4.15 0.43 -45.86
CA GLN B 173 2.73 0.14 -46.09
C GLN B 173 2.00 1.45 -46.37
N TYR B 174 2.41 2.50 -45.68
CA TYR B 174 1.80 3.81 -45.85
C TYR B 174 2.13 4.37 -47.24
N LEU B 175 3.35 4.11 -47.71
CA LEU B 175 3.79 4.57 -49.02
C LEU B 175 3.16 3.71 -50.12
N SER B 176 2.99 2.42 -49.85
CA SER B 176 2.40 1.52 -50.83
C SER B 176 0.89 1.71 -50.95
N LYS B 177 0.25 2.13 -49.86
CA LYS B 177 -1.20 2.35 -49.89
C LYS B 177 -1.59 3.70 -50.49
N GLN B 178 -0.72 4.70 -50.37
CA GLN B 178 -1.01 6.01 -50.92
C GLN B 178 -0.44 6.17 -52.33
N ASP B 179 0.31 5.17 -52.77
CA ASP B 179 0.92 5.16 -54.10
C ASP B 179 0.90 3.74 -54.65
N PRO B 180 -0.31 3.18 -54.86
CA PRO B 180 -0.53 1.83 -55.37
C PRO B 180 0.21 1.51 -56.67
N GLU B 181 -0.05 2.30 -57.72
CA GLU B 181 0.58 2.08 -59.01
C GLU B 181 2.07 2.34 -59.08
N GLY B 182 2.63 2.85 -57.98
CA GLY B 182 4.06 3.13 -57.95
C GLY B 182 4.78 2.27 -56.93
N TRP B 183 5.13 2.86 -55.79
CA TRP B 183 5.83 2.12 -54.75
C TRP B 183 5.00 0.88 -54.40
N GLY B 184 3.68 1.00 -54.53
CA GLY B 184 2.82 -0.12 -54.23
C GLY B 184 3.23 -1.35 -55.02
N LYS B 185 3.46 -1.17 -56.32
CA LYS B 185 3.86 -2.28 -57.17
C LYS B 185 5.29 -2.73 -56.86
N SER B 186 6.12 -1.80 -56.44
CA SER B 186 7.51 -2.10 -56.10
C SER B 186 8.19 -0.91 -55.45
N PRO B 187 9.04 -1.17 -54.44
CA PRO B 187 9.36 -2.49 -53.90
C PRO B 187 8.40 -2.94 -52.80
N GLY B 188 7.11 -2.71 -53.01
CA GLY B 188 6.11 -3.11 -52.03
C GLY B 188 6.41 -2.75 -50.59
N PHE B 189 6.05 -3.65 -49.67
CA PHE B 189 6.28 -3.42 -48.25
C PHE B 189 6.84 -4.66 -47.55
N GLY B 190 7.41 -4.47 -46.36
CA GLY B 190 7.97 -5.59 -45.61
C GLY B 190 8.92 -5.14 -44.51
N THR B 191 9.48 -6.10 -43.77
CA THR B 191 10.43 -5.79 -42.69
C THR B 191 11.80 -5.54 -43.30
N THR B 192 12.03 -6.13 -44.46
CA THR B 192 13.27 -5.97 -45.20
C THR B 192 12.81 -5.64 -46.62
N VAL B 193 13.25 -4.50 -47.14
CA VAL B 193 12.85 -4.08 -48.47
C VAL B 193 14.01 -3.60 -49.33
N ASP B 194 13.88 -3.79 -50.64
CA ASP B 194 14.91 -3.35 -51.57
C ASP B 194 14.70 -1.84 -51.74
N PHE B 195 15.30 -1.06 -50.84
CA PHE B 195 15.18 0.39 -50.90
C PHE B 195 15.91 0.92 -52.14
N PRO B 196 15.24 1.79 -52.92
CA PRO B 196 15.84 2.36 -54.13
C PRO B 196 17.29 2.77 -53.87
N ALA B 197 18.18 2.39 -54.78
CA ALA B 197 19.60 2.68 -54.65
C ALA B 197 19.94 4.13 -54.96
N VAL B 198 18.96 5.01 -54.86
CA VAL B 198 19.19 6.42 -55.13
C VAL B 198 20.19 7.08 -54.18
N PRO B 199 20.52 8.35 -54.45
CA PRO B 199 21.46 9.10 -53.62
C PRO B 199 21.05 9.23 -52.15
N GLY B 200 21.98 8.93 -51.25
CA GLY B 200 21.70 9.03 -49.82
C GLY B 200 20.71 8.03 -49.26
N ALA B 201 20.59 6.88 -49.91
CA ALA B 201 19.66 5.84 -49.44
C ALA B 201 20.37 4.88 -48.49
N LEU B 202 20.94 5.43 -47.43
CA LEU B 202 21.68 4.64 -46.46
C LEU B 202 20.88 3.87 -45.43
N GLY B 203 21.59 3.00 -44.73
CA GLY B 203 20.99 2.19 -43.70
C GLY B 203 21.52 2.59 -42.33
N GLU B 204 20.66 2.49 -41.32
CA GLU B 204 21.01 2.82 -39.95
C GLU B 204 20.58 1.65 -39.07
N ASN B 205 21.15 1.56 -37.88
CA ASN B 205 20.80 0.47 -36.96
C ASN B 205 19.81 0.89 -35.89
N GLY B 206 18.63 0.27 -35.91
CA GLY B 206 17.60 0.55 -34.95
C GLY B 206 17.09 1.98 -34.97
N ASN B 207 16.05 2.23 -34.19
CA ASN B 207 15.47 3.58 -34.10
C ASN B 207 16.57 4.53 -33.66
N GLY B 208 17.35 4.09 -32.67
CA GLY B 208 18.43 4.92 -32.16
C GLY B 208 19.40 5.32 -33.26
N GLY B 209 19.57 4.45 -34.24
CA GLY B 209 20.47 4.75 -35.34
C GLY B 209 19.90 5.80 -36.25
N MET B 210 18.58 5.78 -36.43
CA MET B 210 17.91 6.75 -37.27
C MET B 210 17.93 8.12 -36.59
N VAL B 211 17.68 8.14 -35.29
CA VAL B 211 17.68 9.38 -34.54
C VAL B 211 19.00 10.11 -34.75
N THR B 212 20.10 9.39 -34.54
CA THR B 212 21.45 9.94 -34.69
C THR B 212 21.81 10.18 -36.15
N GLY B 213 21.54 9.21 -37.00
CA GLY B 213 21.85 9.37 -38.41
C GLY B 213 21.17 10.61 -38.97
N CYS B 214 19.91 10.78 -38.64
CA CYS B 214 19.14 11.92 -39.13
C CYS B 214 19.67 13.25 -38.61
N ALA B 215 20.11 13.26 -37.35
CA ALA B 215 20.64 14.48 -36.74
C ALA B 215 22.08 14.71 -37.18
N GLU B 216 22.67 13.67 -37.76
CA GLU B 216 24.05 13.73 -38.25
C GLU B 216 24.27 14.87 -39.22
N THR B 217 23.45 14.93 -40.27
CA THR B 217 23.60 15.99 -41.26
C THR B 217 22.26 16.55 -41.74
N PRO B 218 22.20 17.86 -41.99
CA PRO B 218 20.98 18.53 -42.46
C PRO B 218 20.50 18.01 -43.81
N GLY B 219 19.20 17.76 -43.92
CA GLY B 219 18.64 17.26 -45.16
C GLY B 219 18.17 15.82 -45.09
N CYS B 220 18.57 15.12 -44.04
CA CYS B 220 18.17 13.72 -43.87
C CYS B 220 16.67 13.61 -43.62
N VAL B 221 16.11 12.47 -44.00
CA VAL B 221 14.69 12.18 -43.80
C VAL B 221 14.69 10.82 -43.13
N ALA B 222 13.80 10.60 -42.18
CA ALA B 222 13.78 9.32 -41.50
C ALA B 222 12.47 9.03 -40.79
N TYR B 223 12.11 7.76 -40.73
CA TYR B 223 10.90 7.32 -40.06
C TYR B 223 11.37 6.70 -38.74
N ILE B 224 10.84 7.21 -37.64
CA ILE B 224 11.22 6.74 -36.31
C ILE B 224 10.01 6.39 -35.45
N GLY B 225 10.17 5.42 -34.56
CA GLY B 225 9.09 5.01 -33.68
C GLY B 225 8.75 6.13 -32.72
N ILE B 226 7.47 6.26 -32.38
CA ILE B 226 7.04 7.32 -31.48
C ILE B 226 7.61 7.19 -30.07
N SER B 227 8.08 5.99 -29.72
CA SER B 227 8.69 5.79 -28.41
C SER B 227 10.06 6.48 -28.42
N PHE B 228 10.43 7.00 -29.58
CA PHE B 228 11.69 7.71 -29.76
C PHE B 228 11.46 9.18 -30.13
N LEU B 229 10.22 9.62 -29.97
CA LEU B 229 9.84 10.99 -30.26
C LEU B 229 10.69 11.94 -29.42
N ASP B 230 10.65 11.72 -28.11
CA ASP B 230 11.40 12.56 -27.17
C ASP B 230 12.85 12.75 -27.57
N GLN B 231 13.58 11.65 -27.74
CA GLN B 231 14.98 11.70 -28.11
C GLN B 231 15.20 12.38 -29.45
N ALA B 232 14.19 12.37 -30.31
CA ALA B 232 14.28 13.00 -31.61
C ALA B 232 14.08 14.51 -31.46
N SER B 233 13.13 14.89 -30.60
CA SER B 233 12.83 16.30 -30.36
C SER B 233 13.98 17.05 -29.69
N GLN B 234 14.53 16.44 -28.63
CA GLN B 234 15.63 17.06 -27.91
C GLN B 234 16.88 17.18 -28.78
N ARG B 235 16.98 16.32 -29.79
CA ARG B 235 18.12 16.34 -30.69
C ARG B 235 17.94 17.44 -31.74
N GLY B 236 16.84 18.17 -31.64
CA GLY B 236 16.57 19.25 -32.57
C GLY B 236 15.86 18.83 -33.85
N LEU B 237 15.51 17.55 -33.96
CA LEU B 237 14.83 17.07 -35.15
C LEU B 237 13.40 17.60 -35.27
N GLY B 238 13.05 18.07 -36.46
CA GLY B 238 11.71 18.58 -36.70
C GLY B 238 10.78 17.42 -37.00
N GLU B 239 9.49 17.61 -36.72
CA GLU B 239 8.52 16.55 -36.97
C GLU B 239 7.55 16.99 -38.05
N ALA B 240 7.06 16.04 -38.84
CA ALA B 240 6.14 16.34 -39.92
C ALA B 240 4.69 16.01 -39.60
N GLN B 241 3.79 16.56 -40.40
CA GLN B 241 2.36 16.31 -40.28
C GLN B 241 2.07 15.49 -41.53
N LEU B 242 1.57 14.28 -41.34
CA LEU B 242 1.28 13.40 -42.48
C LEU B 242 -0.18 13.44 -42.91
N GLY B 243 -0.40 13.40 -44.22
CA GLY B 243 -1.75 13.44 -44.75
C GLY B 243 -2.44 12.09 -44.87
N ASN B 244 -3.69 12.03 -44.40
CA ASN B 244 -4.47 10.81 -44.48
C ASN B 244 -5.38 10.88 -45.71
N SER B 245 -6.07 9.79 -46.00
CA SER B 245 -6.94 9.72 -47.17
C SER B 245 -8.23 10.52 -47.04
N SER B 246 -8.22 11.54 -46.18
CA SER B 246 -9.38 12.39 -45.98
C SER B 246 -8.98 13.80 -46.39
N GLY B 247 -7.68 14.00 -46.56
CA GLY B 247 -7.17 15.31 -46.96
C GLY B 247 -6.73 16.14 -45.77
N ASN B 248 -6.37 15.46 -44.68
CA ASN B 248 -5.92 16.16 -43.49
C ASN B 248 -4.50 15.74 -43.11
N PHE B 249 -3.75 16.67 -42.54
CA PHE B 249 -2.38 16.41 -42.12
C PHE B 249 -2.23 16.49 -40.62
N LEU B 250 -2.26 15.33 -39.95
CA LEU B 250 -2.17 15.26 -38.50
C LEU B 250 -0.80 14.95 -37.93
N LEU B 251 -0.62 15.32 -36.66
CA LEU B 251 0.61 15.09 -35.92
C LEU B 251 0.30 13.91 -35.00
N PRO B 252 1.19 12.91 -34.94
CA PRO B 252 0.96 11.76 -34.08
C PRO B 252 0.88 12.05 -32.59
N ASP B 253 -0.31 12.44 -32.13
CA ASP B 253 -0.50 12.72 -30.71
C ASP B 253 -1.56 11.75 -30.17
N ALA B 254 -1.83 11.82 -28.88
CA ALA B 254 -2.81 10.94 -28.25
C ALA B 254 -4.19 11.05 -28.89
N GLN B 255 -4.54 12.26 -29.29
CA GLN B 255 -5.84 12.53 -29.90
C GLN B 255 -6.01 12.00 -31.32
N SER B 256 -4.93 12.00 -32.10
CA SER B 256 -5.00 11.51 -33.48
C SER B 256 -4.90 9.99 -33.53
N ILE B 257 -4.24 9.40 -32.55
CA ILE B 257 -4.10 7.95 -32.52
C ILE B 257 -5.42 7.28 -32.15
N GLN B 258 -6.04 7.73 -31.06
CA GLN B 258 -7.31 7.16 -30.65
C GLN B 258 -8.27 7.24 -31.83
N ALA B 259 -8.06 8.28 -32.65
CA ALA B 259 -8.88 8.52 -33.84
C ALA B 259 -8.76 7.38 -34.84
N ALA B 260 -7.56 7.22 -35.39
CA ALA B 260 -7.29 6.17 -36.36
C ALA B 260 -7.70 4.82 -35.82
N ALA B 261 -7.55 4.63 -34.52
CA ALA B 261 -7.89 3.36 -33.89
C ALA B 261 -9.40 3.09 -33.98
N ALA B 262 -10.19 4.13 -33.72
CA ALA B 262 -11.65 4.00 -33.76
C ALA B 262 -12.12 3.25 -34.99
N GLY B 263 -11.38 3.38 -36.09
CA GLY B 263 -11.75 2.71 -37.33
C GLY B 263 -11.39 1.25 -37.42
N PHE B 264 -10.71 0.71 -36.41
CA PHE B 264 -10.32 -0.70 -36.44
C PHE B 264 -10.57 -1.41 -35.12
N ALA B 265 -11.40 -0.83 -34.27
CA ALA B 265 -11.69 -1.41 -32.97
C ALA B 265 -12.82 -2.45 -33.05
N SER B 266 -13.57 -2.42 -34.14
CA SER B 266 -14.69 -3.35 -34.33
C SER B 266 -14.55 -4.15 -35.62
N LYS B 267 -13.33 -4.31 -36.11
CA LYS B 267 -13.09 -5.06 -37.34
C LYS B 267 -11.81 -5.90 -37.24
N THR B 268 -11.35 -6.11 -36.01
CA THR B 268 -10.15 -6.90 -35.76
C THR B 268 -10.39 -8.40 -35.95
N PRO B 269 -9.59 -9.05 -36.81
CA PRO B 269 -9.72 -10.49 -37.08
C PRO B 269 -9.45 -11.32 -35.83
N ALA B 270 -9.79 -12.60 -35.88
CA ALA B 270 -9.57 -13.50 -34.75
C ALA B 270 -8.10 -13.72 -34.48
N ASN B 271 -7.27 -13.71 -35.52
CA ASN B 271 -5.84 -13.92 -35.32
C ASN B 271 -5.10 -12.59 -35.15
N GLN B 272 -5.85 -11.50 -35.08
CA GLN B 272 -5.29 -10.16 -34.90
C GLN B 272 -4.34 -9.70 -36.00
N ALA B 273 -4.29 -10.43 -37.10
CA ALA B 273 -3.42 -10.06 -38.22
C ALA B 273 -4.17 -9.01 -39.05
N ILE B 274 -3.90 -7.74 -38.78
CA ILE B 274 -4.57 -6.66 -39.49
C ILE B 274 -3.75 -5.37 -39.54
N SER B 275 -3.90 -4.63 -40.62
CA SER B 275 -3.19 -3.37 -40.81
C SER B 275 -4.12 -2.21 -40.45
N MET B 276 -3.56 -1.16 -39.87
CA MET B 276 -4.34 0.01 -39.52
C MET B 276 -3.73 1.25 -40.17
N ILE B 277 -2.99 1.04 -41.26
CA ILE B 277 -2.36 2.15 -41.97
C ILE B 277 -3.31 2.90 -42.90
N ASP B 278 -3.28 4.22 -42.79
CA ASP B 278 -4.10 5.10 -43.60
C ASP B 278 -5.58 4.72 -43.62
N GLY B 279 -6.21 4.70 -42.44
CA GLY B 279 -7.61 4.34 -42.35
C GLY B 279 -8.55 5.41 -42.86
N PRO B 280 -9.87 5.26 -42.65
CA PRO B 280 -10.87 6.24 -43.11
C PRO B 280 -11.23 7.28 -42.04
N ALA B 281 -10.75 7.10 -40.82
CA ALA B 281 -11.04 8.04 -39.75
C ALA B 281 -10.63 9.45 -40.16
N PRO B 282 -11.60 10.37 -40.20
CA PRO B 282 -11.45 11.78 -40.58
C PRO B 282 -10.28 12.51 -39.92
N ASP B 283 -10.08 12.27 -38.62
CA ASP B 283 -8.98 12.92 -37.91
C ASP B 283 -8.00 11.90 -37.36
N GLY B 284 -7.93 10.75 -38.01
CA GLY B 284 -7.01 9.72 -37.56
C GLY B 284 -5.65 9.79 -38.21
N TYR B 285 -4.61 9.51 -37.42
CA TYR B 285 -3.23 9.50 -37.89
C TYR B 285 -3.11 8.32 -38.84
N PRO B 286 -2.43 8.52 -39.99
CA PRO B 286 -2.26 7.44 -40.97
C PRO B 286 -1.37 6.25 -40.58
N ILE B 287 -0.39 6.47 -39.70
CA ILE B 287 0.51 5.39 -39.32
C ILE B 287 0.45 5.00 -37.84
N ILE B 288 -0.32 3.97 -37.54
CA ILE B 288 -0.46 3.44 -36.19
C ILE B 288 -0.22 1.95 -36.34
N ASN B 289 -0.43 1.18 -35.28
CA ASN B 289 -0.24 -0.27 -35.36
C ASN B 289 -0.42 -0.95 -34.02
N TYR B 290 -0.49 -2.28 -34.05
CA TYR B 290 -0.64 -3.07 -32.85
C TYR B 290 0.72 -3.65 -32.48
N GLU B 291 1.30 -3.21 -31.36
CA GLU B 291 2.56 -3.77 -30.94
C GLU B 291 2.24 -5.26 -30.73
N TYR B 292 3.10 -6.14 -31.24
CA TYR B 292 2.84 -7.57 -31.13
C TYR B 292 3.81 -8.37 -30.28
N ALA B 293 3.29 -9.47 -29.71
CA ALA B 293 4.07 -10.37 -28.89
C ALA B 293 4.06 -11.74 -29.58
N ILE B 294 5.02 -11.97 -30.47
CA ILE B 294 5.10 -13.23 -31.18
C ILE B 294 5.53 -14.35 -30.24
N VAL B 295 4.64 -15.31 -30.04
CA VAL B 295 4.89 -16.45 -29.16
C VAL B 295 4.37 -17.72 -29.81
N ASN B 296 4.96 -18.86 -29.48
CA ASN B 296 4.53 -20.13 -30.05
C ASN B 296 3.49 -20.79 -29.16
N ASN B 297 2.66 -21.61 -29.79
CA ASN B 297 1.59 -22.33 -29.12
C ASN B 297 2.09 -23.28 -28.02
N ARG B 298 3.20 -23.97 -28.27
CA ARG B 298 3.74 -24.90 -27.29
C ARG B 298 4.93 -24.31 -26.52
N GLN B 299 4.99 -24.60 -25.23
CA GLN B 299 6.09 -24.13 -24.37
C GLN B 299 6.85 -25.33 -23.82
N LYS B 300 8.03 -25.09 -23.26
CA LYS B 300 8.86 -26.17 -22.71
C LYS B 300 8.18 -27.00 -21.62
N ASP B 301 7.43 -26.34 -20.75
CA ASP B 301 6.73 -27.04 -19.68
C ASP B 301 5.51 -26.24 -19.22
N ALA B 302 4.77 -26.79 -18.27
CA ALA B 302 3.58 -26.13 -17.76
C ALA B 302 3.93 -24.85 -17.02
N ALA B 303 4.97 -24.91 -16.20
CA ALA B 303 5.40 -23.74 -15.43
C ALA B 303 5.64 -22.54 -16.34
N THR B 304 6.41 -22.75 -17.40
CA THR B 304 6.70 -21.66 -18.33
C THR B 304 5.45 -21.19 -19.06
N ALA B 305 4.63 -22.13 -19.52
CA ALA B 305 3.41 -21.79 -20.25
C ALA B 305 2.44 -20.97 -19.39
N GLN B 306 2.33 -21.33 -18.11
CA GLN B 306 1.44 -20.61 -17.20
C GLN B 306 2.03 -19.27 -16.80
N THR B 307 3.36 -19.19 -16.76
CA THR B 307 4.06 -17.95 -16.42
C THR B 307 4.01 -17.02 -17.63
N LEU B 308 4.01 -17.60 -18.83
CA LEU B 308 3.95 -16.82 -20.05
C LEU B 308 2.55 -16.22 -20.17
N GLN B 309 1.54 -17.02 -19.87
CA GLN B 309 0.15 -16.55 -19.92
C GLN B 309 -0.09 -15.46 -18.89
N ALA B 310 0.37 -15.68 -17.66
CA ALA B 310 0.18 -14.71 -16.57
C ALA B 310 0.77 -13.35 -16.94
N PHE B 311 1.94 -13.36 -17.56
CA PHE B 311 2.60 -12.13 -17.97
C PHE B 311 1.86 -11.43 -19.10
N LEU B 312 1.63 -12.16 -20.19
CA LEU B 312 0.91 -11.59 -21.32
C LEU B 312 -0.43 -11.01 -20.92
N HIS B 313 -1.19 -11.76 -20.13
CA HIS B 313 -2.50 -11.29 -19.67
C HIS B 313 -2.35 -10.02 -18.80
N TRP B 314 -1.25 -9.95 -18.07
CA TRP B 314 -0.98 -8.81 -17.20
C TRP B 314 -0.60 -7.55 -18.00
N ALA B 315 0.16 -7.75 -19.07
CA ALA B 315 0.61 -6.65 -19.89
C ALA B 315 -0.55 -5.92 -20.56
N ILE B 316 -1.55 -6.68 -21.00
CA ILE B 316 -2.70 -6.10 -21.69
C ILE B 316 -3.75 -5.55 -20.72
N THR B 317 -3.43 -5.54 -19.44
CA THR B 317 -4.34 -5.02 -18.43
C THR B 317 -3.60 -4.00 -17.58
N ASP B 318 -3.03 -4.45 -16.46
CA ASP B 318 -2.28 -3.53 -15.61
C ASP B 318 -1.27 -2.74 -16.42
N GLY B 319 -0.64 -3.40 -17.38
CA GLY B 319 0.35 -2.73 -18.20
C GLY B 319 -0.21 -1.61 -19.07
N ASN B 320 -1.34 -1.87 -19.73
CA ASN B 320 -1.99 -0.89 -20.60
C ASN B 320 -2.41 0.39 -19.89
N LYS B 321 -2.36 0.39 -18.56
CA LYS B 321 -2.75 1.58 -17.81
C LYS B 321 -1.83 2.74 -18.18
N ALA B 322 -2.40 3.94 -18.20
CA ALA B 322 -1.66 5.15 -18.56
C ALA B 322 -0.29 5.22 -17.90
N SER B 323 -0.21 4.76 -16.66
CA SER B 323 1.04 4.75 -15.91
C SER B 323 2.21 4.35 -16.80
N PHE B 324 1.99 3.32 -17.61
CA PHE B 324 3.03 2.81 -18.50
C PHE B 324 2.95 3.39 -19.90
N LEU B 325 1.93 2.97 -20.64
CA LEU B 325 1.73 3.39 -22.03
C LEU B 325 1.94 4.89 -22.30
N ASP B 326 1.71 5.74 -21.31
CA ASP B 326 1.88 7.17 -21.49
C ASP B 326 3.35 7.60 -21.61
N GLN B 327 4.25 6.83 -21.00
CA GLN B 327 5.67 7.14 -21.03
C GLN B 327 6.34 6.94 -22.39
N VAL B 328 5.72 6.15 -23.26
CA VAL B 328 6.26 5.88 -24.58
C VAL B 328 5.30 6.38 -25.66
N HIS B 329 4.20 6.98 -25.21
CA HIS B 329 3.16 7.53 -26.07
C HIS B 329 2.31 6.50 -26.81
N PHE B 330 2.01 5.38 -26.15
CA PHE B 330 1.18 4.34 -26.75
C PHE B 330 -0.24 4.51 -26.23
N GLN B 331 -1.17 3.78 -26.82
CA GLN B 331 -2.57 3.83 -26.40
C GLN B 331 -3.05 2.42 -26.03
N PRO B 332 -3.91 2.31 -25.01
CA PRO B 332 -4.41 1.00 -24.59
C PRO B 332 -5.30 0.35 -25.65
N LEU B 333 -5.39 -0.96 -25.59
CA LEU B 333 -6.22 -1.72 -26.52
C LEU B 333 -7.69 -1.58 -26.13
N PRO B 334 -8.58 -1.45 -27.12
CA PRO B 334 -10.01 -1.34 -26.75
C PRO B 334 -10.37 -2.67 -26.08
N PRO B 335 -11.35 -2.67 -25.18
CA PRO B 335 -11.73 -3.94 -24.53
C PRO B 335 -12.09 -5.09 -25.46
N ALA B 336 -12.56 -4.76 -26.66
CA ALA B 336 -12.93 -5.80 -27.62
C ALA B 336 -11.69 -6.56 -28.07
N VAL B 337 -10.62 -5.82 -28.33
CA VAL B 337 -9.36 -6.42 -28.77
C VAL B 337 -8.68 -7.09 -27.59
N VAL B 338 -8.87 -6.52 -26.40
CA VAL B 338 -8.27 -7.10 -25.19
C VAL B 338 -8.84 -8.51 -25.06
N LYS B 339 -10.12 -8.65 -25.37
CA LYS B 339 -10.80 -9.93 -25.30
C LYS B 339 -10.13 -10.89 -26.28
N LEU B 340 -10.03 -10.48 -27.54
CA LEU B 340 -9.43 -11.30 -28.57
C LEU B 340 -8.02 -11.76 -28.19
N SER B 341 -7.26 -10.89 -27.52
CA SER B 341 -5.90 -11.26 -27.10
C SER B 341 -5.92 -12.43 -26.12
N ASP B 342 -6.67 -12.28 -25.03
CA ASP B 342 -6.77 -13.34 -24.03
C ASP B 342 -7.12 -14.66 -24.68
N ALA B 343 -7.99 -14.61 -25.69
CA ALA B 343 -8.38 -15.82 -26.39
C ALA B 343 -7.10 -16.51 -26.85
N LEU B 344 -6.22 -15.76 -27.51
CA LEU B 344 -4.95 -16.28 -28.00
C LEU B 344 -4.04 -16.72 -26.85
N ILE B 345 -3.99 -15.89 -25.81
CA ILE B 345 -3.16 -16.18 -24.65
C ILE B 345 -3.52 -17.55 -24.07
N ALA B 346 -4.79 -17.72 -23.76
CA ALA B 346 -5.29 -18.97 -23.17
C ALA B 346 -4.76 -20.24 -23.82
N THR B 347 -4.60 -20.24 -25.14
CA THR B 347 -4.11 -21.43 -25.84
C THR B 347 -2.69 -21.85 -25.46
N ILE B 348 -1.89 -20.91 -24.97
CA ILE B 348 -0.52 -21.22 -24.58
C ILE B 348 -0.48 -22.45 -23.68
N SER B 349 0.23 -23.49 -24.11
CA SER B 349 0.33 -24.71 -23.34
C SER B 349 1.69 -25.38 -23.52
N SER B 350 1.85 -26.59 -22.98
CA SER B 350 3.12 -27.31 -23.10
C SER B 350 2.91 -28.78 -23.47
N VAL A 18 -18.97 -23.57 55.71
CA VAL A 18 -17.67 -22.81 55.75
C VAL A 18 -17.10 -22.80 57.17
N ALA A 19 -15.83 -23.12 57.31
CA ALA A 19 -15.20 -23.16 58.61
C ALA A 19 -14.80 -21.75 59.04
N THR A 20 -15.34 -21.28 60.14
CA THR A 20 -15.02 -19.95 60.60
C THR A 20 -13.98 -19.95 61.73
N THR A 21 -13.47 -21.14 62.06
CA THR A 21 -12.47 -21.25 63.12
C THR A 21 -11.28 -22.06 62.63
N PRO A 22 -10.06 -21.56 62.83
CA PRO A 22 -8.79 -22.21 62.43
C PRO A 22 -8.51 -23.45 63.28
N ALA A 23 -7.72 -24.37 62.75
CA ALA A 23 -7.34 -25.55 63.51
C ALA A 23 -6.48 -25.00 64.65
N SER A 24 -6.33 -25.75 65.73
CA SER A 24 -5.54 -25.26 66.87
C SER A 24 -4.04 -25.55 66.73
N SER A 25 -3.68 -26.50 65.87
CA SER A 25 -2.29 -26.83 65.68
C SER A 25 -1.62 -25.76 64.82
N PRO A 26 -0.30 -25.56 64.96
CA PRO A 26 0.35 -24.54 64.14
C PRO A 26 0.21 -24.81 62.66
N VAL A 27 -0.21 -23.79 61.92
CA VAL A 27 -0.37 -23.88 60.49
C VAL A 27 0.21 -22.62 59.83
N THR A 28 0.86 -22.81 58.69
CA THR A 28 1.44 -21.71 57.94
C THR A 28 0.75 -21.60 56.57
N LEU A 29 0.22 -20.42 56.28
CA LEU A 29 -0.43 -20.18 55.00
C LEU A 29 0.54 -19.30 54.20
N ALA A 30 1.02 -19.83 53.09
CA ALA A 30 1.95 -19.08 52.25
C ALA A 30 1.20 -18.45 51.10
N GLU A 31 1.48 -17.16 50.87
CA GLU A 31 0.86 -16.40 49.79
C GLU A 31 1.92 -15.78 48.90
N THR A 32 1.58 -15.59 47.63
CA THR A 32 2.50 -14.95 46.68
C THR A 32 1.68 -14.44 45.51
N GLY A 33 2.15 -13.38 44.87
CA GLY A 33 1.44 -12.88 43.71
C GLY A 33 1.28 -11.38 43.59
N SER A 34 0.11 -10.98 43.10
CA SER A 34 -0.24 -9.58 42.87
C SER A 34 0.41 -8.53 43.76
N THR A 35 1.23 -7.66 43.18
CA THR A 35 1.81 -6.62 44.00
C THR A 35 0.70 -5.64 44.35
N LEU A 36 -0.37 -5.62 43.55
CA LEU A 36 -1.48 -4.73 43.84
C LEU A 36 -2.12 -5.10 45.17
N LEU A 37 -2.32 -6.41 45.41
CA LEU A 37 -2.94 -6.88 46.64
C LEU A 37 -1.96 -7.00 47.81
N TYR A 38 -0.67 -7.03 47.51
CA TYR A 38 0.38 -7.17 48.51
C TYR A 38 0.28 -6.28 49.76
N PRO A 39 0.15 -4.95 49.57
CA PRO A 39 0.04 -4.04 50.73
C PRO A 39 -1.08 -4.45 51.69
N LEU A 40 -2.20 -4.90 51.14
CA LEU A 40 -3.31 -5.30 51.98
C LEU A 40 -3.00 -6.60 52.73
N PHE A 41 -2.35 -7.53 52.05
CA PHE A 41 -2.01 -8.78 52.71
C PHE A 41 -1.04 -8.51 53.85
N ASN A 42 -0.34 -7.39 53.80
CA ASN A 42 0.58 -7.07 54.88
C ASN A 42 -0.17 -6.56 56.09
N LEU A 43 -1.46 -6.26 55.92
CA LEU A 43 -2.28 -5.79 57.03
C LEU A 43 -3.08 -6.97 57.54
N TRP A 44 -3.73 -7.67 56.62
CA TRP A 44 -4.52 -8.83 56.97
C TRP A 44 -3.69 -9.87 57.71
N GLY A 45 -2.52 -10.20 57.15
CA GLY A 45 -1.64 -11.19 57.74
C GLY A 45 -1.38 -11.04 59.22
N PRO A 46 -0.96 -9.85 59.66
CA PRO A 46 -0.68 -9.62 61.08
C PRO A 46 -1.94 -9.63 61.94
N ALA A 47 -3.03 -9.07 61.42
CA ALA A 47 -4.26 -9.01 62.17
C ALA A 47 -4.76 -10.41 62.49
N PHE A 48 -4.83 -11.25 61.49
CA PHE A 48 -5.32 -12.62 61.68
C PHE A 48 -4.42 -13.39 62.62
N HIS A 49 -3.12 -13.16 62.48
CA HIS A 49 -2.14 -13.83 63.33
C HIS A 49 -2.30 -13.39 64.77
N GLU A 50 -2.53 -12.11 64.97
CA GLU A 50 -2.72 -11.58 66.31
C GLU A 50 -3.87 -12.29 67.01
N ARG A 51 -4.92 -12.57 66.23
CA ARG A 51 -6.13 -13.23 66.74
C ARG A 51 -5.92 -14.72 66.98
N TYR A 52 -5.18 -15.35 66.08
CA TYR A 52 -4.91 -16.79 66.19
C TYR A 52 -3.42 -16.96 66.04
N PRO A 53 -2.66 -16.80 67.14
CA PRO A 53 -1.21 -16.93 67.19
C PRO A 53 -0.63 -18.20 66.59
N ASN A 54 -1.41 -19.26 66.52
CA ASN A 54 -0.90 -20.51 65.98
C ASN A 54 -0.84 -20.52 64.45
N VAL A 55 -1.41 -19.50 63.82
CA VAL A 55 -1.42 -19.43 62.37
C VAL A 55 -0.42 -18.43 61.82
N THR A 56 0.49 -18.90 60.97
CA THR A 56 1.48 -18.03 60.36
C THR A 56 1.15 -17.73 58.90
N ILE A 57 1.09 -16.46 58.56
CA ILE A 57 0.78 -16.01 57.19
C ILE A 57 2.02 -15.36 56.58
N THR A 58 2.46 -15.81 55.40
CA THR A 58 3.60 -15.16 54.76
C THR A 58 3.14 -14.70 53.38
N ALA A 59 3.68 -13.58 52.91
CA ALA A 59 3.27 -13.06 51.62
C ALA A 59 4.45 -12.43 50.89
N GLN A 60 4.34 -12.37 49.57
CA GLN A 60 5.37 -11.77 48.74
C GLN A 60 4.79 -11.14 47.49
N GLY A 61 5.34 -9.98 47.12
CA GLY A 61 4.88 -9.27 45.93
C GLY A 61 5.69 -9.73 44.74
N THR A 62 5.10 -10.58 43.90
CA THR A 62 5.77 -11.13 42.74
C THR A 62 4.98 -10.98 41.43
N GLY A 63 3.79 -10.38 41.49
CA GLY A 63 2.98 -10.21 40.28
C GLY A 63 1.96 -11.33 40.15
N SER A 64 0.81 -11.03 39.55
CA SER A 64 -0.27 -12.03 39.39
C SER A 64 0.19 -13.29 38.65
N GLY A 65 1.05 -13.12 37.65
CA GLY A 65 1.53 -14.27 36.89
C GLY A 65 2.08 -15.35 37.79
N ALA A 66 3.04 -14.98 38.64
CA ALA A 66 3.62 -15.93 39.57
C ALA A 66 2.51 -16.46 40.47
N GLY A 67 1.58 -15.57 40.86
CA GLY A 67 0.49 -15.98 41.72
C GLY A 67 -0.29 -17.16 41.15
N ILE A 68 -0.70 -17.05 39.89
CA ILE A 68 -1.43 -18.10 39.21
C ILE A 68 -0.58 -19.33 39.00
N ALA A 69 0.66 -19.11 38.58
CA ALA A 69 1.59 -20.22 38.33
C ALA A 69 1.89 -21.05 39.57
N GLN A 70 2.28 -20.38 40.64
CA GLN A 70 2.61 -21.10 41.86
C GLN A 70 1.44 -21.77 42.56
N ALA A 71 0.27 -21.14 42.54
CA ALA A 71 -0.88 -21.77 43.18
C ALA A 71 -1.21 -23.04 42.41
N ALA A 72 -1.09 -22.97 41.09
CA ALA A 72 -1.38 -24.12 40.23
C ALA A 72 -0.36 -25.23 40.43
N ALA A 73 0.88 -24.86 40.73
CA ALA A 73 1.93 -25.85 40.93
C ALA A 73 1.90 -26.39 42.35
N GLY A 74 1.02 -25.85 43.17
CA GLY A 74 0.94 -26.32 44.55
C GLY A 74 2.04 -25.74 45.43
N THR A 75 2.80 -24.79 44.91
CA THR A 75 3.87 -24.18 45.68
C THR A 75 3.43 -23.32 46.86
N VAL A 76 2.26 -22.68 46.75
CA VAL A 76 1.73 -21.87 47.86
C VAL A 76 0.26 -22.20 48.05
N ASN A 77 -0.31 -21.79 49.17
CA ASN A 77 -1.71 -22.04 49.45
C ASN A 77 -2.58 -20.97 48.80
N ILE A 78 -2.04 -19.76 48.74
CA ILE A 78 -2.76 -18.64 48.19
C ILE A 78 -2.01 -17.90 47.09
N GLY A 79 -2.55 -17.94 45.87
CA GLY A 79 -1.95 -17.19 44.79
C GLY A 79 -2.81 -15.93 44.75
N ALA A 80 -2.19 -14.75 44.73
CA ALA A 80 -2.95 -13.51 44.69
C ALA A 80 -2.95 -13.03 43.26
N SER A 81 -4.12 -12.70 42.72
CA SER A 81 -4.23 -12.27 41.33
C SER A 81 -5.33 -11.24 41.09
N ASP A 82 -5.05 -10.26 40.23
CA ASP A 82 -6.05 -9.24 39.91
C ASP A 82 -6.79 -9.71 38.66
N ALA A 83 -6.33 -10.80 38.08
CA ALA A 83 -6.95 -11.35 36.88
C ALA A 83 -7.60 -12.69 37.23
N TYR A 84 -8.78 -12.95 36.66
CA TYR A 84 -9.45 -14.22 36.91
C TYR A 84 -8.81 -15.28 36.03
N LEU A 85 -9.08 -16.54 36.33
CA LEU A 85 -8.54 -17.66 35.56
C LEU A 85 -9.24 -17.79 34.22
N SER A 86 -8.47 -17.96 33.16
CA SER A 86 -9.07 -18.11 31.83
C SER A 86 -9.74 -19.47 31.78
N GLU A 87 -10.61 -19.65 30.79
CA GLU A 87 -11.31 -20.92 30.64
C GLU A 87 -10.28 -22.01 30.40
N GLY A 88 -9.14 -21.62 29.85
CA GLY A 88 -8.08 -22.55 29.58
C GLY A 88 -7.38 -22.95 30.87
N ASP A 89 -7.14 -21.97 31.74
CA ASP A 89 -6.48 -22.24 33.01
C ASP A 89 -7.33 -23.20 33.84
N MET A 90 -8.63 -22.97 33.84
CA MET A 90 -9.54 -23.81 34.60
C MET A 90 -9.51 -25.24 34.08
N ALA A 91 -9.48 -25.38 32.75
CA ALA A 91 -9.45 -26.70 32.14
C ALA A 91 -8.15 -27.45 32.40
N ALA A 92 -7.04 -26.72 32.46
CA ALA A 92 -5.74 -27.34 32.69
C ALA A 92 -5.45 -27.72 34.14
N HIS A 93 -6.05 -27.00 35.09
CA HIS A 93 -5.83 -27.32 36.48
C HIS A 93 -7.16 -27.45 37.19
N LYS A 94 -7.72 -28.65 37.12
CA LYS A 94 -9.00 -28.89 37.78
C LYS A 94 -8.83 -28.73 39.29
N GLY A 95 -9.82 -28.12 39.91
CA GLY A 95 -9.76 -27.90 41.34
C GLY A 95 -9.29 -26.50 41.67
N LEU A 96 -8.72 -25.81 40.68
CA LEU A 96 -8.23 -24.45 40.88
C LEU A 96 -9.37 -23.45 40.62
N MET A 97 -9.56 -22.53 41.55
CA MET A 97 -10.62 -21.53 41.40
C MET A 97 -10.16 -20.14 41.88
N ASN A 98 -10.86 -19.10 41.46
CA ASN A 98 -10.51 -17.76 41.88
C ASN A 98 -11.61 -17.19 42.77
N ILE A 99 -11.27 -16.85 44.01
CA ILE A 99 -12.29 -16.33 44.90
C ILE A 99 -12.09 -14.83 45.13
N ALA A 100 -13.13 -14.05 44.85
CA ALA A 100 -13.07 -12.61 45.02
C ALA A 100 -12.90 -12.23 46.49
N LEU A 101 -12.06 -11.24 46.78
CA LEU A 101 -11.79 -10.83 48.15
C LEU A 101 -12.13 -9.37 48.45
N ALA A 102 -12.08 -8.53 47.42
CA ALA A 102 -12.37 -7.11 47.56
C ALA A 102 -12.38 -6.53 46.17
N ILE A 103 -12.72 -5.25 46.06
CA ILE A 103 -12.72 -4.59 44.76
C ILE A 103 -11.62 -3.54 44.75
N SER A 104 -10.83 -3.51 43.69
CA SER A 104 -9.75 -2.54 43.58
C SER A 104 -9.87 -1.85 42.22
N ALA A 105 -8.85 -1.07 41.86
CA ALA A 105 -8.85 -0.36 40.59
C ALA A 105 -7.44 -0.01 40.14
N GLN A 106 -7.34 0.58 38.96
CA GLN A 106 -6.07 0.97 38.37
C GLN A 106 -6.12 2.41 37.89
N GLN A 107 -5.03 3.15 38.03
CA GLN A 107 -5.01 4.51 37.54
C GLN A 107 -3.90 4.61 36.49
N VAL A 108 -3.89 5.69 35.73
CA VAL A 108 -2.85 5.92 34.73
C VAL A 108 -2.08 7.13 35.22
N ASN A 109 -0.81 6.94 35.54
CA ASN A 109 0.06 8.03 36.02
C ASN A 109 0.96 8.48 34.89
N TYR A 110 1.40 9.72 34.95
CA TYR A 110 2.30 10.23 33.92
C TYR A 110 3.23 11.27 34.52
N ASN A 111 4.37 11.47 33.88
CA ASN A 111 5.35 12.41 34.38
C ASN A 111 5.45 13.67 33.51
N LEU A 112 4.68 14.69 33.86
CA LEU A 112 4.71 15.95 33.12
C LEU A 112 4.81 17.08 34.13
N PRO A 113 6.03 17.39 34.58
CA PRO A 113 6.15 18.48 35.55
C PRO A 113 5.63 19.80 35.01
N GLY A 114 4.93 20.54 35.86
CA GLY A 114 4.40 21.82 35.41
C GLY A 114 2.94 21.74 34.96
N VAL A 115 2.46 20.54 34.65
CA VAL A 115 1.08 20.36 34.22
C VAL A 115 0.20 20.04 35.43
N SER A 116 -0.43 21.07 35.99
CA SER A 116 -1.28 20.94 37.16
C SER A 116 -2.54 20.09 36.99
N GLU A 117 -3.18 20.21 35.84
CA GLU A 117 -4.41 19.48 35.58
C GLU A 117 -4.33 17.95 35.54
N HIS A 118 -5.49 17.33 35.78
CA HIS A 118 -5.61 15.88 35.70
C HIS A 118 -6.00 15.70 34.25
N LEU A 119 -5.03 15.40 33.40
CA LEU A 119 -5.30 15.25 31.99
C LEU A 119 -6.37 14.20 31.72
N LYS A 120 -7.18 14.45 30.69
CA LYS A 120 -8.22 13.51 30.33
C LYS A 120 -7.71 12.61 29.21
N LEU A 121 -7.91 11.31 29.38
CA LEU A 121 -7.48 10.32 28.40
C LEU A 121 -8.53 9.21 28.32
N ASN A 122 -8.50 8.43 27.26
CA ASN A 122 -9.41 7.31 27.14
C ASN A 122 -8.65 6.13 26.53
N GLY A 123 -9.32 5.01 26.34
CA GLY A 123 -8.65 3.83 25.79
C GLY A 123 -8.16 3.98 24.38
N LYS A 124 -8.87 4.78 23.58
CA LYS A 124 -8.50 5.01 22.18
C LYS A 124 -7.17 5.77 22.12
N VAL A 125 -7.04 6.83 22.92
CA VAL A 125 -5.82 7.63 22.92
C VAL A 125 -4.65 6.88 23.54
N LEU A 126 -4.90 6.09 24.57
CA LEU A 126 -3.86 5.32 25.22
C LEU A 126 -3.35 4.19 24.31
N ALA A 127 -4.25 3.60 23.52
CA ALA A 127 -3.81 2.55 22.63
C ALA A 127 -2.86 3.15 21.60
N ALA A 128 -3.19 4.35 21.12
CA ALA A 128 -2.35 5.04 20.14
C ALA A 128 -0.96 5.30 20.71
N MET A 129 -0.90 5.68 21.98
CA MET A 129 0.38 5.94 22.65
C MET A 129 1.20 4.65 22.72
N TYR A 130 0.55 3.56 23.13
CA TYR A 130 1.26 2.29 23.22
C TYR A 130 1.55 1.65 21.87
N GLN A 131 0.94 2.18 20.81
CA GLN A 131 1.18 1.65 19.47
C GLN A 131 2.19 2.52 18.74
N GLY A 132 2.57 3.64 19.36
CA GLY A 132 3.55 4.50 18.75
C GLY A 132 3.00 5.53 17.77
N THR A 133 1.69 5.62 17.62
CA THR A 133 1.13 6.60 16.71
C THR A 133 1.04 7.98 17.36
N ILE A 134 0.98 8.04 18.69
CA ILE A 134 1.00 9.34 19.36
C ILE A 134 2.40 9.38 19.93
N LYS A 135 3.21 10.31 19.44
CA LYS A 135 4.61 10.40 19.89
C LYS A 135 4.95 11.52 20.85
N THR A 136 4.07 12.51 20.98
CA THR A 136 4.33 13.65 21.86
C THR A 136 3.09 14.01 22.69
N TRP A 137 3.30 14.64 23.84
CA TRP A 137 2.17 14.99 24.70
C TRP A 137 1.28 16.14 24.21
N ASP A 138 1.68 16.83 23.14
CA ASP A 138 0.84 17.90 22.61
C ASP A 138 0.19 17.44 21.32
N ASP A 139 0.14 16.13 21.12
CA ASP A 139 -0.49 15.56 19.93
C ASP A 139 -1.94 16.04 19.83
N PRO A 140 -2.43 16.29 18.61
CA PRO A 140 -3.81 16.75 18.42
C PRO A 140 -4.87 15.96 19.19
N GLN A 141 -4.76 14.63 19.19
CA GLN A 141 -5.73 13.80 19.90
C GLN A 141 -5.75 14.07 21.40
N ILE A 142 -4.65 14.56 21.96
CA ILE A 142 -4.62 14.85 23.39
C ILE A 142 -5.16 16.25 23.65
N ALA A 143 -4.76 17.18 22.79
CA ALA A 143 -5.20 18.55 22.95
C ALA A 143 -6.72 18.65 22.77
N ALA A 144 -7.28 17.80 21.90
CA ALA A 144 -8.73 17.83 21.68
C ALA A 144 -9.52 17.48 22.94
N LEU A 145 -8.97 16.63 23.77
CA LEU A 145 -9.61 16.22 25.02
C LEU A 145 -9.31 17.16 26.18
N ASN A 146 -8.31 18.03 26.03
CA ASN A 146 -7.92 18.92 27.11
C ASN A 146 -7.75 20.35 26.67
N PRO A 147 -8.85 20.97 26.23
CA PRO A 147 -8.84 22.35 25.77
C PRO A 147 -8.33 23.32 26.84
N GLY A 148 -7.52 24.28 26.43
CA GLY A 148 -7.01 25.25 27.39
C GLY A 148 -5.75 24.86 28.13
N VAL A 149 -5.41 23.58 28.14
CA VAL A 149 -4.21 23.15 28.83
C VAL A 149 -3.01 23.32 27.90
N ASN A 150 -1.92 23.85 28.45
CA ASN A 150 -0.70 24.04 27.67
C ASN A 150 0.09 22.74 27.74
N LEU A 151 -0.07 21.91 26.72
CA LEU A 151 0.62 20.62 26.65
C LEU A 151 2.01 20.77 26.05
N PRO A 152 3.03 20.23 26.72
CA PRO A 152 4.42 20.30 26.24
C PRO A 152 4.65 19.37 25.05
N GLY A 153 5.76 19.58 24.34
CA GLY A 153 6.06 18.74 23.20
C GLY A 153 6.87 17.51 23.61
N THR A 154 6.86 17.20 24.90
CA THR A 154 7.60 16.07 25.46
C THR A 154 7.20 14.78 24.77
N ALA A 155 8.19 13.92 24.53
CA ALA A 155 7.95 12.64 23.87
C ALA A 155 7.27 11.70 24.83
N VAL A 156 6.38 10.86 24.31
CA VAL A 156 5.69 9.91 25.16
C VAL A 156 6.56 8.68 25.32
N VAL A 157 6.61 8.13 26.54
CA VAL A 157 7.38 6.93 26.81
C VAL A 157 6.41 5.96 27.47
N PRO A 158 5.82 5.06 26.67
CA PRO A 158 4.85 4.09 27.17
C PRO A 158 5.48 2.93 27.88
N LEU A 159 5.43 2.98 29.21
CA LEU A 159 6.03 1.92 30.03
C LEU A 159 5.05 0.77 30.23
N HIS A 160 5.58 -0.43 30.41
CA HIS A 160 4.77 -1.62 30.64
C HIS A 160 5.51 -2.54 31.62
N ARG A 161 4.75 -3.40 32.29
CA ARG A 161 5.28 -4.35 33.27
C ARG A 161 6.08 -5.43 32.58
N SER A 162 7.24 -5.76 33.13
CA SER A 162 8.08 -6.79 32.57
C SER A 162 7.67 -8.18 33.06
N ASP A 163 7.08 -8.24 34.26
CA ASP A 163 6.64 -9.51 34.84
C ASP A 163 5.14 -9.79 34.56
N GLY A 164 4.76 -11.08 34.55
CA GLY A 164 3.37 -11.45 34.31
C GLY A 164 2.57 -10.67 35.33
N SER A 165 1.64 -9.84 34.87
CA SER A 165 0.92 -8.95 35.79
C SER A 165 -0.57 -8.76 35.63
N GLY A 166 -1.25 -8.68 36.77
CA GLY A 166 -2.70 -8.48 36.77
C GLY A 166 -2.99 -7.08 36.23
N ASP A 167 -2.14 -6.12 36.57
CA ASP A 167 -2.34 -4.75 36.10
C ASP A 167 -2.26 -4.74 34.57
N THR A 168 -1.38 -5.55 34.00
CA THR A 168 -1.29 -5.60 32.54
C THR A 168 -2.62 -6.10 31.98
N PHE A 169 -3.15 -7.15 32.60
CA PHE A 169 -4.42 -7.74 32.17
C PHE A 169 -5.50 -6.65 32.20
N LEU A 170 -5.61 -5.95 33.33
CA LEU A 170 -6.61 -4.89 33.46
C LEU A 170 -6.43 -3.76 32.45
N PHE A 171 -5.21 -3.28 32.31
CA PHE A 171 -4.95 -2.19 31.38
C PHE A 171 -5.30 -2.58 29.94
N THR A 172 -4.76 -3.71 29.49
CA THR A 172 -4.99 -4.18 28.13
C THR A 172 -6.44 -4.57 27.83
N GLN A 173 -7.25 -4.81 28.87
CA GLN A 173 -8.67 -5.11 28.62
C GLN A 173 -9.37 -3.79 28.34
N TYR A 174 -8.96 -2.75 29.05
CA TYR A 174 -9.54 -1.42 28.85
C TYR A 174 -9.27 -0.99 27.41
N LEU A 175 -8.01 -1.12 27.00
CA LEU A 175 -7.57 -0.78 25.66
C LEU A 175 -8.30 -1.65 24.62
N SER A 176 -8.49 -2.93 24.93
CA SER A 176 -9.18 -3.82 24.01
C SER A 176 -10.67 -3.50 23.88
N LYS A 177 -11.31 -3.14 24.99
CA LYS A 177 -12.73 -2.81 24.97
C LYS A 177 -13.02 -1.50 24.27
N GLN A 178 -12.15 -0.52 24.47
CA GLN A 178 -12.37 0.78 23.85
C GLN A 178 -11.86 0.87 22.42
N ASP A 179 -10.92 0.00 22.03
CA ASP A 179 -10.37 0.02 20.68
C ASP A 179 -10.50 -1.39 20.09
N PRO A 180 -11.73 -1.90 19.96
CA PRO A 180 -12.04 -3.23 19.43
C PRO A 180 -11.37 -3.56 18.09
N GLU A 181 -11.38 -2.61 17.16
CA GLU A 181 -10.79 -2.86 15.85
C GLU A 181 -9.29 -2.68 15.76
N GLY A 182 -8.69 -2.12 16.81
CA GLY A 182 -7.26 -1.92 16.81
C GLY A 182 -6.63 -2.83 17.84
N TRP A 183 -6.33 -2.26 19.01
CA TRP A 183 -5.72 -3.03 20.08
C TRP A 183 -6.50 -4.32 20.33
N GLY A 184 -7.81 -4.24 20.28
CA GLY A 184 -8.63 -5.42 20.50
C GLY A 184 -8.23 -6.61 19.67
N LYS A 185 -7.88 -6.38 18.41
CA LYS A 185 -7.47 -7.48 17.52
C LYS A 185 -6.04 -7.92 17.75
N SER A 186 -5.18 -6.98 18.09
CA SER A 186 -3.77 -7.27 18.37
C SER A 186 -3.14 -6.08 19.09
N PRO A 187 -2.42 -6.35 20.18
CA PRO A 187 -2.15 -7.66 20.76
C PRO A 187 -3.18 -8.20 21.77
N GLY A 188 -4.35 -7.59 21.85
CA GLY A 188 -5.34 -8.11 22.80
C GLY A 188 -4.93 -7.93 24.25
N PHE A 189 -5.42 -8.79 25.14
CA PHE A 189 -5.11 -8.66 26.56
C PHE A 189 -4.58 -9.92 27.19
N GLY A 190 -4.11 -9.81 28.42
CA GLY A 190 -3.58 -10.95 29.14
C GLY A 190 -2.65 -10.46 30.24
N THR A 191 -2.09 -11.38 31.02
CA THR A 191 -1.17 -11.00 32.10
C THR A 191 0.21 -10.73 31.51
N THR A 192 0.44 -11.32 30.35
CA THR A 192 1.67 -11.15 29.58
C THR A 192 1.16 -10.80 28.19
N VAL A 193 1.65 -9.70 27.63
CA VAL A 193 1.22 -9.26 26.31
C VAL A 193 2.43 -8.83 25.50
N ASP A 194 2.38 -9.05 24.19
CA ASP A 194 3.47 -8.63 23.32
C ASP A 194 3.29 -7.15 23.01
N PHE A 195 3.84 -6.28 23.85
CA PHE A 195 3.68 -4.85 23.61
C PHE A 195 4.35 -4.45 22.32
N PRO A 196 3.74 -3.52 21.57
CA PRO A 196 4.33 -3.06 20.30
C PRO A 196 5.73 -2.53 20.56
N ALA A 197 6.68 -2.93 19.72
CA ALA A 197 8.06 -2.49 19.87
C ALA A 197 8.23 -1.08 19.35
N VAL A 198 7.79 -0.08 20.11
CA VAL A 198 7.91 1.31 19.69
C VAL A 198 8.94 2.02 20.57
N PRO A 199 9.44 3.19 20.13
CA PRO A 199 10.42 3.86 20.98
C PRO A 199 9.88 4.12 22.39
N GLY A 200 10.60 3.65 23.40
CA GLY A 200 10.15 3.87 24.76
C GLY A 200 9.30 2.76 25.35
N ALA A 201 9.07 1.68 24.60
CA ALA A 201 8.28 0.56 25.11
C ALA A 201 9.22 -0.24 26.03
N LEU A 202 9.41 0.29 27.24
CA LEU A 202 10.31 -0.30 28.22
C LEU A 202 9.58 -1.07 29.32
N GLY A 203 10.21 -2.13 29.80
CA GLY A 203 9.57 -2.94 30.84
C GLY A 203 10.05 -2.66 32.25
N GLU A 204 9.11 -2.60 33.20
CA GLU A 204 9.46 -2.36 34.60
C GLU A 204 8.86 -3.51 35.42
N ASN A 205 9.57 -3.89 36.48
CA ASN A 205 9.13 -4.97 37.35
C ASN A 205 8.24 -4.47 38.50
N GLY A 206 7.07 -5.10 38.64
CA GLY A 206 6.14 -4.75 39.71
C GLY A 206 5.61 -3.33 39.70
N ASN A 207 4.60 -3.06 40.51
CA ASN A 207 4.04 -1.70 40.58
C ASN A 207 5.10 -0.71 41.05
N GLY A 208 5.94 -1.12 41.99
CA GLY A 208 6.96 -0.24 42.49
C GLY A 208 7.82 0.22 41.35
N GLY A 209 8.27 -0.72 40.54
CA GLY A 209 9.11 -0.42 39.40
C GLY A 209 8.44 0.53 38.42
N MET A 210 7.13 0.43 38.28
CA MET A 210 6.40 1.32 37.38
C MET A 210 6.42 2.75 37.94
N VAL A 211 6.20 2.90 39.25
CA VAL A 211 6.22 4.21 39.89
C VAL A 211 7.59 4.82 39.69
N THR A 212 8.62 4.08 40.12
CA THR A 212 10.02 4.50 39.99
C THR A 212 10.39 4.82 38.55
N GLY A 213 10.02 3.95 37.63
CA GLY A 213 10.34 4.18 36.23
C GLY A 213 9.72 5.45 35.69
N CYS A 214 8.44 5.63 36.00
CA CYS A 214 7.69 6.79 35.53
C CYS A 214 8.24 8.12 36.06
N ALA A 215 8.63 8.13 37.34
CA ALA A 215 9.15 9.32 37.99
C ALA A 215 10.54 9.69 37.49
N GLU A 216 11.22 8.69 36.95
CA GLU A 216 12.58 8.85 36.45
C GLU A 216 12.73 9.85 35.31
N THR A 217 11.85 9.75 34.32
CA THR A 217 11.95 10.63 33.19
C THR A 217 10.63 11.24 32.73
N PRO A 218 10.59 12.58 32.60
CA PRO A 218 9.40 13.32 32.16
C PRO A 218 8.93 12.78 30.83
N GLY A 219 7.61 12.61 30.70
CA GLY A 219 7.04 12.08 29.47
C GLY A 219 6.57 10.64 29.58
N CYS A 220 6.93 9.97 30.67
CA CYS A 220 6.53 8.58 30.88
C CYS A 220 5.04 8.42 31.19
N VAL A 221 4.48 7.29 30.80
CA VAL A 221 3.08 6.96 31.03
C VAL A 221 3.11 5.56 31.63
N ALA A 222 2.30 5.30 32.65
CA ALA A 222 2.28 3.98 33.26
C ALA A 222 0.96 3.62 33.91
N TYR A 223 0.56 2.36 33.78
CA TYR A 223 -0.65 1.88 34.42
C TYR A 223 -0.16 1.34 35.76
N ILE A 224 -0.76 1.83 36.83
CA ILE A 224 -0.34 1.48 38.19
C ILE A 224 -1.54 1.23 39.11
N GLY A 225 -1.44 0.17 39.91
CA GLY A 225 -2.51 -0.19 40.84
C GLY A 225 -2.83 0.89 41.88
N ILE A 226 -4.10 0.99 42.26
CA ILE A 226 -4.53 2.01 43.21
C ILE A 226 -3.86 2.00 44.60
N SER A 227 -3.37 0.84 45.04
CA SER A 227 -2.71 0.77 46.34
C SER A 227 -1.32 1.43 46.29
N PHE A 228 -0.95 1.90 45.11
CA PHE A 228 0.33 2.60 44.95
C PHE A 228 0.07 4.05 44.57
N LEU A 229 -1.21 4.43 44.66
CA LEU A 229 -1.61 5.79 44.32
C LEU A 229 -0.86 6.81 45.17
N ASP A 230 -0.84 6.59 46.48
CA ASP A 230 -0.17 7.51 47.38
C ASP A 230 1.29 7.68 47.02
N GLN A 231 1.99 6.58 46.76
CA GLN A 231 3.40 6.64 46.38
C GLN A 231 3.59 7.43 45.11
N ALA A 232 2.78 7.15 44.10
CA ALA A 232 2.86 7.84 42.82
C ALA A 232 2.75 9.35 43.00
N SER A 233 1.77 9.78 43.80
CA SER A 233 1.55 11.20 44.06
C SER A 233 2.75 11.81 44.74
N GLN A 234 3.25 11.14 45.78
CA GLN A 234 4.41 11.61 46.53
C GLN A 234 5.61 11.80 45.62
N ARG A 235 5.66 11.06 44.53
CA ARG A 235 6.77 11.19 43.59
C ARG A 235 6.49 12.32 42.63
N GLY A 236 5.32 12.95 42.76
CA GLY A 236 4.96 14.06 41.90
C GLY A 236 4.40 13.68 40.54
N LEU A 237 3.86 12.48 40.41
CA LEU A 237 3.29 12.03 39.15
C LEU A 237 1.85 12.55 38.98
N GLY A 238 1.46 12.83 37.75
CA GLY A 238 0.11 13.28 37.48
C GLY A 238 -0.80 12.07 37.48
N GLU A 239 -2.11 12.30 37.60
CA GLU A 239 -3.06 11.20 37.58
C GLU A 239 -4.17 11.55 36.59
N ALA A 240 -4.35 10.68 35.61
CA ALA A 240 -5.33 10.94 34.57
C ALA A 240 -6.78 10.65 34.94
N GLN A 241 -7.68 11.36 34.27
CA GLN A 241 -9.11 11.18 34.38
C GLN A 241 -9.33 10.29 33.17
N LEU A 242 -9.93 9.12 33.35
CA LEU A 242 -10.15 8.22 32.22
C LEU A 242 -11.58 8.23 31.75
N GLY A 243 -11.77 8.24 30.44
CA GLY A 243 -13.12 8.27 29.91
C GLY A 243 -13.81 6.92 29.96
N ASN A 244 -15.08 6.90 30.36
CA ASN A 244 -15.84 5.65 30.41
C ASN A 244 -16.73 5.62 29.15
N SER A 245 -17.52 4.57 28.98
CA SER A 245 -18.35 4.44 27.78
C SER A 245 -19.52 5.43 27.70
N SER A 246 -19.84 6.08 28.82
CA SER A 246 -20.93 7.06 28.82
C SER A 246 -20.41 8.46 28.48
N GLY A 247 -19.14 8.54 28.09
CA GLY A 247 -18.58 9.83 27.74
C GLY A 247 -18.06 10.65 28.92
N ASN A 248 -18.10 10.07 30.11
CA ASN A 248 -17.63 10.74 31.31
C ASN A 248 -16.16 10.44 31.57
N PHE A 249 -15.47 11.38 32.20
CA PHE A 249 -14.06 11.20 32.54
C PHE A 249 -13.98 11.22 34.04
N LEU A 250 -13.51 10.13 34.64
CA LEU A 250 -13.44 10.01 36.10
C LEU A 250 -12.07 9.65 36.68
N LEU A 251 -11.89 10.04 37.94
CA LEU A 251 -10.69 9.75 38.73
C LEU A 251 -11.06 8.51 39.53
N PRO A 252 -10.07 7.70 39.91
CA PRO A 252 -10.50 6.54 40.69
C PRO A 252 -10.61 6.90 42.17
N ASP A 253 -11.83 6.94 42.69
CA ASP A 253 -12.05 7.23 44.09
C ASP A 253 -13.27 6.43 44.50
N ALA A 254 -13.57 6.45 45.79
CA ALA A 254 -14.69 5.72 46.37
C ALA A 254 -15.96 5.87 45.55
N GLN A 255 -16.33 7.12 45.28
CA GLN A 255 -17.53 7.41 44.52
C GLN A 255 -17.60 6.73 43.16
N SER A 256 -16.59 6.94 42.33
CA SER A 256 -16.60 6.36 41.00
C SER A 256 -16.50 4.83 41.02
N ILE A 257 -15.81 4.27 42.00
CA ILE A 257 -15.70 2.82 42.06
C ILE A 257 -16.98 2.19 42.61
N GLN A 258 -17.60 2.84 43.58
CA GLN A 258 -18.86 2.31 44.12
C GLN A 258 -19.91 2.36 43.02
N ALA A 259 -19.81 3.38 42.17
CA ALA A 259 -20.75 3.54 41.07
C ALA A 259 -20.50 2.52 39.96
N ALA A 260 -19.23 2.20 39.69
CA ALA A 260 -18.91 1.23 38.64
C ALA A 260 -19.28 -0.19 39.06
N ALA A 261 -19.10 -0.49 40.34
CA ALA A 261 -19.41 -1.81 40.88
C ALA A 261 -20.92 -2.12 40.85
N ALA A 262 -21.75 -1.09 41.00
CA ALA A 262 -23.20 -1.29 40.97
C ALA A 262 -23.60 -1.95 39.67
N GLY A 263 -22.78 -1.76 38.64
CA GLY A 263 -23.09 -2.34 37.35
C GLY A 263 -22.95 -3.85 37.31
N PHE A 264 -22.17 -4.42 38.23
CA PHE A 264 -21.98 -5.86 38.21
C PHE A 264 -22.31 -6.60 39.50
N ALA A 265 -22.84 -5.89 40.50
CA ALA A 265 -23.19 -6.51 41.78
C ALA A 265 -24.17 -7.68 41.69
N SER A 266 -25.10 -7.61 40.75
CA SER A 266 -26.09 -8.68 40.56
C SER A 266 -25.77 -9.54 39.36
N LYS A 267 -24.66 -9.25 38.69
CA LYS A 267 -24.29 -9.99 37.48
C LYS A 267 -23.01 -10.82 37.62
N THR A 268 -22.58 -11.12 38.84
CA THR A 268 -21.37 -11.91 39.01
C THR A 268 -21.72 -13.41 38.93
N PRO A 269 -21.03 -14.17 38.06
CA PRO A 269 -21.22 -15.61 37.85
C PRO A 269 -20.82 -16.40 39.08
N ALA A 270 -21.27 -17.66 39.19
CA ALA A 270 -20.92 -18.49 40.33
C ALA A 270 -19.43 -18.75 40.45
N ASN A 271 -18.70 -18.75 39.33
CA ASN A 271 -17.27 -18.99 39.42
C ASN A 271 -16.48 -17.70 39.58
N GLN A 272 -17.22 -16.60 39.64
CA GLN A 272 -16.67 -15.24 39.83
C GLN A 272 -15.69 -14.70 38.80
N ALA A 273 -15.56 -15.37 37.67
CA ALA A 273 -14.65 -14.89 36.63
C ALA A 273 -15.46 -13.90 35.83
N ILE A 274 -15.23 -12.61 36.07
CA ILE A 274 -15.98 -11.60 35.38
C ILE A 274 -15.13 -10.34 35.23
N SER A 275 -15.21 -9.73 34.06
CA SER A 275 -14.50 -8.52 33.81
C SER A 275 -15.43 -7.37 34.10
N MET A 276 -15.00 -6.44 34.96
CA MET A 276 -15.82 -5.27 35.27
C MET A 276 -15.22 -4.03 34.64
N ILE A 277 -14.45 -4.25 33.58
CA ILE A 277 -13.79 -3.16 32.85
C ILE A 277 -14.78 -2.42 31.96
N ASP A 278 -14.63 -1.10 31.89
CA ASP A 278 -15.47 -0.23 31.08
C ASP A 278 -16.97 -0.54 31.12
N GLY A 279 -17.53 -0.54 32.32
CA GLY A 279 -18.94 -0.81 32.51
C GLY A 279 -19.88 0.28 32.04
N PRO A 280 -21.20 0.07 32.16
CA PRO A 280 -22.18 1.06 31.71
C PRO A 280 -22.56 2.15 32.70
N ALA A 281 -22.14 2.04 33.95
CA ALA A 281 -22.50 3.07 34.92
C ALA A 281 -21.98 4.43 34.44
N PRO A 282 -22.91 5.38 34.22
CA PRO A 282 -22.56 6.74 33.76
C PRO A 282 -21.45 7.39 34.57
N ASP A 283 -21.52 7.22 35.89
CA ASP A 283 -20.56 7.81 36.82
C ASP A 283 -19.49 6.85 37.31
N GLY A 284 -19.37 5.70 36.66
CA GLY A 284 -18.40 4.70 37.10
C GLY A 284 -17.03 4.73 36.46
N TYR A 285 -16.00 4.50 37.28
CA TYR A 285 -14.61 4.47 36.82
C TYR A 285 -14.47 3.25 35.89
N PRO A 286 -13.75 3.40 34.77
CA PRO A 286 -13.61 2.27 33.85
C PRO A 286 -12.72 1.09 34.22
N ILE A 287 -11.73 1.27 35.09
CA ILE A 287 -10.89 0.13 35.43
C ILE A 287 -11.01 -0.27 36.88
N ILE A 288 -11.92 -1.20 37.16
CA ILE A 288 -12.09 -1.72 38.51
C ILE A 288 -12.03 -3.22 38.33
N ASN A 289 -11.81 -3.95 39.41
CA ASN A 289 -11.70 -5.38 39.32
C ASN A 289 -11.79 -5.99 40.70
N TYR A 290 -12.10 -7.28 40.74
CA TYR A 290 -12.12 -8.03 41.98
C TYR A 290 -10.68 -8.47 42.20
N GLU A 291 -10.25 -8.53 43.45
CA GLU A 291 -8.91 -9.04 43.74
C GLU A 291 -9.22 -10.49 44.05
N TYR A 292 -8.42 -11.40 43.49
CA TYR A 292 -8.65 -12.82 43.64
C TYR A 292 -7.63 -13.62 44.45
N ALA A 293 -8.13 -14.60 45.18
CA ALA A 293 -7.27 -15.52 45.89
C ALA A 293 -7.39 -16.75 44.99
N ILE A 294 -6.27 -17.18 44.40
CA ILE A 294 -6.28 -18.36 43.54
C ILE A 294 -5.93 -19.51 44.45
N VAL A 295 -6.88 -20.41 44.68
CA VAL A 295 -6.65 -21.52 45.58
C VAL A 295 -7.15 -22.85 45.04
N ASN A 296 -6.47 -23.92 45.41
CA ASN A 296 -6.87 -25.24 44.95
C ASN A 296 -7.85 -25.86 45.92
N ASN A 297 -8.87 -26.46 45.34
CA ASN A 297 -9.96 -27.14 46.03
C ASN A 297 -9.52 -28.31 46.94
N ARG A 298 -8.25 -28.71 46.87
CA ARG A 298 -7.75 -29.78 47.73
C ARG A 298 -6.45 -29.38 48.40
N GLN A 299 -6.44 -29.43 49.73
CA GLN A 299 -5.25 -29.06 50.50
C GLN A 299 -4.50 -30.23 51.13
N LYS A 300 -3.31 -29.91 51.64
CA LYS A 300 -2.41 -30.87 52.28
C LYS A 300 -3.05 -31.82 53.31
N ASP A 301 -3.83 -31.26 54.22
CA ASP A 301 -4.47 -32.04 55.27
C ASP A 301 -5.68 -31.29 55.81
N ALA A 302 -6.37 -31.89 56.77
CA ALA A 302 -7.56 -31.28 57.35
C ALA A 302 -7.29 -29.97 58.08
N ALA A 303 -6.20 -29.93 58.82
CA ALA A 303 -5.86 -28.74 59.58
C ALA A 303 -5.62 -27.54 58.68
N THR A 304 -4.90 -27.77 57.60
CA THR A 304 -4.58 -26.71 56.65
C THR A 304 -5.81 -26.25 55.87
N ALA A 305 -6.64 -27.20 55.46
CA ALA A 305 -7.84 -26.84 54.72
C ALA A 305 -8.74 -25.97 55.62
N GLN A 306 -8.88 -26.37 56.89
CA GLN A 306 -9.75 -25.63 57.80
C GLN A 306 -9.26 -24.23 58.09
N THR A 307 -7.95 -24.08 58.21
CA THR A 307 -7.35 -22.79 58.50
C THR A 307 -7.43 -21.87 57.29
N LEU A 308 -7.25 -22.43 56.09
CA LEU A 308 -7.33 -21.60 54.89
C LEU A 308 -8.77 -21.11 54.75
N GLN A 309 -9.74 -21.99 55.03
CA GLN A 309 -11.14 -21.59 54.96
C GLN A 309 -11.38 -20.47 55.98
N ALA A 310 -10.97 -20.70 57.21
CA ALA A 310 -11.14 -19.72 58.28
C ALA A 310 -10.58 -18.37 57.86
N PHE A 311 -9.37 -18.36 57.33
CA PHE A 311 -8.72 -17.11 56.92
C PHE A 311 -9.45 -16.40 55.80
N LEU A 312 -9.78 -17.12 54.73
CA LEU A 312 -10.48 -16.53 53.60
C LEU A 312 -11.86 -15.94 53.98
N HIS A 313 -12.62 -16.64 54.80
CA HIS A 313 -13.92 -16.14 55.24
C HIS A 313 -13.72 -14.91 56.12
N TRP A 314 -12.68 -14.93 56.94
CA TRP A 314 -12.35 -13.80 57.80
C TRP A 314 -12.05 -12.58 56.91
N ALA A 315 -11.20 -12.81 55.92
CA ALA A 315 -10.79 -11.77 54.99
C ALA A 315 -11.95 -11.09 54.28
N ILE A 316 -12.98 -11.84 53.92
CA ILE A 316 -14.12 -11.26 53.21
C ILE A 316 -15.21 -10.71 54.15
N THR A 317 -15.00 -10.80 55.45
CA THR A 317 -15.98 -10.25 56.37
C THR A 317 -15.21 -9.23 57.21
N ASP A 318 -14.54 -9.67 58.26
CA ASP A 318 -13.77 -8.74 59.08
C ASP A 318 -12.72 -8.02 58.22
N GLY A 319 -12.04 -8.77 57.36
CA GLY A 319 -11.03 -8.16 56.50
C GLY A 319 -11.53 -7.12 55.52
N ASN A 320 -12.85 -7.09 55.27
CA ASN A 320 -13.45 -6.12 54.34
C ASN A 320 -13.91 -4.83 55.03
N LYS A 321 -13.61 -4.66 56.32
CA LYS A 321 -13.99 -3.43 57.00
C LYS A 321 -13.11 -2.29 56.53
N ALA A 322 -13.67 -1.08 56.55
CA ALA A 322 -12.98 0.11 56.11
C ALA A 322 -11.61 0.33 56.76
N SER A 323 -11.46 -0.04 58.01
CA SER A 323 -10.17 0.12 58.69
C SER A 323 -9.06 -0.52 57.87
N PHE A 324 -9.39 -1.59 57.16
CA PHE A 324 -8.41 -2.27 56.32
C PHE A 324 -8.40 -1.73 54.90
N LEU A 325 -9.55 -1.83 54.23
CA LEU A 325 -9.63 -1.40 52.84
C LEU A 325 -9.33 0.06 52.55
N ASP A 326 -9.76 0.95 53.43
CA ASP A 326 -9.50 2.35 53.16
C ASP A 326 -8.01 2.70 53.05
N GLN A 327 -7.16 1.86 53.65
CA GLN A 327 -5.73 2.12 53.61
C GLN A 327 -5.11 1.92 52.22
N VAL A 328 -5.67 1.02 51.42
CA VAL A 328 -5.16 0.77 50.07
C VAL A 328 -6.12 1.24 49.00
N HIS A 329 -7.16 1.96 49.42
CA HIS A 329 -8.16 2.51 48.51
C HIS A 329 -9.06 1.49 47.81
N PHE A 330 -9.40 0.40 48.49
CA PHE A 330 -10.27 -0.63 47.94
C PHE A 330 -11.68 -0.46 48.51
N GLN A 331 -12.63 -1.18 47.93
CA GLN A 331 -14.02 -1.15 48.36
C GLN A 331 -14.40 -2.56 48.74
N PRO A 332 -15.39 -2.73 49.63
CA PRO A 332 -15.78 -4.09 50.03
C PRO A 332 -16.66 -4.76 49.00
N LEU A 333 -16.73 -6.08 49.07
CA LEU A 333 -17.57 -6.86 48.17
C LEU A 333 -19.02 -6.69 48.60
N PRO A 334 -19.95 -6.49 47.65
CA PRO A 334 -21.35 -6.35 48.06
C PRO A 334 -21.79 -7.72 48.59
N PRO A 335 -22.79 -7.75 49.47
CA PRO A 335 -23.24 -9.04 50.02
C PRO A 335 -23.51 -10.22 49.09
N ALA A 336 -24.13 -10.02 47.94
CA ALA A 336 -24.38 -11.16 47.08
C ALA A 336 -23.08 -11.81 46.66
N VAL A 337 -22.03 -11.00 46.50
CA VAL A 337 -20.74 -11.53 46.08
C VAL A 337 -20.03 -12.22 47.25
N VAL A 338 -20.20 -11.67 48.44
CA VAL A 338 -19.61 -12.27 49.63
C VAL A 338 -20.16 -13.69 49.76
N LYS A 339 -21.45 -13.84 49.47
CA LYS A 339 -22.08 -15.14 49.54
C LYS A 339 -21.44 -16.11 48.55
N LEU A 340 -21.21 -15.65 47.32
CA LEU A 340 -20.60 -16.50 46.29
C LEU A 340 -19.19 -16.93 46.68
N SER A 341 -18.41 -16.02 47.26
CA SER A 341 -17.06 -16.34 47.71
C SER A 341 -17.13 -17.44 48.77
N ASP A 342 -18.02 -17.26 49.73
CA ASP A 342 -18.18 -18.23 50.81
C ASP A 342 -18.50 -19.60 50.24
N ALA A 343 -19.38 -19.65 49.25
CA ALA A 343 -19.76 -20.91 48.64
C ALA A 343 -18.52 -21.62 48.06
N LEU A 344 -17.57 -20.85 47.54
CA LEU A 344 -16.37 -21.46 46.97
C LEU A 344 -15.39 -21.85 48.09
N ILE A 345 -15.27 -20.98 49.09
CA ILE A 345 -14.39 -21.24 50.24
C ILE A 345 -14.73 -22.58 50.85
N ALA A 346 -16.03 -22.85 50.94
CA ALA A 346 -16.57 -24.05 51.54
C ALA A 346 -16.23 -25.36 50.84
N THR A 347 -15.72 -25.29 49.61
CA THR A 347 -15.40 -26.54 48.91
C THR A 347 -13.94 -26.91 49.16
N ILE A 348 -13.24 -26.07 49.92
CA ILE A 348 -11.84 -26.33 50.21
C ILE A 348 -11.74 -27.50 51.18
N SER A 349 -11.19 -28.62 50.71
CA SER A 349 -11.06 -29.84 51.52
C SER A 349 -9.66 -30.47 51.43
N SER A 350 -9.55 -31.71 51.89
CA SER A 350 -8.29 -32.45 51.88
C SER A 350 -8.55 -33.94 51.74
N VAL B 18 -7.87 -6.91 -29.30
CA VAL B 18 -6.43 -6.79 -29.10
C VAL B 18 -6.05 -7.01 -27.63
N ALA B 19 -4.95 -7.72 -27.41
CA ALA B 19 -4.47 -8.00 -26.07
C ALA B 19 -3.78 -6.75 -25.52
N THR B 20 -4.52 -6.01 -24.70
CA THR B 20 -4.03 -4.77 -24.11
C THR B 20 -2.92 -4.92 -23.07
N THR B 21 -2.76 -6.11 -22.51
CA THR B 21 -1.72 -6.34 -21.50
C THR B 21 -0.47 -7.04 -22.03
N PRO B 22 0.70 -6.44 -21.79
CA PRO B 22 1.98 -7.01 -22.23
C PRO B 22 2.38 -8.16 -21.29
N ALA B 23 3.32 -8.99 -21.72
CA ALA B 23 3.79 -10.10 -20.90
C ALA B 23 4.69 -9.52 -19.80
N SER B 24 4.59 -10.06 -18.59
CA SER B 24 5.39 -9.57 -17.47
C SER B 24 6.88 -9.83 -17.66
N SER B 25 7.22 -10.89 -18.37
CA SER B 25 8.61 -11.25 -18.61
C SER B 25 9.27 -10.26 -19.57
N PRO B 26 10.61 -10.22 -19.58
CA PRO B 26 11.36 -9.31 -20.45
C PRO B 26 11.15 -9.59 -21.94
N VAL B 27 10.93 -8.52 -22.70
CA VAL B 27 10.72 -8.61 -24.15
C VAL B 27 11.18 -7.33 -24.82
N THR B 28 11.92 -7.48 -25.92
CA THR B 28 12.42 -6.31 -26.65
C THR B 28 11.85 -6.24 -28.06
N LEU B 29 11.17 -5.15 -28.36
CA LEU B 29 10.58 -4.95 -29.68
C LEU B 29 11.49 -4.03 -30.48
N ALA B 30 12.00 -4.53 -31.60
CA ALA B 30 12.89 -3.75 -32.46
C ALA B 30 12.11 -3.06 -33.58
N GLU B 31 12.44 -1.80 -33.83
CA GLU B 31 11.78 -1.02 -34.87
C GLU B 31 12.78 -0.35 -35.80
N THR B 32 12.46 -0.32 -37.09
CA THR B 32 13.34 0.32 -38.07
C THR B 32 12.54 0.78 -39.29
N GLY B 33 13.09 1.74 -40.01
CA GLY B 33 12.42 2.23 -41.20
C GLY B 33 12.21 3.74 -41.21
N SER B 34 11.07 4.13 -41.79
CA SER B 34 10.65 5.51 -41.94
C SER B 34 11.28 6.55 -41.03
N THR B 35 12.04 7.47 -41.61
CA THR B 35 12.66 8.53 -40.84
C THR B 35 11.59 9.55 -40.44
N LEU B 36 10.52 9.60 -41.22
CA LEU B 36 9.41 10.51 -40.94
C LEU B 36 8.77 10.16 -39.61
N LEU B 37 8.54 8.87 -39.39
CA LEU B 37 7.92 8.39 -38.15
C LEU B 37 8.92 8.18 -37.04
N TYR B 38 10.21 8.09 -37.40
CA TYR B 38 11.27 7.86 -36.44
C TYR B 38 11.18 8.69 -35.16
N PRO B 39 11.22 10.03 -35.27
CA PRO B 39 11.13 10.92 -34.11
C PRO B 39 9.98 10.62 -33.14
N LEU B 40 8.80 10.37 -33.67
CA LEU B 40 7.65 10.07 -32.84
C LEU B 40 7.85 8.76 -32.08
N PHE B 41 8.67 7.87 -32.65
CA PHE B 41 8.93 6.60 -32.02
C PHE B 41 9.84 6.73 -30.80
N ASN B 42 10.69 7.75 -30.79
CA ASN B 42 11.58 7.95 -29.65
C ASN B 42 10.86 8.65 -28.49
N LEU B 43 9.60 8.97 -28.72
CA LEU B 43 8.76 9.61 -27.70
C LEU B 43 7.90 8.49 -27.13
N TRP B 44 7.46 7.59 -28.01
CA TRP B 44 6.63 6.46 -27.62
C TRP B 44 7.42 5.38 -26.88
N GLY B 45 8.60 5.08 -27.40
CA GLY B 45 9.44 4.06 -26.80
C GLY B 45 9.65 4.26 -25.31
N PRO B 46 10.13 5.42 -24.89
CA PRO B 46 10.37 5.72 -23.47
C PRO B 46 9.07 5.87 -22.67
N ALA B 47 8.00 6.24 -23.37
CA ALA B 47 6.70 6.43 -22.72
C ALA B 47 6.11 5.10 -22.28
N PHE B 48 6.11 4.15 -23.20
CA PHE B 48 5.58 2.81 -22.93
C PHE B 48 6.48 2.09 -21.93
N HIS B 49 7.79 2.30 -22.05
CA HIS B 49 8.76 1.65 -21.17
C HIS B 49 8.55 1.97 -19.69
N GLU B 50 8.52 3.25 -19.36
CA GLU B 50 8.31 3.66 -17.96
C GLU B 50 7.08 2.99 -17.36
N ARG B 51 6.09 2.68 -18.20
CA ARG B 51 4.87 2.04 -17.76
C ARG B 51 5.10 0.54 -17.63
N TYR B 52 5.88 -0.01 -18.55
CA TYR B 52 6.19 -1.43 -18.54
C TYR B 52 7.70 -1.63 -18.71
N PRO B 53 8.48 -1.34 -17.66
CA PRO B 53 9.94 -1.48 -17.66
C PRO B 53 10.46 -2.85 -18.12
N ASN B 54 9.59 -3.85 -18.10
CA ASN B 54 10.00 -5.18 -18.52
C ASN B 54 10.08 -5.25 -20.03
N VAL B 55 9.60 -4.20 -20.70
CA VAL B 55 9.60 -4.13 -22.15
C VAL B 55 10.56 -3.08 -22.68
N THR B 56 11.52 -3.50 -23.50
CA THR B 56 12.48 -2.58 -24.08
C THR B 56 12.28 -2.41 -25.58
N ILE B 57 12.30 -1.15 -26.02
CA ILE B 57 12.09 -0.84 -27.44
C ILE B 57 13.23 -0.04 -28.04
N THR B 58 13.71 -0.50 -29.20
CA THR B 58 14.79 0.15 -29.92
C THR B 58 14.28 0.59 -31.29
N ALA B 59 14.75 1.76 -31.76
CA ALA B 59 14.31 2.28 -33.05
C ALA B 59 15.46 2.55 -34.01
N GLN B 60 15.12 2.79 -35.27
CA GLN B 60 16.09 3.08 -36.32
C GLN B 60 15.42 3.84 -37.45
N GLY B 61 16.10 4.87 -37.95
CA GLY B 61 15.56 5.66 -39.04
C GLY B 61 16.28 5.30 -40.33
N THR B 62 15.84 4.21 -40.96
CA THR B 62 16.46 3.72 -42.19
C THR B 62 15.59 3.87 -43.44
N GLY B 63 14.60 4.76 -43.37
CA GLY B 63 13.71 4.95 -44.51
C GLY B 63 12.75 3.78 -44.62
N SER B 64 11.58 4.04 -45.20
CA SER B 64 10.56 3.02 -45.37
C SER B 64 11.09 1.76 -46.08
N GLY B 65 11.90 1.98 -47.12
CA GLY B 65 12.45 0.86 -47.87
C GLY B 65 13.00 -0.25 -46.99
N ALA B 66 13.92 0.11 -46.10
CA ALA B 66 14.55 -0.83 -45.18
C ALA B 66 13.59 -1.29 -44.08
N GLY B 67 12.55 -0.50 -43.86
CA GLY B 67 11.57 -0.84 -42.84
C GLY B 67 10.73 -2.00 -43.33
N ILE B 68 10.37 -1.97 -44.61
CA ILE B 68 9.56 -3.02 -45.21
C ILE B 68 10.42 -4.27 -45.41
N ALA B 69 11.62 -4.08 -45.94
CA ALA B 69 12.55 -5.19 -46.19
C ALA B 69 12.84 -6.00 -44.93
N GLN B 70 13.37 -5.33 -43.92
CA GLN B 70 13.72 -6.01 -42.67
C GLN B 70 12.53 -6.66 -41.96
N ALA B 71 11.36 -6.06 -42.06
CA ALA B 71 10.16 -6.60 -41.44
C ALA B 71 9.73 -7.91 -42.11
N ALA B 72 9.83 -7.94 -43.44
CA ALA B 72 9.47 -9.12 -44.21
C ALA B 72 10.58 -10.17 -44.10
N ALA B 73 11.77 -9.73 -43.71
CA ALA B 73 12.92 -10.62 -43.55
C ALA B 73 12.97 -11.17 -42.13
N GLY B 74 11.93 -10.88 -41.36
CA GLY B 74 11.86 -11.36 -39.99
C GLY B 74 13.04 -10.95 -39.11
N THR B 75 13.68 -9.83 -39.43
CA THR B 75 14.81 -9.36 -38.64
C THR B 75 14.45 -8.21 -37.71
N VAL B 76 13.21 -7.73 -37.80
CA VAL B 76 12.71 -6.65 -36.95
C VAL B 76 11.24 -6.92 -36.59
N ASN B 77 10.80 -6.39 -35.45
CA ASN B 77 9.43 -6.59 -35.02
C ASN B 77 8.50 -5.60 -35.70
N ILE B 78 8.95 -4.35 -35.82
CA ILE B 78 8.14 -3.32 -36.46
C ILE B 78 8.86 -2.61 -37.59
N GLY B 79 8.29 -2.66 -38.78
CA GLY B 79 8.88 -1.99 -39.93
C GLY B 79 8.10 -0.71 -40.19
N ALA B 80 8.68 0.43 -39.83
CA ALA B 80 8.03 1.72 -40.04
C ALA B 80 7.96 2.08 -41.52
N SER B 81 6.79 2.57 -41.95
CA SER B 81 6.62 2.94 -43.35
C SER B 81 5.53 4.00 -43.56
N ASP B 82 5.70 4.79 -44.62
CA ASP B 82 4.72 5.82 -44.96
C ASP B 82 3.95 5.31 -46.16
N ALA B 83 4.52 4.31 -46.82
CA ALA B 83 3.92 3.71 -48.00
C ALA B 83 3.28 2.37 -47.63
N TYR B 84 2.15 2.06 -48.24
CA TYR B 84 1.45 0.81 -47.96
C TYR B 84 2.01 -0.32 -48.81
N LEU B 85 1.82 -1.54 -48.35
CA LEU B 85 2.29 -2.73 -49.05
C LEU B 85 1.54 -2.90 -50.38
N SER B 86 2.29 -2.91 -51.48
CA SER B 86 1.70 -3.08 -52.80
C SER B 86 1.10 -4.49 -52.87
N GLU B 87 0.10 -4.67 -53.73
CA GLU B 87 -0.53 -5.98 -53.85
C GLU B 87 0.51 -7.05 -54.16
N GLY B 88 1.68 -6.61 -54.64
CA GLY B 88 2.74 -7.54 -54.95
C GLY B 88 3.37 -8.03 -53.66
N ASP B 89 3.81 -7.09 -52.82
CA ASP B 89 4.42 -7.42 -51.54
C ASP B 89 3.51 -8.31 -50.72
N MET B 90 2.21 -8.03 -50.77
CA MET B 90 1.23 -8.80 -50.02
C MET B 90 1.18 -10.24 -50.53
N ALA B 91 1.36 -10.40 -51.84
CA ALA B 91 1.32 -11.72 -52.45
C ALA B 91 2.61 -12.50 -52.19
N ALA B 92 3.73 -11.81 -52.34
CA ALA B 92 5.05 -12.42 -52.12
C ALA B 92 5.28 -12.74 -50.65
N HIS B 93 4.73 -11.93 -49.77
CA HIS B 93 4.89 -12.14 -48.34
C HIS B 93 3.54 -12.33 -47.67
N LYS B 94 3.13 -13.59 -47.57
CA LYS B 94 1.86 -13.92 -46.96
C LYS B 94 1.95 -13.87 -45.44
N GLY B 95 1.08 -13.07 -44.83
CA GLY B 95 1.09 -12.93 -43.39
C GLY B 95 1.55 -11.55 -42.97
N LEU B 96 2.26 -10.88 -43.87
CA LEU B 96 2.78 -9.54 -43.64
C LEU B 96 1.61 -8.54 -43.77
N MET B 97 1.49 -7.60 -42.82
CA MET B 97 0.40 -6.64 -42.87
C MET B 97 0.78 -5.22 -42.47
N ASN B 98 0.11 -4.23 -43.07
CA ASN B 98 0.36 -2.84 -42.73
C ASN B 98 -0.77 -2.28 -41.86
N ILE B 99 -0.46 -1.98 -40.60
CA ILE B 99 -1.47 -1.43 -39.70
C ILE B 99 -1.22 0.04 -39.41
N ALA B 100 -2.09 0.89 -39.96
CA ALA B 100 -1.96 2.35 -39.78
C ALA B 100 -1.78 2.72 -38.32
N LEU B 101 -1.05 3.79 -38.05
CA LEU B 101 -0.79 4.23 -36.69
C LEU B 101 -1.15 5.69 -36.43
N ALA B 102 -1.04 6.53 -37.45
CA ALA B 102 -1.36 7.95 -37.31
C ALA B 102 -1.44 8.62 -38.66
N ILE B 103 -1.69 9.92 -38.66
CA ILE B 103 -1.78 10.70 -39.89
C ILE B 103 -0.65 11.72 -39.97
N SER B 104 0.18 11.62 -41.01
CA SER B 104 1.28 12.56 -41.19
C SER B 104 1.10 13.29 -42.52
N ALA B 105 2.05 14.17 -42.84
CA ALA B 105 1.99 14.92 -44.08
C ALA B 105 3.40 15.23 -44.56
N GLN B 106 3.49 15.70 -45.81
CA GLN B 106 4.77 16.05 -46.40
C GLN B 106 4.66 17.42 -47.03
N GLN B 107 5.70 18.23 -46.85
CA GLN B 107 5.70 19.57 -47.45
C GLN B 107 6.90 19.70 -48.37
N VAL B 108 6.87 20.72 -49.22
CA VAL B 108 7.95 20.97 -50.15
C VAL B 108 8.69 22.22 -49.67
N ASN B 109 9.91 22.04 -49.17
CA ASN B 109 10.72 23.16 -48.70
C ASN B 109 11.68 23.56 -49.81
N TYR B 110 12.09 24.82 -49.84
CA TYR B 110 13.03 25.30 -50.84
C TYR B 110 13.97 26.33 -50.25
N ASN B 111 15.12 26.54 -50.90
CA ASN B 111 16.11 27.49 -50.40
C ASN B 111 16.22 28.71 -51.30
N LEU B 112 15.44 29.74 -50.99
CA LEU B 112 15.47 30.97 -51.76
C LEU B 112 15.62 32.15 -50.81
N PRO B 113 16.85 32.49 -50.43
CA PRO B 113 17.05 33.62 -49.51
C PRO B 113 16.41 34.86 -50.10
N GLY B 114 15.64 35.57 -49.27
CA GLY B 114 14.97 36.77 -49.76
C GLY B 114 13.47 36.56 -49.87
N VAL B 115 13.06 35.60 -50.69
CA VAL B 115 11.64 35.30 -50.88
C VAL B 115 10.97 35.05 -49.54
N SER B 116 10.33 36.09 -48.99
CA SER B 116 9.65 36.01 -47.70
C SER B 116 8.38 35.19 -47.79
N GLU B 117 7.66 35.37 -48.88
CA GLU B 117 6.40 34.69 -49.12
C GLU B 117 6.58 33.18 -49.25
N HIS B 118 5.48 32.47 -49.06
CA HIS B 118 5.46 31.03 -49.19
C HIS B 118 5.08 30.80 -50.65
N LEU B 119 6.01 30.28 -51.43
CA LEU B 119 5.74 30.05 -52.85
C LEU B 119 4.66 29.02 -53.13
N LYS B 120 3.69 29.41 -53.95
CA LYS B 120 2.61 28.51 -54.31
C LYS B 120 3.04 27.64 -55.50
N LEU B 121 2.80 26.34 -55.39
CA LEU B 121 3.17 25.40 -56.44
C LEU B 121 2.14 24.27 -56.50
N ASN B 122 2.27 23.43 -57.51
CA ASN B 122 1.38 22.28 -57.67
C ASN B 122 2.17 21.17 -58.34
N GLY B 123 1.58 19.98 -58.42
CA GLY B 123 2.27 18.86 -59.02
C GLY B 123 2.76 19.11 -60.44
N LYS B 124 2.00 19.87 -61.22
CA LYS B 124 2.35 20.16 -62.60
C LYS B 124 3.70 20.88 -62.68
N VAL B 125 3.89 21.91 -61.85
CA VAL B 125 5.14 22.66 -61.86
C VAL B 125 6.30 21.86 -61.28
N LEU B 126 6.05 21.19 -60.16
CA LEU B 126 7.09 20.39 -59.51
C LEU B 126 7.53 19.25 -60.43
N ALA B 127 6.58 18.74 -61.21
CA ALA B 127 6.88 17.66 -62.15
C ALA B 127 7.81 18.17 -63.25
N ALA B 128 7.68 19.45 -63.59
CA ALA B 128 8.50 20.06 -64.62
C ALA B 128 9.87 20.50 -64.07
N MET B 129 9.95 20.62 -62.75
CA MET B 129 11.21 21.01 -62.11
C MET B 129 12.08 19.77 -61.92
N TYR B 130 11.45 18.61 -61.89
CA TYR B 130 12.17 17.35 -61.72
C TYR B 130 12.50 16.71 -63.06
N GLN B 131 11.88 17.21 -64.14
CA GLN B 131 12.12 16.69 -65.47
C GLN B 131 13.09 17.56 -66.27
N GLY B 132 13.48 18.69 -65.67
CA GLY B 132 14.41 19.58 -66.34
C GLY B 132 13.84 20.67 -67.23
N THR B 133 12.53 20.67 -67.44
CA THR B 133 11.89 21.68 -68.28
C THR B 133 12.01 23.08 -67.65
N ILE B 134 11.73 23.17 -66.35
CA ILE B 134 11.85 24.45 -65.65
C ILE B 134 13.23 24.46 -65.01
N LYS B 135 14.10 25.31 -65.55
CA LYS B 135 15.49 25.41 -65.09
C LYS B 135 15.75 26.50 -64.04
N THR B 136 14.97 27.57 -64.09
CA THR B 136 15.16 28.69 -63.16
C THR B 136 13.92 29.00 -62.32
N TRP B 137 14.16 29.53 -61.12
CA TRP B 137 13.07 29.86 -60.20
C TRP B 137 12.17 31.01 -60.66
N ASP B 138 12.57 31.68 -61.74
CA ASP B 138 11.77 32.77 -62.28
C ASP B 138 11.07 32.31 -63.56
N ASP B 139 10.81 31.00 -63.65
CA ASP B 139 10.13 30.46 -64.82
C ASP B 139 8.70 30.98 -64.91
N PRO B 140 8.22 31.25 -66.13
CA PRO B 140 6.87 31.75 -66.37
C PRO B 140 5.78 30.94 -65.67
N GLN B 141 5.92 29.63 -65.67
CA GLN B 141 4.94 28.75 -65.05
C GLN B 141 4.85 28.92 -63.54
N ILE B 142 5.91 29.44 -62.94
CA ILE B 142 5.93 29.67 -61.50
C ILE B 142 5.37 31.06 -61.26
N ALA B 143 5.91 32.04 -61.98
CA ALA B 143 5.48 33.43 -61.85
C ALA B 143 3.97 33.52 -62.11
N ALA B 144 3.46 32.63 -62.95
CA ALA B 144 2.04 32.62 -63.28
C ALA B 144 1.20 32.24 -62.07
N LEU B 145 1.85 31.64 -61.07
CA LEU B 145 1.17 31.21 -59.84
C LEU B 145 1.46 32.15 -58.67
N ASN B 146 2.48 32.99 -58.81
CA ASN B 146 2.84 33.91 -57.74
C ASN B 146 3.00 35.36 -58.21
N PRO B 147 1.88 36.00 -58.59
CA PRO B 147 1.86 37.38 -59.07
C PRO B 147 2.42 38.39 -58.08
N GLY B 148 3.29 39.27 -58.58
CA GLY B 148 3.89 40.30 -57.75
C GLY B 148 4.70 39.76 -56.59
N VAL B 149 5.89 39.25 -56.90
CA VAL B 149 6.77 38.70 -55.87
C VAL B 149 8.24 39.01 -56.16
N ASN B 150 8.61 39.00 -57.43
CA ASN B 150 9.99 39.26 -57.84
C ASN B 150 10.83 38.02 -57.53
N LEU B 151 10.66 37.00 -58.35
CA LEU B 151 11.38 35.74 -58.20
C LEU B 151 12.79 35.87 -58.76
N PRO B 152 13.79 35.33 -58.04
CA PRO B 152 15.19 35.38 -58.48
C PRO B 152 15.46 34.40 -59.62
N GLY B 153 16.45 34.71 -60.45
CA GLY B 153 16.79 33.85 -61.57
C GLY B 153 17.66 32.68 -61.17
N THR B 154 17.64 32.35 -59.88
CA THR B 154 18.43 31.24 -59.36
C THR B 154 18.02 29.94 -60.02
N ALA B 155 18.98 29.03 -60.17
CA ALA B 155 18.72 27.74 -60.80
C ALA B 155 18.02 26.77 -59.86
N VAL B 156 17.20 25.90 -60.42
CA VAL B 156 16.48 24.90 -59.64
C VAL B 156 17.34 23.66 -59.46
N VAL B 157 17.46 23.20 -58.22
CA VAL B 157 18.23 21.99 -57.93
C VAL B 157 17.29 20.97 -57.29
N PRO B 158 16.67 20.13 -58.12
CA PRO B 158 15.73 19.11 -57.64
C PRO B 158 16.42 17.97 -56.88
N LEU B 159 16.37 18.03 -55.56
CA LEU B 159 16.98 17.00 -54.73
C LEU B 159 16.00 15.86 -54.51
N HIS B 160 16.53 14.66 -54.33
CA HIS B 160 15.70 13.49 -54.10
C HIS B 160 16.37 12.51 -53.14
N ARG B 161 15.59 11.60 -52.59
CA ARG B 161 16.10 10.62 -51.64
C ARG B 161 17.00 9.59 -52.35
N SER B 162 17.97 9.05 -51.61
CA SER B 162 18.89 8.07 -52.17
C SER B 162 18.60 6.66 -51.64
N ASP B 163 17.70 6.57 -50.67
CA ASP B 163 17.33 5.29 -50.05
C ASP B 163 15.87 4.96 -50.30
N GLY B 164 15.40 3.89 -49.68
CA GLY B 164 14.00 3.52 -49.83
C GLY B 164 13.29 4.60 -49.04
N SER B 165 12.45 5.39 -49.71
CA SER B 165 11.77 6.49 -49.04
C SER B 165 10.25 6.51 -49.14
N GLY B 166 9.60 6.62 -47.99
CA GLY B 166 8.15 6.70 -47.96
C GLY B 166 7.80 8.09 -48.42
N ASP B 167 8.77 8.99 -48.30
CA ASP B 167 8.60 10.38 -48.72
C ASP B 167 8.65 10.45 -50.24
N THR B 168 9.42 9.55 -50.86
CA THR B 168 9.52 9.49 -52.31
C THR B 168 8.20 8.97 -52.86
N PHE B 169 7.67 7.94 -52.20
CA PHE B 169 6.41 7.32 -52.59
C PHE B 169 5.28 8.36 -52.58
N LEU B 170 5.17 9.09 -51.47
CA LEU B 170 4.14 10.11 -51.33
C LEU B 170 4.25 11.17 -52.43
N PHE B 171 5.41 11.81 -52.50
CA PHE B 171 5.65 12.86 -53.49
C PHE B 171 5.39 12.43 -54.93
N THR B 172 5.95 11.29 -55.34
CA THR B 172 5.76 10.83 -56.70
C THR B 172 4.29 10.60 -57.03
N GLN B 173 3.54 10.01 -56.10
CA GLN B 173 2.11 9.79 -56.34
C GLN B 173 1.44 11.14 -56.63
N TYR B 174 1.80 12.15 -55.84
CA TYR B 174 1.26 13.49 -56.00
C TYR B 174 1.62 14.00 -57.40
N LEU B 175 2.87 13.82 -57.78
CA LEU B 175 3.35 14.24 -59.08
C LEU B 175 2.64 13.42 -60.17
N SER B 176 2.19 12.23 -59.80
CA SER B 176 1.49 11.36 -60.74
C SER B 176 0.00 11.66 -60.84
N LYS B 177 -0.63 12.03 -59.73
CA LYS B 177 -2.06 12.33 -59.75
C LYS B 177 -2.34 13.66 -60.46
N GLN B 178 -1.38 14.58 -60.41
CA GLN B 178 -1.58 15.89 -61.04
C GLN B 178 -0.93 15.99 -62.41
N ASP B 179 -0.24 14.93 -62.83
CA ASP B 179 0.42 14.89 -64.13
C ASP B 179 0.30 13.46 -64.68
N PRO B 180 -0.93 12.97 -64.85
CA PRO B 180 -1.23 11.63 -65.36
C PRO B 180 -0.57 11.32 -66.70
N GLU B 181 -0.71 12.23 -67.66
CA GLU B 181 -0.12 12.02 -68.98
C GLU B 181 1.37 12.27 -69.03
N GLY B 182 1.92 12.79 -67.94
CA GLY B 182 3.34 13.05 -67.89
C GLY B 182 4.03 12.14 -66.91
N TRP B 183 4.36 12.69 -65.74
CA TRP B 183 5.04 11.93 -64.70
C TRP B 183 4.35 10.59 -64.42
N GLY B 184 3.04 10.56 -64.63
CA GLY B 184 2.28 9.33 -64.39
C GLY B 184 2.79 8.13 -65.17
N LYS B 185 2.96 8.28 -66.48
CA LYS B 185 3.43 7.19 -67.33
C LYS B 185 4.89 6.83 -67.07
N SER B 186 5.65 7.80 -66.58
CA SER B 186 7.07 7.60 -66.30
C SER B 186 7.65 8.88 -65.69
N PRO B 187 8.45 8.74 -64.63
CA PRO B 187 8.85 7.48 -63.98
C PRO B 187 7.79 6.82 -63.10
N GLY B 188 6.68 7.51 -62.86
CA GLY B 188 5.64 6.93 -62.02
C GLY B 188 5.88 7.19 -60.55
N PHE B 189 5.37 6.32 -59.68
CA PHE B 189 5.56 6.50 -58.26
C PHE B 189 6.18 5.28 -57.58
N GLY B 190 6.65 5.47 -56.35
CA GLY B 190 7.27 4.38 -55.60
C GLY B 190 8.23 4.83 -54.51
N THR B 191 8.71 3.89 -53.71
CA THR B 191 9.66 4.20 -52.64
C THR B 191 11.04 4.38 -53.25
N THR B 192 11.24 3.75 -54.40
CA THR B 192 12.50 3.83 -55.14
C THR B 192 12.11 4.19 -56.57
N VAL B 193 12.45 5.40 -56.99
CA VAL B 193 12.10 5.84 -58.33
C VAL B 193 13.28 6.40 -59.10
N ASP B 194 13.35 6.07 -60.38
CA ASP B 194 14.43 6.56 -61.23
C ASP B 194 14.13 8.00 -61.63
N PHE B 195 14.68 8.93 -60.88
CA PHE B 195 14.46 10.35 -61.13
C PHE B 195 15.19 10.82 -62.38
N PRO B 196 14.47 11.53 -63.28
CA PRO B 196 15.04 12.05 -64.52
C PRO B 196 16.45 12.60 -64.32
N ALA B 197 17.42 12.00 -65.00
CA ALA B 197 18.80 12.43 -64.89
C ALA B 197 19.01 13.83 -65.46
N VAL B 198 18.51 14.82 -64.74
CA VAL B 198 18.63 16.22 -65.15
C VAL B 198 19.62 16.93 -64.23
N PRO B 199 20.07 18.13 -64.63
CA PRO B 199 21.04 18.88 -63.81
C PRO B 199 20.55 19.17 -62.40
N GLY B 200 21.32 18.73 -61.40
CA GLY B 200 20.95 18.96 -60.02
C GLY B 200 20.15 17.84 -59.36
N ALA B 201 19.86 16.79 -60.12
CA ALA B 201 19.11 15.65 -59.58
C ALA B 201 20.03 14.84 -58.67
N LEU B 202 20.27 15.39 -57.48
CA LEU B 202 21.15 14.78 -56.49
C LEU B 202 20.36 14.04 -55.40
N GLY B 203 20.84 12.85 -55.04
CA GLY B 203 20.17 12.06 -54.02
C GLY B 203 20.64 12.39 -52.62
N GLU B 204 19.76 12.21 -51.64
CA GLU B 204 20.07 12.50 -50.24
C GLU B 204 19.59 11.35 -49.37
N ASN B 205 20.18 11.19 -48.18
CA ASN B 205 19.76 10.13 -47.28
C ASN B 205 19.00 10.64 -46.06
N GLY B 206 17.81 10.07 -45.84
CA GLY B 206 17.00 10.48 -44.70
C GLY B 206 16.44 11.87 -44.86
N ASN B 207 15.41 12.19 -44.10
CA ASN B 207 14.82 13.52 -44.18
C ASN B 207 15.92 14.50 -43.78
N GLY B 208 16.63 14.18 -42.70
CA GLY B 208 17.70 15.05 -42.25
C GLY B 208 18.66 15.39 -43.38
N GLY B 209 18.91 14.42 -44.24
CA GLY B 209 19.81 14.63 -45.37
C GLY B 209 19.22 15.61 -46.37
N MET B 210 17.90 15.54 -46.54
CA MET B 210 17.22 16.44 -47.46
C MET B 210 17.24 17.88 -46.92
N VAL B 211 17.12 18.00 -45.60
CA VAL B 211 17.13 19.30 -44.94
C VAL B 211 18.51 19.96 -45.06
N THR B 212 19.55 19.21 -44.73
CA THR B 212 20.92 19.71 -44.83
C THR B 212 21.26 20.11 -46.26
N GLY B 213 21.14 19.16 -47.18
CA GLY B 213 21.45 19.43 -48.58
C GLY B 213 20.65 20.55 -49.23
N CYS B 214 19.48 20.85 -48.67
CA CYS B 214 18.63 21.90 -49.23
C CYS B 214 19.12 23.27 -48.78
N ALA B 215 19.52 23.37 -47.51
CA ALA B 215 20.03 24.62 -46.97
C ALA B 215 21.46 24.78 -47.45
N GLU B 216 22.02 23.69 -47.95
CA GLU B 216 23.38 23.65 -48.48
C GLU B 216 23.61 24.78 -49.49
N THR B 217 22.79 24.81 -50.55
CA THR B 217 22.94 25.84 -51.56
C THR B 217 21.60 26.39 -52.07
N PRO B 218 21.56 27.69 -52.38
CA PRO B 218 20.36 28.39 -52.87
C PRO B 218 19.78 27.74 -54.12
N GLY B 219 18.46 27.75 -54.24
CA GLY B 219 17.80 27.19 -55.41
C GLY B 219 17.43 25.72 -55.33
N CYS B 220 17.74 25.08 -54.22
CA CYS B 220 17.42 23.66 -54.05
C CYS B 220 15.95 23.41 -53.70
N VAL B 221 15.41 22.32 -54.22
CA VAL B 221 14.03 21.93 -53.97
C VAL B 221 14.09 20.58 -53.25
N ALA B 222 13.10 20.27 -52.42
CA ALA B 222 13.09 19.01 -51.71
C ALA B 222 11.80 18.68 -50.98
N TYR B 223 11.43 17.41 -51.00
CA TYR B 223 10.23 16.95 -50.31
C TYR B 223 10.66 16.45 -48.95
N ILE B 224 10.07 17.00 -47.89
CA ILE B 224 10.44 16.62 -46.54
C ILE B 224 9.25 16.19 -45.68
N GLY B 225 9.48 15.19 -44.84
CA GLY B 225 8.42 14.70 -43.96
C GLY B 225 8.08 15.81 -42.99
N ILE B 226 6.78 16.03 -42.77
CA ILE B 226 6.33 17.10 -41.89
C ILE B 226 6.97 17.09 -40.50
N SER B 227 7.40 15.92 -40.03
CA SER B 227 8.02 15.82 -38.72
C SER B 227 9.40 16.47 -38.69
N PHE B 228 9.82 17.05 -39.82
CA PHE B 228 11.11 17.73 -39.90
C PHE B 228 10.89 19.19 -40.33
N LEU B 229 9.65 19.64 -40.27
CA LEU B 229 9.30 21.00 -40.66
C LEU B 229 10.00 22.04 -39.79
N ASP B 230 9.99 21.84 -38.48
CA ASP B 230 10.64 22.77 -37.58
C ASP B 230 12.10 22.92 -37.93
N GLN B 231 12.77 21.80 -38.17
CA GLN B 231 14.19 21.83 -38.51
C GLN B 231 14.45 22.49 -39.85
N ALA B 232 13.52 22.35 -40.79
CA ALA B 232 13.67 22.97 -42.10
C ALA B 232 13.62 24.49 -41.95
N SER B 233 12.65 24.98 -41.19
CA SER B 233 12.51 26.42 -40.96
C SER B 233 13.76 26.98 -40.30
N GLN B 234 14.26 26.25 -39.31
CA GLN B 234 15.45 26.66 -38.57
C GLN B 234 16.64 26.79 -39.51
N ARG B 235 16.62 26.02 -40.59
CA ARG B 235 17.68 26.07 -41.58
C ARG B 235 17.44 27.25 -42.51
N GLY B 236 16.43 28.04 -42.17
CA GLY B 236 16.09 29.19 -42.98
C GLY B 236 15.46 28.79 -44.30
N LEU B 237 14.95 27.56 -44.39
CA LEU B 237 14.32 27.07 -45.61
C LEU B 237 12.88 27.57 -45.72
N GLY B 238 12.44 27.79 -46.96
CA GLY B 238 11.08 28.26 -47.19
C GLY B 238 10.08 27.12 -47.30
N GLU B 239 8.80 27.44 -47.13
CA GLU B 239 7.76 26.43 -47.22
C GLU B 239 6.85 26.80 -48.38
N ALA B 240 6.44 25.79 -49.14
CA ALA B 240 5.57 26.03 -50.28
C ALA B 240 4.12 25.69 -50.00
N GLN B 241 3.23 26.48 -50.60
CA GLN B 241 1.80 26.25 -50.48
C GLN B 241 1.52 25.40 -51.72
N LEU B 242 0.95 24.21 -51.53
CA LEU B 242 0.67 23.34 -52.66
C LEU B 242 -0.79 23.39 -53.10
N GLY B 243 -1.02 23.22 -54.40
CA GLY B 243 -2.37 23.27 -54.93
C GLY B 243 -3.07 21.92 -55.01
N ASN B 244 -4.29 21.87 -54.47
CA ASN B 244 -5.07 20.64 -54.47
C ASN B 244 -5.96 20.63 -55.72
N SER B 245 -6.66 19.52 -55.93
CA SER B 245 -7.53 19.36 -57.09
C SER B 245 -8.72 20.32 -57.15
N SER B 246 -8.98 21.02 -56.04
CA SER B 246 -10.08 21.97 -55.97
C SER B 246 -9.69 23.37 -56.43
N GLY B 247 -8.39 23.65 -56.49
CA GLY B 247 -7.96 24.97 -56.92
C GLY B 247 -7.35 25.79 -55.80
N ASN B 248 -7.37 25.25 -54.59
CA ASN B 248 -6.81 25.94 -53.44
C ASN B 248 -5.34 25.56 -53.25
N PHE B 249 -4.59 26.45 -52.61
CA PHE B 249 -3.18 26.20 -52.33
C PHE B 249 -3.05 26.29 -50.81
N LEU B 250 -2.72 25.16 -50.18
CA LEU B 250 -2.62 25.12 -48.72
C LEU B 250 -1.29 24.69 -48.13
N LEU B 251 -1.06 25.15 -46.90
CA LEU B 251 0.14 24.82 -46.14
C LEU B 251 -0.22 23.57 -45.37
N PRO B 252 0.77 22.73 -45.06
CA PRO B 252 0.48 21.50 -44.31
C PRO B 252 0.31 21.77 -42.82
N ASP B 253 -0.89 22.16 -42.41
CA ASP B 253 -1.16 22.42 -40.99
C ASP B 253 -2.30 21.56 -40.47
N ALA B 254 -2.55 21.65 -39.16
CA ALA B 254 -3.58 20.88 -38.49
C ALA B 254 -4.96 20.96 -39.14
N GLN B 255 -5.33 22.14 -39.63
CA GLN B 255 -6.64 22.31 -40.25
C GLN B 255 -6.76 21.65 -41.63
N SER B 256 -5.80 21.95 -42.50
CA SER B 256 -5.79 21.41 -43.85
C SER B 256 -5.64 19.90 -43.88
N ILE B 257 -4.99 19.35 -42.87
CA ILE B 257 -4.78 17.92 -42.78
C ILE B 257 -6.04 17.24 -42.29
N GLN B 258 -6.70 17.86 -41.31
CA GLN B 258 -7.94 17.32 -40.78
C GLN B 258 -9.03 17.36 -41.84
N ALA B 259 -8.96 18.36 -42.72
CA ALA B 259 -9.94 18.50 -43.79
C ALA B 259 -9.63 17.52 -44.90
N ALA B 260 -8.36 17.14 -45.00
CA ALA B 260 -7.92 16.19 -46.02
C ALA B 260 -8.42 14.80 -45.63
N ALA B 261 -8.23 14.44 -44.36
CA ALA B 261 -8.64 13.14 -43.85
C ALA B 261 -10.15 12.88 -43.97
N ALA B 262 -10.94 13.95 -43.85
CA ALA B 262 -12.39 13.83 -43.94
C ALA B 262 -12.82 13.04 -45.17
N GLY B 263 -12.15 13.27 -46.29
CA GLY B 263 -12.50 12.57 -47.51
C GLY B 263 -12.26 11.07 -47.46
N PHE B 264 -11.36 10.62 -46.58
CA PHE B 264 -11.06 9.19 -46.50
C PHE B 264 -11.36 8.57 -45.15
N ALA B 265 -11.89 9.37 -44.22
CA ALA B 265 -12.21 8.87 -42.89
C ALA B 265 -13.20 7.71 -42.92
N SER B 266 -14.04 7.67 -43.96
CA SER B 266 -15.04 6.61 -44.10
C SER B 266 -14.76 5.72 -45.31
N LYS B 267 -13.69 6.03 -46.04
CA LYS B 267 -13.34 5.26 -47.23
C LYS B 267 -12.00 4.53 -47.13
N THR B 268 -11.76 3.85 -46.02
CA THR B 268 -10.51 3.12 -45.87
C THR B 268 -10.76 1.61 -45.84
N PRO B 269 -10.10 0.87 -46.75
CA PRO B 269 -10.23 -0.58 -46.86
C PRO B 269 -9.77 -1.30 -45.58
N ALA B 270 -10.15 -2.56 -45.44
CA ALA B 270 -9.79 -3.35 -44.27
C ALA B 270 -8.28 -3.56 -44.14
N ASN B 271 -7.60 -3.68 -45.27
CA ASN B 271 -6.15 -3.87 -45.24
C ASN B 271 -5.47 -2.51 -45.11
N GLN B 272 -6.30 -1.48 -44.94
CA GLN B 272 -5.82 -0.11 -44.77
C GLN B 272 -4.93 0.42 -45.89
N ALA B 273 -4.77 -0.35 -46.96
CA ALA B 273 -3.94 0.08 -48.08
C ALA B 273 -4.71 1.10 -48.92
N ILE B 274 -4.55 2.38 -48.59
CA ILE B 274 -5.27 3.42 -49.30
C ILE B 274 -4.44 4.70 -49.45
N SER B 275 -4.48 5.27 -50.65
CA SER B 275 -3.75 6.49 -50.91
C SER B 275 -4.62 7.70 -50.59
N MET B 276 -4.06 8.68 -49.90
CA MET B 276 -4.81 9.88 -49.55
C MET B 276 -4.04 11.11 -50.06
N ILE B 277 -3.67 11.07 -51.34
CA ILE B 277 -2.92 12.16 -51.96
C ILE B 277 -3.83 12.88 -52.94
N ASP B 278 -3.86 14.22 -52.87
CA ASP B 278 -4.65 15.03 -53.77
C ASP B 278 -6.13 14.68 -53.68
N GLY B 279 -6.65 14.66 -52.46
CA GLY B 279 -8.05 14.32 -52.24
C GLY B 279 -9.03 15.36 -52.75
N PRO B 280 -10.34 15.04 -52.74
CA PRO B 280 -11.42 15.92 -53.19
C PRO B 280 -11.81 17.04 -52.22
N ALA B 281 -11.21 17.06 -51.04
CA ALA B 281 -11.51 18.08 -50.04
C ALA B 281 -11.05 19.47 -50.52
N PRO B 282 -11.98 20.45 -50.52
CA PRO B 282 -11.70 21.84 -50.95
C PRO B 282 -10.59 22.49 -50.12
N ASP B 283 -10.68 22.32 -48.80
CA ASP B 283 -9.72 22.89 -47.86
C ASP B 283 -8.72 21.82 -47.39
N GLY B 284 -8.58 20.76 -48.17
CA GLY B 284 -7.68 19.68 -47.78
C GLY B 284 -6.30 19.70 -48.40
N TYR B 285 -5.29 19.46 -47.58
CA TYR B 285 -3.92 19.42 -48.04
C TYR B 285 -3.77 18.18 -48.92
N PRO B 286 -3.07 18.31 -50.05
CA PRO B 286 -2.90 17.18 -50.96
C PRO B 286 -1.94 16.08 -50.52
N ILE B 287 -0.98 16.43 -49.67
CA ILE B 287 0.01 15.44 -49.23
C ILE B 287 -0.08 14.92 -47.80
N ILE B 288 -1.02 14.03 -47.53
CA ILE B 288 -1.11 13.44 -46.20
C ILE B 288 -1.03 11.93 -46.37
N ASN B 289 -0.86 11.22 -45.27
CA ASN B 289 -0.75 9.77 -45.35
C ASN B 289 -0.93 9.12 -43.98
N TYR B 290 -1.14 7.81 -44.00
CA TYR B 290 -1.27 7.02 -42.78
C TYR B 290 0.14 6.50 -42.49
N GLU B 291 0.59 6.65 -41.25
CA GLU B 291 1.89 6.11 -40.88
C GLU B 291 1.59 4.64 -40.65
N TYR B 292 2.42 3.77 -41.20
CA TYR B 292 2.20 2.33 -41.08
C TYR B 292 3.22 1.57 -40.26
N ALA B 293 2.75 0.49 -39.65
CA ALA B 293 3.59 -0.39 -38.88
C ALA B 293 3.57 -1.65 -39.72
N ILE B 294 4.74 -2.15 -40.10
CA ILE B 294 4.82 -3.37 -40.90
C ILE B 294 5.19 -4.53 -39.98
N VAL B 295 4.23 -5.42 -39.73
CA VAL B 295 4.45 -6.57 -38.87
C VAL B 295 3.91 -7.86 -39.48
N ASN B 296 4.50 -8.99 -39.11
CA ASN B 296 4.09 -10.28 -39.64
C ASN B 296 2.96 -10.88 -38.80
N ASN B 297 2.21 -11.79 -39.42
CA ASN B 297 1.08 -12.45 -38.77
C ASN B 297 1.50 -13.24 -37.53
N ARG B 298 2.67 -13.87 -37.58
CA ARG B 298 3.15 -14.66 -36.45
C ARG B 298 4.52 -14.22 -35.94
N GLN B 299 4.72 -14.35 -34.62
CA GLN B 299 5.98 -13.97 -34.00
C GLN B 299 6.69 -15.19 -33.40
N LYS B 300 7.83 -14.94 -32.76
CA LYS B 300 8.63 -16.00 -32.15
C LYS B 300 7.87 -16.76 -31.08
N ASP B 301 7.79 -16.19 -29.88
CA ASP B 301 7.09 -16.82 -28.78
C ASP B 301 5.78 -16.12 -28.48
N ALA B 302 4.93 -16.75 -27.67
CA ALA B 302 3.65 -16.17 -27.30
C ALA B 302 3.83 -14.82 -26.63
N ALA B 303 4.90 -14.70 -25.84
CA ALA B 303 5.20 -13.46 -25.13
C ALA B 303 5.29 -12.27 -26.09
N THR B 304 6.26 -12.33 -27.00
CA THR B 304 6.47 -11.27 -27.97
C THR B 304 5.16 -10.83 -28.64
N ALA B 305 4.45 -11.80 -29.22
CA ALA B 305 3.19 -11.52 -29.89
C ALA B 305 2.27 -10.69 -29.01
N GLN B 306 2.10 -11.11 -27.76
CA GLN B 306 1.24 -10.39 -26.82
C GLN B 306 1.77 -9.00 -26.52
N THR B 307 3.06 -8.92 -26.22
CA THR B 307 3.70 -7.64 -25.91
C THR B 307 3.65 -6.70 -27.10
N LEU B 308 3.67 -7.26 -28.30
CA LEU B 308 3.63 -6.47 -29.52
C LEU B 308 2.24 -5.85 -29.68
N GLN B 309 1.22 -6.66 -29.47
CA GLN B 309 -0.16 -6.20 -29.57
C GLN B 309 -0.41 -5.10 -28.53
N ALA B 310 0.18 -5.27 -27.35
CA ALA B 310 0.02 -4.31 -26.27
C ALA B 310 0.56 -2.95 -26.69
N PHE B 311 1.73 -2.94 -27.32
CA PHE B 311 2.32 -1.69 -27.74
C PHE B 311 1.54 -1.04 -28.88
N LEU B 312 1.31 -1.80 -29.95
CA LEU B 312 0.58 -1.27 -31.09
C LEU B 312 -0.78 -0.68 -30.68
N HIS B 313 -1.53 -1.41 -29.86
CA HIS B 313 -2.83 -0.92 -29.40
C HIS B 313 -2.65 0.36 -28.58
N TRP B 314 -1.60 0.38 -27.76
CA TRP B 314 -1.30 1.55 -26.95
C TRP B 314 -0.99 2.74 -27.85
N ALA B 315 -0.13 2.51 -28.83
CA ALA B 315 0.28 3.54 -29.77
C ALA B 315 -0.89 4.25 -30.44
N ILE B 316 -1.94 3.50 -30.79
CA ILE B 316 -3.08 4.12 -31.45
C ILE B 316 -4.14 4.70 -30.50
N THR B 317 -4.01 4.41 -29.21
CA THR B 317 -4.97 4.95 -28.24
C THR B 317 -4.27 6.04 -27.43
N ASP B 318 -3.44 5.62 -26.49
CA ASP B 318 -2.70 6.57 -25.66
C ASP B 318 -1.66 7.32 -26.49
N GLY B 319 -1.04 6.61 -27.43
CA GLY B 319 -0.02 7.20 -28.28
C GLY B 319 -0.50 8.27 -29.24
N ASN B 320 -1.82 8.39 -29.41
CA ASN B 320 -2.36 9.40 -30.31
C ASN B 320 -2.86 10.65 -29.63
N LYS B 321 -2.65 10.75 -28.31
CA LYS B 321 -3.07 11.95 -27.59
C LYS B 321 -2.21 13.09 -28.13
N ALA B 322 -2.81 14.29 -28.20
CA ALA B 322 -2.10 15.44 -28.71
C ALA B 322 -0.73 15.71 -28.05
N SER B 323 -0.51 15.16 -26.86
CA SER B 323 0.76 15.35 -26.17
C SER B 323 1.92 14.75 -26.96
N PHE B 324 1.63 13.71 -27.74
CA PHE B 324 2.65 13.06 -28.54
C PHE B 324 2.64 13.52 -29.99
N LEU B 325 1.48 13.44 -30.62
CA LEU B 325 1.35 13.82 -32.03
C LEU B 325 1.54 15.30 -32.34
N ASP B 326 1.24 16.16 -31.38
CA ASP B 326 1.40 17.59 -31.59
C ASP B 326 2.88 17.95 -31.72
N GLN B 327 3.74 17.11 -31.15
CA GLN B 327 5.18 17.34 -31.20
C GLN B 327 5.81 17.04 -32.55
N VAL B 328 5.10 16.32 -33.41
CA VAL B 328 5.61 15.99 -34.75
C VAL B 328 4.64 16.46 -35.83
N HIS B 329 3.63 17.20 -35.41
CA HIS B 329 2.62 17.74 -36.31
C HIS B 329 1.79 16.65 -37.01
N PHE B 330 1.46 15.59 -36.27
CA PHE B 330 0.64 14.50 -36.82
C PHE B 330 -0.79 14.63 -36.32
N GLN B 331 -1.69 13.86 -36.91
CA GLN B 331 -3.10 13.86 -36.52
C GLN B 331 -3.56 12.47 -36.08
N PRO B 332 -4.53 12.41 -35.15
CA PRO B 332 -5.04 11.13 -34.66
C PRO B 332 -5.88 10.37 -35.70
N LEU B 333 -5.90 9.05 -35.56
CA LEU B 333 -6.66 8.19 -36.47
C LEU B 333 -8.15 8.32 -36.19
N PRO B 334 -8.96 8.52 -37.23
CA PRO B 334 -10.39 8.61 -36.95
C PRO B 334 -10.88 7.29 -36.35
N PRO B 335 -12.00 7.33 -35.62
CA PRO B 335 -12.60 6.16 -34.96
C PRO B 335 -12.68 4.90 -35.81
N ALA B 336 -13.35 5.01 -36.96
CA ALA B 336 -13.50 3.88 -37.86
C ALA B 336 -12.15 3.25 -38.21
N VAL B 337 -11.11 4.06 -38.25
CA VAL B 337 -9.78 3.58 -38.58
C VAL B 337 -9.14 2.86 -37.41
N VAL B 338 -9.36 3.40 -36.21
CA VAL B 338 -8.80 2.78 -35.02
C VAL B 338 -9.40 1.37 -34.89
N LYS B 339 -10.68 1.25 -35.24
CA LYS B 339 -11.36 -0.04 -35.18
C LYS B 339 -10.79 -1.02 -36.22
N LEU B 340 -10.26 -0.47 -37.31
CA LEU B 340 -9.66 -1.30 -38.36
C LEU B 340 -8.25 -1.73 -37.94
N SER B 341 -7.46 -0.76 -37.46
CA SER B 341 -6.11 -1.08 -37.03
C SER B 341 -6.16 -2.13 -35.93
N ASP B 342 -7.14 -1.98 -35.03
CA ASP B 342 -7.31 -2.92 -33.92
C ASP B 342 -7.67 -4.33 -34.38
N ALA B 343 -8.46 -4.43 -35.44
CA ALA B 343 -8.88 -5.73 -35.96
C ALA B 343 -7.68 -6.46 -36.55
N LEU B 344 -6.70 -5.71 -37.02
CA LEU B 344 -5.51 -6.30 -37.62
C LEU B 344 -4.45 -6.63 -36.58
N ILE B 345 -4.43 -5.88 -35.49
CA ILE B 345 -3.44 -6.13 -34.45
C ILE B 345 -3.79 -7.36 -33.62
N ALA B 346 -5.04 -7.77 -33.66
CA ALA B 346 -5.49 -8.94 -32.91
C ALA B 346 -5.20 -10.24 -33.66
N THR B 347 -4.85 -10.12 -34.94
CA THR B 347 -4.57 -11.30 -35.75
C THR B 347 -3.15 -11.84 -35.55
N ILE B 348 -2.36 -11.15 -34.73
CA ILE B 348 -0.99 -11.58 -34.47
C ILE B 348 -0.95 -12.69 -33.44
N SER B 349 0.04 -13.57 -33.57
CA SER B 349 0.20 -14.69 -32.64
C SER B 349 1.59 -15.32 -32.81
N SER B 350 1.69 -16.62 -32.60
CA SER B 350 2.96 -17.31 -32.72
C SER B 350 2.82 -18.72 -33.29
#